data_8FM0
#
_entry.id   8FM0
#
_cell.length_a   71.796
_cell.length_b   120.888
_cell.length_c   195.163
_cell.angle_alpha   90.000
_cell.angle_beta   90.000
_cell.angle_gamma   90.000
#
_symmetry.space_group_name_H-M   'P 21 21 21'
#
loop_
_entity.id
_entity.type
_entity.pdbx_description
1 polymer 'Envelope glycoprotein gp120'
2 non-polymer 2-acetamido-2-deoxy-beta-D-glucopyranose
3 non-polymer 'methyl (2R,3S)-2-(carbamimidamidomethyl)-3-[2-(4-chloro-3-fluoroanilino)(oxo)acetamido]-6-[(methylamino)methyl]-2,3-dihydro-1H-indole-1-carboxylate'
4 water water
#
_entity_poly.entity_id   1
_entity_poly.type   'polypeptide(L)'
_entity_poly.pdbx_seq_one_letter_code
;VWKEAKTTLFCASDAKAYEKEVHNVWATHACVPTDPNPQEMVLANVTENFNMWKNDMVEQMHEDIISLWDESLKPCVKLT
GGSAITQACPKVSFDPIPLHYCAPAGFAILKCNNKTFNGTGPCRNVSTVQCTHGIKPVVSTQLLLNGSLAEEEIIIRSEN
LTNNAKTIIVHLNESVNIVCTRPNNGGSGSGGNIRQAHCNINESKWNNTLQKVGEELAKHFPSKTIKFEPSSGGDLEITT
HSFNCRGEFFYCNTSDLFNGTYRNGTYNHTGRSSNGTITLQCKIKQIINMWQEVGRAIYAPPIEGEITCNSNITGLLLLR
DGGQSNETNDTETFRPGGGDMRDNWRSELYKYKVVEIK
;
_entity_poly.pdbx_strand_id   B,A,C,D
#
# COMPACT_ATOMS: atom_id res chain seq x y z
N LYS A 6 13.85 6.79 50.54
CA LYS A 6 14.16 8.11 51.07
C LYS A 6 15.70 8.37 51.04
N THR A 7 16.48 7.29 50.93
CA THR A 7 17.95 7.32 50.93
C THR A 7 18.47 6.44 49.79
N THR A 8 19.76 6.09 49.77
CA THR A 8 20.27 5.16 48.75
C THR A 8 20.57 3.80 49.37
N LEU A 9 20.02 2.75 48.77
CA LEU A 9 20.16 1.38 49.27
C LEU A 9 21.47 0.78 48.77
N PHE A 10 21.85 -0.35 49.37
CA PHE A 10 22.91 -1.17 48.83
C PHE A 10 22.38 -2.59 48.65
N CYS A 11 23.06 -3.37 47.81
CA CYS A 11 22.59 -4.71 47.51
C CYS A 11 23.46 -5.75 48.19
N ALA A 12 22.88 -6.92 48.40
CA ALA A 12 23.56 -8.05 49.02
C ALA A 12 23.22 -9.33 48.27
N SER A 13 24.16 -10.28 48.22
CA SER A 13 23.98 -11.47 47.39
C SER A 13 24.95 -12.58 47.79
N ASP A 14 24.56 -13.83 47.55
CA ASP A 14 25.48 -14.95 47.33
C ASP A 14 26.15 -14.98 45.98
N ALA A 15 26.55 -13.88 45.39
CA ALA A 15 27.38 -14.03 44.21
C ALA A 15 28.68 -14.69 44.63
N LYS A 16 29.19 -15.56 43.78
CA LYS A 16 30.44 -16.24 44.08
C LYS A 16 31.53 -15.76 43.14
N ALA A 17 32.67 -15.41 43.76
CA ALA A 17 33.97 -15.35 43.11
C ALA A 17 33.93 -16.12 41.82
N TYR A 18 33.83 -17.44 41.99
CA TYR A 18 34.22 -18.41 40.98
C TYR A 18 33.36 -18.30 39.72
N GLU A 19 32.07 -17.97 39.84
CA GLU A 19 31.25 -17.89 38.65
C GLU A 19 31.83 -16.89 37.63
N LYS A 20 31.79 -17.25 36.33
CA LYS A 20 31.76 -16.20 35.31
C LYS A 20 30.36 -15.90 34.84
N GLU A 21 29.35 -16.55 35.41
CA GLU A 21 28.01 -16.11 35.14
C GLU A 21 27.90 -14.63 35.47
N VAL A 22 27.29 -13.88 34.57
CA VAL A 22 27.50 -12.43 34.60
C VAL A 22 26.75 -11.76 35.74
N HIS A 23 25.61 -12.30 36.19
CA HIS A 23 25.00 -11.74 37.40
C HIS A 23 25.95 -11.87 38.58
N ASN A 24 26.60 -13.03 38.72
CA ASN A 24 27.58 -13.22 39.79
C ASN A 24 28.69 -12.18 39.71
N VAL A 25 29.26 -11.98 38.53
CA VAL A 25 30.36 -11.02 38.38
C VAL A 25 29.92 -9.62 38.80
N TRP A 26 28.80 -9.18 38.22
CA TRP A 26 28.30 -7.86 38.53
C TRP A 26 28.09 -7.71 40.02
N ALA A 27 27.43 -8.70 40.63
CA ALA A 27 27.15 -8.62 42.07
C ALA A 27 28.42 -8.69 42.90
N THR A 28 29.47 -9.32 42.37
CA THR A 28 30.67 -9.49 43.17
C THR A 28 31.31 -8.14 43.40
N HIS A 29 31.35 -7.31 42.37
CA HIS A 29 31.79 -5.95 42.71
C HIS A 29 30.69 -4.91 42.80
N ALA A 30 29.41 -5.26 42.87
CA ALA A 30 28.42 -4.23 43.20
C ALA A 30 27.74 -4.42 44.54
N CYS A 31 27.75 -5.62 45.12
CA CYS A 31 26.97 -5.93 46.31
C CYS A 31 27.88 -6.45 47.42
N VAL A 32 27.36 -6.46 48.65
CA VAL A 32 28.08 -7.01 49.80
C VAL A 32 27.51 -8.41 50.04
N PRO A 33 28.18 -9.26 50.82
CA PRO A 33 27.62 -10.60 51.06
C PRO A 33 26.36 -10.53 51.90
N THR A 34 25.38 -11.37 51.53
CA THR A 34 24.25 -11.63 52.41
C THR A 34 24.68 -11.95 53.82
N ASP A 35 23.90 -11.43 54.77
CA ASP A 35 24.11 -11.68 56.18
C ASP A 35 23.45 -13.00 56.56
N PRO A 36 24.22 -13.98 57.02
CA PRO A 36 23.67 -15.32 57.23
C PRO A 36 22.61 -15.31 58.29
N ASN A 37 22.81 -14.41 59.27
CA ASN A 37 21.94 -14.13 60.41
C ASN A 37 21.08 -12.88 60.27
N PRO A 38 19.96 -12.96 59.56
CA PRO A 38 19.24 -11.69 59.33
C PRO A 38 18.36 -11.33 60.53
N GLN A 39 18.29 -10.07 60.93
CA GLN A 39 17.40 -9.71 62.00
C GLN A 39 16.12 -9.08 61.44
N GLU A 40 15.03 -9.39 62.11
CA GLU A 40 13.68 -9.02 61.71
C GLU A 40 12.92 -8.80 63.00
N MET A 41 11.96 -7.91 62.97
CA MET A 41 11.33 -7.41 64.20
C MET A 41 9.85 -7.41 63.94
N VAL A 42 9.08 -8.39 64.38
CA VAL A 42 7.64 -8.34 64.11
C VAL A 42 6.99 -7.29 64.99
N LEU A 43 5.96 -6.59 64.48
CA LEU A 43 5.22 -5.57 65.25
C LEU A 43 3.74 -5.62 64.86
N ALA A 44 3.08 -6.78 65.09
CA ALA A 44 1.78 -7.10 64.52
C ALA A 44 0.64 -6.17 64.95
N ASN A 45 0.96 -5.08 65.66
CA ASN A 45 -0.06 -4.17 66.15
C ASN A 45 -0.12 -2.84 65.40
N VAL A 46 0.90 -2.52 64.59
CA VAL A 46 1.29 -1.13 64.37
C VAL A 46 0.39 -0.44 63.35
N THR A 47 0.35 -0.96 62.11
CA THR A 47 -0.36 -0.38 60.96
C THR A 47 0.35 0.82 60.34
N GLU A 48 0.80 0.71 59.09
CA GLU A 48 1.37 1.86 58.37
C GLU A 48 0.94 1.74 56.92
N ASN A 49 1.18 2.77 56.11
CA ASN A 49 0.74 2.69 54.73
C ASN A 49 1.91 2.44 53.79
N PHE A 50 1.58 1.88 52.63
CA PHE A 50 2.52 1.55 51.57
C PHE A 50 1.91 1.96 50.23
N ASN A 51 2.76 2.17 49.23
CA ASN A 51 2.26 2.38 47.87
C ASN A 51 3.28 1.81 46.90
N MET A 52 3.02 0.58 46.45
CA MET A 52 3.95 -0.09 45.53
C MET A 52 4.13 0.66 44.23
N TRP A 53 3.22 1.55 43.87
CA TRP A 53 3.31 2.26 42.61
C TRP A 53 4.17 3.52 42.71
N LYS A 54 4.44 3.98 43.93
CA LYS A 54 5.30 5.14 44.20
C LYS A 54 6.36 4.66 45.19
N ASN A 55 7.32 3.87 44.74
CA ASN A 55 8.28 3.27 45.66
C ASN A 55 9.67 3.43 45.05
N ASP A 56 10.52 4.20 45.72
CA ASP A 56 11.82 4.52 45.16
C ASP A 56 12.84 3.38 45.32
N MET A 57 12.50 2.31 46.07
CA MET A 57 13.28 1.08 45.89
C MET A 57 13.15 0.54 44.46
N VAL A 58 11.99 0.73 43.84
CA VAL A 58 11.80 0.25 42.47
C VAL A 58 12.75 0.96 41.53
N GLU A 59 12.85 2.29 41.62
CA GLU A 59 13.75 3.02 40.73
C GLU A 59 15.20 2.66 40.99
N GLN A 60 15.56 2.50 42.27
CA GLN A 60 16.95 2.16 42.55
C GLN A 60 17.30 0.78 41.99
N MET A 61 16.42 -0.21 42.16
CA MET A 61 16.69 -1.52 41.54
C MET A 61 16.71 -1.42 40.01
N HIS A 62 15.80 -0.63 39.43
CA HIS A 62 15.77 -0.49 37.99
C HIS A 62 17.11 -0.02 37.48
N GLU A 63 17.67 0.98 38.16
CA GLU A 63 18.96 1.51 37.73
C GLU A 63 20.05 0.46 37.87
N ASP A 64 20.00 -0.32 38.98
CA ASP A 64 20.98 -1.40 39.15
C ASP A 64 20.91 -2.39 38.00
N ILE A 65 19.70 -2.82 37.63
CA ILE A 65 19.60 -3.87 36.62
C ILE A 65 20.02 -3.32 35.27
N ILE A 66 19.72 -2.05 34.99
CA ILE A 66 20.24 -1.42 33.78
C ILE A 66 21.76 -1.51 33.75
N SER A 67 22.39 -1.20 34.88
CA SER A 67 23.85 -1.28 34.95
C SER A 67 24.34 -2.71 34.73
N LEU A 68 23.68 -3.68 35.37
CA LEU A 68 24.04 -5.08 35.22
C LEU A 68 23.98 -5.49 33.76
N TRP A 69 22.91 -5.11 33.07
CA TRP A 69 22.80 -5.49 31.68
C TRP A 69 23.83 -4.77 30.80
N ASP A 70 24.13 -3.48 31.08
CA ASP A 70 25.26 -2.82 30.41
C ASP A 70 26.55 -3.62 30.49
N GLU A 71 26.92 -4.00 31.69
CA GLU A 71 28.17 -4.71 31.88
C GLU A 71 28.13 -6.15 31.41
N SER A 72 26.96 -6.76 31.30
CA SER A 72 26.88 -8.20 31.13
C SER A 72 26.42 -8.63 29.75
N LEU A 73 25.43 -7.94 29.18
CA LEU A 73 24.85 -8.33 27.90
C LEU A 73 25.08 -7.20 26.90
N LYS A 74 26.32 -6.97 26.62
CA LYS A 74 26.70 -5.96 25.66
C LYS A 74 26.26 -6.35 24.25
N PRO A 75 25.55 -5.46 23.55
CA PRO A 75 25.17 -5.75 22.17
C PRO A 75 26.30 -5.45 21.21
N CYS A 76 26.30 -6.16 20.09
CA CYS A 76 27.26 -5.86 19.04
C CYS A 76 27.04 -4.44 18.55
N VAL A 77 25.80 -4.02 18.39
CA VAL A 77 25.50 -2.66 17.98
C VAL A 77 24.39 -2.12 18.87
N LYS A 78 24.53 -0.86 19.28
CA LYS A 78 23.46 -0.18 20.00
C LYS A 78 23.06 1.05 19.21
N LEU A 79 21.83 1.05 18.72
CA LEU A 79 21.19 2.19 18.09
C LEU A 79 20.24 2.95 19.00
N THR A 80 20.59 4.21 19.26
CA THR A 80 19.72 5.19 19.91
C THR A 80 19.58 6.39 18.98
N GLY A 81 18.48 6.42 18.22
CA GLY A 81 18.21 7.52 17.32
C GLY A 81 19.09 7.51 16.08
N GLY A 82 20.10 8.37 16.06
CA GLY A 82 20.92 8.40 14.87
C GLY A 82 22.25 7.75 15.07
N SER A 83 22.58 7.58 16.35
CA SER A 83 23.91 7.18 16.78
C SER A 83 23.98 5.71 17.09
N ALA A 84 25.01 5.07 16.57
CA ALA A 84 25.21 3.65 16.70
C ALA A 84 26.52 3.42 17.43
N ILE A 85 26.47 2.67 18.53
CA ILE A 85 27.65 2.30 19.29
C ILE A 85 27.93 0.82 19.06
N THR A 86 29.15 0.50 18.62
CA THR A 86 29.63 -0.88 18.49
C THR A 86 30.66 -1.29 19.53
N GLN A 87 30.59 -2.56 19.93
CA GLN A 87 31.50 -3.13 20.91
C GLN A 87 31.42 -4.64 20.86
N ALA A 88 32.42 -5.27 21.46
CA ALA A 88 32.48 -6.73 21.47
C ALA A 88 31.25 -7.29 22.15
N CYS A 89 30.67 -8.33 21.56
CA CYS A 89 29.43 -8.93 22.07
C CYS A 89 29.59 -10.44 22.24
N PRO A 90 30.50 -10.88 23.12
CA PRO A 90 30.69 -12.32 23.30
C PRO A 90 29.44 -12.96 23.85
N LYS A 91 29.31 -14.25 23.58
CA LYS A 91 28.33 -15.07 24.27
C LYS A 91 28.78 -15.31 25.70
N VAL A 92 27.84 -15.27 26.65
CA VAL A 92 28.18 -15.31 28.06
C VAL A 92 27.30 -16.35 28.73
N SER A 93 27.65 -16.73 29.96
CA SER A 93 26.73 -17.56 30.72
C SER A 93 25.87 -16.63 31.56
N PHE A 94 24.55 -16.80 31.46
CA PHE A 94 23.59 -15.82 31.94
C PHE A 94 22.49 -16.57 32.67
N ASP A 95 22.41 -16.40 33.97
CA ASP A 95 21.39 -17.04 34.78
C ASP A 95 21.12 -16.16 35.99
N PRO A 96 19.97 -15.50 36.06
CA PRO A 96 19.76 -14.50 37.13
C PRO A 96 19.94 -15.12 38.51
N ILE A 97 20.53 -14.34 39.42
CA ILE A 97 20.70 -14.75 40.80
C ILE A 97 19.90 -13.77 41.65
N PRO A 98 19.53 -14.16 42.87
CA PRO A 98 18.75 -13.26 43.73
C PRO A 98 19.58 -12.14 44.30
N LEU A 99 18.97 -10.97 44.41
CA LEU A 99 19.60 -9.76 44.93
C LEU A 99 18.76 -9.25 46.09
N HIS A 100 19.43 -8.86 47.18
CA HIS A 100 18.75 -8.28 48.33
C HIS A 100 19.01 -6.79 48.35
N TYR A 101 17.98 -6.00 48.65
CA TYR A 101 18.15 -4.56 48.79
C TYR A 101 18.09 -4.20 50.27
N CYS A 102 19.11 -3.45 50.71
CA CYS A 102 19.36 -3.23 52.13
C CYS A 102 19.36 -1.74 52.44
N ALA A 103 18.80 -1.41 53.61
CA ALA A 103 18.83 -0.02 54.07
C ALA A 103 20.13 0.24 54.83
N PRO A 104 20.77 1.38 54.58
CA PRO A 104 22.06 1.66 55.20
C PRO A 104 21.85 2.10 56.64
N ALA A 105 22.97 2.32 57.33
CA ALA A 105 22.95 2.73 58.73
C ALA A 105 22.06 3.95 58.93
N GLY A 106 21.16 3.87 59.91
CA GLY A 106 20.24 4.93 60.21
C GLY A 106 18.87 4.76 59.60
N PHE A 107 18.73 3.84 58.64
CA PHE A 107 17.45 3.58 58.00
C PHE A 107 17.07 2.13 58.20
N ALA A 108 15.80 1.85 57.97
CA ALA A 108 15.32 0.48 58.00
C ALA A 108 14.37 0.28 56.83
N ILE A 109 13.98 -0.97 56.64
CA ILE A 109 13.02 -1.35 55.62
C ILE A 109 11.82 -1.93 56.34
N LEU A 110 10.65 -1.35 56.13
CA LEU A 110 9.43 -1.89 56.69
C LEU A 110 8.84 -2.89 55.72
N LYS A 111 8.58 -4.10 56.19
CA LYS A 111 7.90 -5.13 55.41
C LYS A 111 6.46 -5.24 55.88
N CYS A 112 5.53 -5.21 54.93
CA CYS A 112 4.13 -5.45 55.26
C CYS A 112 3.88 -6.95 55.31
N ASN A 113 3.36 -7.43 56.44
CA ASN A 113 3.19 -8.86 56.68
C ASN A 113 1.81 -9.37 56.33
N ASN A 114 0.87 -8.50 55.94
CA ASN A 114 -0.48 -8.94 55.58
C ASN A 114 -0.42 -9.76 54.30
N LYS A 115 -0.76 -11.05 54.42
CA LYS A 115 -0.68 -12.00 53.32
C LYS A 115 -1.43 -11.54 52.07
N THR A 116 -2.46 -10.71 52.24
CA THR A 116 -3.35 -10.36 51.14
C THR A 116 -3.31 -8.87 50.79
N PHE A 117 -2.36 -8.15 51.38
CA PHE A 117 -2.14 -6.72 51.12
C PHE A 117 -2.06 -6.51 49.60
N ASN A 118 -2.80 -5.53 49.07
CA ASN A 118 -2.79 -5.42 47.61
C ASN A 118 -1.68 -4.51 47.08
N GLY A 119 -0.78 -4.03 47.93
CA GLY A 119 0.31 -3.15 47.52
C GLY A 119 0.06 -1.70 47.85
N THR A 120 -1.13 -1.38 48.31
CA THR A 120 -1.64 -0.02 48.44
C THR A 120 -2.44 0.12 49.74
N GLY A 121 -2.25 1.25 50.40
CA GLY A 121 -3.06 1.58 51.55
C GLY A 121 -2.46 1.12 52.85
N PRO A 122 -3.29 0.98 53.88
CA PRO A 122 -2.78 0.61 55.20
C PRO A 122 -2.59 -0.89 55.36
N CYS A 123 -1.58 -1.23 56.15
CA CYS A 123 -1.20 -2.61 56.43
C CYS A 123 -0.92 -2.72 57.92
N ARG A 124 -1.60 -3.66 58.61
CA ARG A 124 -1.53 -3.70 60.07
C ARG A 124 -0.28 -4.45 60.56
N ASN A 125 -0.19 -5.75 60.27
CA ASN A 125 0.96 -6.53 60.69
C ASN A 125 2.19 -6.04 59.91
N VAL A 126 3.17 -5.48 60.62
CA VAL A 126 4.33 -4.86 59.97
C VAL A 126 5.60 -5.29 60.70
N SER A 127 6.62 -5.66 59.94
CA SER A 127 7.95 -5.92 60.48
C SER A 127 8.92 -4.81 60.09
N THR A 128 10.08 -4.84 60.72
CA THR A 128 11.21 -4.06 60.24
C THR A 128 12.42 -4.98 60.07
N VAL A 129 13.11 -4.81 58.93
CA VAL A 129 14.18 -5.69 58.49
C VAL A 129 15.30 -4.83 57.92
N GLN A 130 16.49 -5.44 57.77
CA GLN A 130 17.59 -4.70 57.16
C GLN A 130 17.60 -4.80 55.64
N CYS A 131 17.19 -5.95 55.10
CA CYS A 131 17.18 -6.17 53.66
C CYS A 131 15.90 -6.89 53.26
N THR A 132 15.56 -6.76 51.98
CA THR A 132 14.47 -7.51 51.39
C THR A 132 14.89 -8.97 51.20
N HIS A 133 13.91 -9.81 50.89
CA HIS A 133 14.25 -11.14 50.43
C HIS A 133 15.03 -11.05 49.12
N GLY A 134 15.52 -12.20 48.67
CA GLY A 134 16.33 -12.22 47.47
C GLY A 134 15.44 -12.15 46.25
N ILE A 135 15.64 -11.14 45.41
CA ILE A 135 14.81 -10.95 44.22
C ILE A 135 15.67 -11.23 43.00
N LYS A 136 15.25 -12.20 42.19
CA LYS A 136 15.91 -12.43 40.91
C LYS A 136 15.45 -11.37 39.91
N PRO A 137 16.35 -10.63 39.31
CA PRO A 137 15.94 -9.55 38.38
C PRO A 137 15.61 -10.10 36.99
N VAL A 138 14.45 -10.72 36.84
CA VAL A 138 14.10 -11.43 35.61
C VAL A 138 13.38 -10.48 34.67
N VAL A 139 14.00 -10.19 33.53
CA VAL A 139 13.42 -9.30 32.52
C VAL A 139 12.49 -10.11 31.63
N SER A 140 11.23 -9.68 31.52
CA SER A 140 10.29 -10.36 30.63
C SER A 140 9.05 -9.49 30.46
N THR A 141 8.21 -9.86 29.51
CA THR A 141 6.88 -9.28 29.33
C THR A 141 5.84 -10.37 29.45
N GLN A 142 4.58 -9.93 29.64
CA GLN A 142 3.38 -10.76 29.69
C GLN A 142 3.35 -11.69 30.89
N LEU A 143 4.40 -12.49 31.08
CA LEU A 143 4.45 -13.44 32.19
C LEU A 143 5.61 -13.05 33.09
N LEU A 144 5.34 -13.00 34.40
CA LEU A 144 6.39 -12.82 35.41
C LEU A 144 6.92 -14.19 35.80
N LEU A 145 8.24 -14.37 35.71
CA LEU A 145 8.88 -15.66 35.84
C LEU A 145 9.74 -15.70 37.09
N ASN A 146 9.73 -16.84 37.79
CA ASN A 146 10.69 -17.11 38.86
C ASN A 146 10.58 -16.12 40.01
N GLY A 147 9.43 -15.50 40.20
CA GLY A 147 9.21 -14.66 41.37
C GLY A 147 8.80 -15.50 42.57
N SER A 148 8.29 -14.83 43.60
CA SER A 148 7.76 -15.53 44.76
C SER A 148 6.24 -15.43 44.78
N LEU A 149 5.60 -16.53 45.14
CA LEU A 149 4.15 -16.63 45.03
C LEU A 149 3.46 -15.98 46.24
N ALA A 150 2.24 -15.51 46.01
CA ALA A 150 1.39 -15.08 47.12
C ALA A 150 1.10 -16.27 48.01
N GLU A 151 0.95 -16.01 49.31
CA GLU A 151 0.90 -17.11 50.26
C GLU A 151 -0.50 -17.65 50.45
N GLU A 152 -1.50 -16.80 50.22
CA GLU A 152 -2.91 -17.10 50.39
C GLU A 152 -3.63 -17.07 49.05
N GLU A 153 -4.30 -16.00 48.71
CA GLU A 153 -5.15 -16.10 47.55
C GLU A 153 -4.49 -15.28 46.46
N ILE A 154 -4.92 -15.50 45.21
CA ILE A 154 -4.38 -14.68 44.13
C ILE A 154 -4.68 -13.22 44.43
N ILE A 155 -3.68 -12.36 44.26
CA ILE A 155 -3.82 -10.92 44.52
C ILE A 155 -3.83 -10.16 43.20
N ILE A 156 -4.75 -9.21 43.08
CA ILE A 156 -4.80 -8.30 41.94
C ILE A 156 -4.21 -6.98 42.38
N ARG A 157 -3.16 -6.52 41.70
CA ARG A 157 -2.54 -5.23 42.02
C ARG A 157 -2.67 -4.29 40.84
N SER A 158 -3.02 -3.04 41.14
CA SER A 158 -3.08 -2.02 40.11
C SER A 158 -3.00 -0.67 40.80
N GLU A 159 -2.39 0.29 40.12
CA GLU A 159 -2.40 1.64 40.66
C GLU A 159 -3.81 2.19 40.69
N ASN A 160 -4.65 1.76 39.75
CA ASN A 160 -6.00 2.25 39.60
C ASN A 160 -6.81 1.35 38.69
N LEU A 161 -7.55 0.39 39.24
CA LEU A 161 -8.27 -0.57 38.41
C LEU A 161 -9.27 0.09 37.47
N THR A 162 -9.80 1.26 37.83
CA THR A 162 -10.76 1.91 36.94
C THR A 162 -10.07 2.53 35.73
N ASN A 163 -8.82 2.92 35.88
CA ASN A 163 -8.04 3.42 34.75
C ASN A 163 -7.39 2.27 34.01
N ASN A 164 -7.94 2.01 32.83
CA ASN A 164 -7.60 0.84 32.04
C ASN A 164 -6.23 0.99 31.36
N ALA A 165 -5.65 2.18 31.41
CA ALA A 165 -4.27 2.37 30.99
C ALA A 165 -3.26 1.90 32.03
N LYS A 166 -3.68 1.59 33.25
CA LYS A 166 -2.75 1.18 34.29
C LYS A 166 -2.55 -0.32 34.27
N THR A 167 -1.30 -0.75 34.22
CA THR A 167 -0.98 -2.18 34.22
C THR A 167 -1.56 -2.86 35.44
N ILE A 168 -2.11 -4.06 35.23
CA ILE A 168 -2.56 -4.92 36.33
C ILE A 168 -1.52 -6.00 36.55
N ILE A 169 -1.10 -6.19 37.80
CA ILE A 169 -0.20 -7.28 38.16
C ILE A 169 -1.02 -8.32 38.89
N VAL A 170 -1.06 -9.53 38.36
CA VAL A 170 -1.70 -10.66 39.02
C VAL A 170 -0.63 -11.44 39.74
N HIS A 171 -0.75 -11.54 41.06
CA HIS A 171 0.19 -12.31 41.87
C HIS A 171 -0.39 -13.69 42.11
N LEU A 172 0.20 -14.71 41.49
CA LEU A 172 -0.31 -16.06 41.57
C LEU A 172 0.05 -16.69 42.91
N ASN A 173 -0.82 -17.58 43.41
CA ASN A 173 -0.47 -18.33 44.61
C ASN A 173 0.04 -19.73 44.30
N GLU A 174 0.02 -20.16 43.05
CA GLU A 174 0.57 -21.44 42.65
C GLU A 174 1.30 -21.23 41.35
N SER A 175 2.51 -21.75 41.24
CA SER A 175 3.24 -21.48 40.01
C SER A 175 2.77 -22.41 38.89
N VAL A 176 3.04 -21.98 37.66
CA VAL A 176 2.72 -22.76 36.46
C VAL A 176 4.01 -22.92 35.68
N ASN A 177 4.36 -24.17 35.40
CA ASN A 177 5.62 -24.44 34.72
C ASN A 177 5.56 -24.01 33.27
N ILE A 178 6.62 -23.37 32.79
CA ILE A 178 6.77 -23.14 31.37
C ILE A 178 8.18 -23.55 30.98
N VAL A 179 8.29 -24.49 30.05
CA VAL A 179 9.57 -25.00 29.56
C VAL A 179 9.72 -24.51 28.12
N CYS A 180 10.77 -23.73 27.88
CA CYS A 180 11.02 -23.18 26.55
C CYS A 180 12.36 -23.72 26.05
N THR A 181 12.39 -24.13 24.78
CA THR A 181 13.56 -24.81 24.27
C THR A 181 13.79 -24.49 22.79
N ARG A 182 15.05 -24.23 22.45
CA ARG A 182 15.52 -24.27 21.08
C ARG A 182 16.28 -25.58 20.94
N PRO A 183 15.71 -26.60 20.30
CA PRO A 183 16.33 -27.93 20.33
C PRO A 183 17.63 -27.93 19.57
N ASN A 184 18.44 -28.98 19.80
CA ASN A 184 19.61 -29.21 18.95
C ASN A 184 19.31 -28.95 17.48
N ASN A 193 15.23 -24.39 11.21
CA ASN A 193 15.65 -23.06 11.68
C ASN A 193 16.43 -23.13 12.98
N ILE A 194 17.53 -22.37 13.08
CA ILE A 194 18.22 -22.28 14.37
C ILE A 194 17.57 -21.26 15.28
N ARG A 195 16.61 -20.48 14.79
CA ARG A 195 15.91 -19.54 15.63
C ARG A 195 14.52 -20.00 16.00
N GLN A 196 14.08 -21.15 15.48
CA GLN A 196 12.85 -21.80 15.94
C GLN A 196 13.01 -22.37 17.35
N ALA A 197 12.03 -22.08 18.20
CA ALA A 197 11.95 -22.62 19.55
C ALA A 197 10.47 -22.77 19.90
N HIS A 198 10.20 -23.36 21.06
CA HIS A 198 8.83 -23.50 21.49
C HIS A 198 8.80 -23.65 23.01
N CYS A 199 7.66 -23.30 23.60
CA CYS A 199 7.42 -23.49 25.02
C CYS A 199 6.24 -24.42 25.24
N ASN A 200 6.32 -25.24 26.29
CA ASN A 200 5.24 -26.15 26.66
C ASN A 200 4.65 -25.75 27.99
N ILE A 201 3.33 -25.62 28.05
CA ILE A 201 2.61 -25.38 29.30
C ILE A 201 1.52 -26.43 29.42
N ASN A 202 1.41 -27.03 30.61
CA ASN A 202 0.40 -28.05 30.88
C ASN A 202 -0.97 -27.39 30.90
N GLU A 203 -1.85 -27.77 29.97
CA GLU A 203 -3.13 -27.06 29.87
C GLU A 203 -3.98 -27.23 31.12
N SER A 204 -3.87 -28.36 31.81
CA SER A 204 -4.59 -28.48 33.07
C SER A 204 -4.28 -27.31 34.01
N LYS A 205 -2.98 -27.09 34.34
CA LYS A 205 -2.78 -26.08 35.37
C LYS A 205 -3.11 -24.69 34.85
N TRP A 206 -2.80 -24.43 33.58
CA TRP A 206 -3.15 -23.13 33.04
C TRP A 206 -4.65 -22.90 33.16
N ASN A 207 -5.42 -23.96 32.90
CA ASN A 207 -6.88 -23.90 32.96
C ASN A 207 -7.34 -23.50 34.35
N ASN A 208 -6.88 -24.24 35.35
CA ASN A 208 -7.07 -23.87 36.74
C ASN A 208 -6.69 -22.43 37.07
N THR A 209 -5.45 -22.02 36.79
CA THR A 209 -5.08 -20.71 37.30
C THR A 209 -5.91 -19.64 36.63
N LEU A 210 -6.25 -19.80 35.35
CA LEU A 210 -7.09 -18.78 34.74
C LEU A 210 -8.51 -18.81 35.29
N GLN A 211 -9.00 -20.00 35.68
CA GLN A 211 -10.28 -20.06 36.37
C GLN A 211 -10.25 -19.19 37.64
N LYS A 212 -9.16 -19.30 38.40
CA LYS A 212 -9.00 -18.55 39.65
C LYS A 212 -8.76 -17.06 39.42
N VAL A 213 -7.92 -16.72 38.44
CA VAL A 213 -7.71 -15.31 38.10
C VAL A 213 -9.03 -14.69 37.66
N GLY A 214 -9.80 -15.42 36.86
CA GLY A 214 -11.11 -14.94 36.46
C GLY A 214 -12.01 -14.70 37.66
N GLU A 215 -11.94 -15.60 38.66
CA GLU A 215 -12.72 -15.38 39.88
C GLU A 215 -12.36 -14.05 40.54
N GLU A 216 -11.06 -13.80 40.74
CA GLU A 216 -10.65 -12.58 41.45
C GLU A 216 -10.98 -11.33 40.64
N LEU A 217 -10.68 -11.36 39.34
CA LEU A 217 -11.08 -10.23 38.50
C LEU A 217 -12.58 -10.02 38.56
N ALA A 218 -13.35 -11.11 38.67
CA ALA A 218 -14.79 -10.99 38.75
C ALA A 218 -15.19 -10.23 39.99
N LYS A 219 -14.53 -10.53 41.12
CA LYS A 219 -14.79 -9.74 42.32
C LYS A 219 -14.59 -8.26 42.04
N HIS A 220 -13.61 -7.89 41.21
CA HIS A 220 -13.45 -6.45 40.98
C HIS A 220 -14.33 -5.89 39.87
N PHE A 221 -14.82 -6.72 38.95
CA PHE A 221 -15.75 -6.28 37.91
C PHE A 221 -16.95 -7.24 37.93
N PRO A 222 -17.95 -6.98 38.81
CA PRO A 222 -18.92 -8.03 39.17
C PRO A 222 -20.02 -8.30 38.15
N SER A 223 -20.45 -7.29 37.39
CA SER A 223 -21.49 -7.60 36.41
C SER A 223 -20.95 -8.30 35.18
N LYS A 224 -19.67 -8.20 34.92
CA LYS A 224 -19.28 -8.41 33.55
C LYS A 224 -18.74 -9.82 33.33
N THR A 225 -18.72 -10.25 32.07
CA THR A 225 -18.07 -11.49 31.68
C THR A 225 -16.58 -11.21 31.49
N ILE A 226 -15.72 -12.13 31.96
CA ILE A 226 -14.27 -11.92 31.94
C ILE A 226 -13.67 -12.70 30.78
N LYS A 227 -13.10 -11.97 29.81
CA LYS A 227 -12.44 -12.58 28.66
C LYS A 227 -10.94 -12.33 28.68
N PHE A 228 -10.18 -13.36 28.34
CA PHE A 228 -8.74 -13.24 28.10
C PHE A 228 -8.49 -13.35 26.60
N GLU A 229 -7.62 -12.50 26.08
CA GLU A 229 -7.39 -12.39 24.65
C GLU A 229 -5.98 -11.93 24.39
N PRO A 230 -5.38 -12.28 23.24
CA PRO A 230 -3.99 -11.96 22.97
C PRO A 230 -3.77 -10.47 22.88
N SER A 231 -2.50 -10.09 22.96
CA SER A 231 -2.16 -8.68 22.93
C SER A 231 -2.54 -8.07 21.60
N SER A 232 -3.27 -6.95 21.66
CA SER A 232 -3.69 -6.23 20.46
C SER A 232 -2.51 -5.87 19.55
N GLY A 233 -1.67 -4.92 19.94
CA GLY A 233 -0.58 -4.57 19.04
C GLY A 233 0.59 -3.95 19.77
N GLY A 234 1.65 -3.72 19.02
CA GLY A 234 2.84 -3.07 19.53
C GLY A 234 4.07 -3.74 19.00
N ASP A 235 5.20 -3.40 19.59
CA ASP A 235 6.46 -4.07 19.29
C ASP A 235 6.38 -5.54 19.67
N LEU A 236 7.11 -6.37 18.93
CA LEU A 236 7.11 -7.80 19.22
C LEU A 236 7.44 -8.07 20.69
N GLU A 237 8.27 -7.24 21.31
CA GLU A 237 8.66 -7.49 22.70
C GLU A 237 7.45 -7.60 23.63
N ILE A 238 6.36 -6.88 23.34
CA ILE A 238 5.21 -6.87 24.24
C ILE A 238 4.02 -7.60 23.67
N THR A 239 3.96 -7.84 22.37
CA THR A 239 2.87 -8.64 21.82
C THR A 239 3.17 -10.12 21.90
N THR A 240 4.40 -10.50 22.23
CA THR A 240 4.73 -11.86 22.59
C THR A 240 5.25 -11.89 24.01
N HIS A 241 5.42 -13.09 24.52
CA HIS A 241 6.07 -13.26 25.82
C HIS A 241 7.56 -13.32 25.52
N SER A 242 8.26 -12.21 25.75
CA SER A 242 9.68 -12.14 25.47
C SER A 242 10.47 -12.19 26.77
N PHE A 243 11.64 -12.80 26.70
CA PHE A 243 12.50 -12.99 27.86
C PHE A 243 13.86 -13.42 27.36
N ASN A 244 14.83 -13.42 28.26
CA ASN A 244 16.18 -13.85 27.93
C ASN A 244 16.45 -15.21 28.55
N CYS A 245 16.87 -16.17 27.73
CA CYS A 245 17.17 -17.52 28.19
C CYS A 245 18.62 -17.82 27.82
N ARG A 246 19.47 -17.93 28.84
CA ARG A 246 20.91 -18.17 28.73
C ARG A 246 21.51 -17.28 27.65
N GLY A 247 21.20 -15.99 27.69
CA GLY A 247 21.81 -15.03 26.81
C GLY A 247 21.04 -14.77 25.54
N GLU A 248 20.17 -15.69 25.14
CA GLU A 248 19.42 -15.56 23.89
C GLU A 248 18.05 -14.96 24.17
N PHE A 249 17.57 -14.13 23.25
CA PHE A 249 16.29 -13.43 23.43
C PHE A 249 15.18 -14.22 22.75
N PHE A 250 14.29 -14.81 23.56
CA PHE A 250 13.15 -15.55 23.05
C PHE A 250 11.93 -14.65 22.92
N TYR A 251 11.15 -14.88 21.86
CA TYR A 251 9.89 -14.20 21.62
C TYR A 251 8.84 -15.27 21.37
N CYS A 252 7.92 -15.47 22.31
CA CYS A 252 7.03 -16.62 22.31
C CYS A 252 5.57 -16.21 22.15
N ASN A 253 4.93 -16.70 21.08
CA ASN A 253 3.55 -16.34 20.75
C ASN A 253 2.61 -16.88 21.82
N THR A 254 1.73 -16.02 22.36
CA THR A 254 0.86 -16.43 23.45
C THR A 254 -0.62 -16.41 23.07
N SER A 255 -0.94 -16.37 21.78
CA SER A 255 -2.35 -16.30 21.39
C SER A 255 -3.11 -17.58 21.74
N ASP A 256 -2.44 -18.71 21.88
CA ASP A 256 -3.11 -19.88 22.41
C ASP A 256 -3.17 -19.88 23.93
N LEU A 257 -2.56 -18.89 24.59
CA LEU A 257 -2.48 -18.85 26.04
C LEU A 257 -3.48 -17.87 26.64
N PHE A 258 -3.52 -16.65 26.12
CA PHE A 258 -4.46 -15.63 26.58
C PHE A 258 -5.62 -15.65 25.60
N ASN A 259 -6.57 -16.56 25.87
CA ASN A 259 -7.56 -16.98 24.90
C ASN A 259 -8.57 -17.87 25.60
N GLY A 260 -9.56 -17.27 26.23
CA GLY A 260 -10.49 -18.01 27.05
C GLY A 260 -11.55 -17.08 27.62
N THR A 261 -12.63 -17.70 28.09
CA THR A 261 -13.77 -16.97 28.66
C THR A 261 -14.14 -17.54 30.02
N TYR A 262 -14.37 -16.64 30.97
CA TYR A 262 -14.88 -16.98 32.30
C TYR A 262 -16.27 -16.34 32.43
N ARG A 263 -17.31 -17.18 32.45
CA ARG A 263 -18.68 -16.69 32.39
C ARG A 263 -19.43 -16.88 33.70
N ASN A 264 -19.78 -18.13 33.98
CA ASN A 264 -20.83 -18.37 34.95
C ASN A 264 -20.19 -18.96 36.18
N GLY A 265 -19.16 -18.28 36.70
CA GLY A 265 -18.32 -18.89 37.70
C GLY A 265 -17.46 -20.00 37.11
N THR A 266 -17.46 -20.14 35.77
CA THR A 266 -16.68 -21.17 35.10
C THR A 266 -15.84 -20.60 33.97
N TYR A 267 -14.60 -21.12 33.87
CA TYR A 267 -13.65 -20.74 32.84
C TYR A 267 -13.65 -21.76 31.72
N ASN A 268 -13.65 -21.26 30.49
CA ASN A 268 -13.51 -22.13 29.32
C ASN A 268 -12.41 -21.63 28.40
N HIS A 269 -11.44 -22.50 28.13
CA HIS A 269 -10.25 -22.15 27.34
C HIS A 269 -10.53 -22.25 25.85
N THR A 270 -10.38 -21.14 25.16
CA THR A 270 -10.56 -21.02 23.72
C THR A 270 -9.28 -21.29 22.96
N GLY A 271 -8.15 -21.28 23.64
CA GLY A 271 -6.92 -21.60 23.00
C GLY A 271 -6.81 -23.06 22.65
N ARG A 272 -5.91 -23.30 21.73
CA ARG A 272 -5.76 -24.58 21.08
C ARG A 272 -4.66 -25.36 21.77
N SER A 273 -4.96 -26.59 22.16
CA SER A 273 -3.94 -27.45 22.75
C SER A 273 -3.90 -28.78 22.01
N SER A 274 -2.99 -29.63 22.45
CA SER A 274 -2.65 -30.87 21.77
C SER A 274 -2.15 -31.83 22.82
N ASN A 275 -3.01 -32.79 23.13
CA ASN A 275 -2.60 -33.89 23.95
C ASN A 275 -2.21 -33.38 25.33
N GLY A 276 -2.95 -32.36 25.79
CA GLY A 276 -2.87 -31.85 27.14
C GLY A 276 -1.91 -30.70 27.39
N THR A 277 -1.30 -30.15 26.34
CA THR A 277 -0.30 -29.10 26.51
C THR A 277 -0.57 -27.99 25.51
N ILE A 278 -0.44 -26.75 25.96
CA ILE A 278 -0.35 -25.62 25.04
C ILE A 278 1.11 -25.48 24.65
N THR A 279 1.37 -25.31 23.36
CA THR A 279 2.71 -25.12 22.85
C THR A 279 2.79 -23.74 22.20
N LEU A 280 3.69 -22.90 22.72
CA LEU A 280 3.92 -21.58 22.15
C LEU A 280 5.05 -21.66 21.16
N GLN A 281 4.87 -20.99 20.04
CA GLN A 281 5.85 -20.95 18.98
C GLN A 281 6.75 -19.74 19.21
N CYS A 282 8.06 -19.98 19.29
CA CYS A 282 9.03 -18.94 19.64
C CYS A 282 10.02 -18.71 18.52
N LYS A 283 10.58 -17.51 18.51
CA LYS A 283 11.72 -17.16 17.68
C LYS A 283 12.79 -16.54 18.56
N ILE A 284 14.06 -16.87 18.29
CA ILE A 284 15.19 -16.21 18.91
C ILE A 284 15.63 -15.09 17.98
N LYS A 285 15.65 -13.87 18.49
CA LYS A 285 15.88 -12.71 17.66
C LYS A 285 17.19 -12.03 18.05
N GLN A 286 17.69 -11.21 17.12
CA GLN A 286 18.99 -10.55 17.13
C GLN A 286 18.85 -9.06 17.29
N ILE A 287 17.79 -8.49 16.71
CA ILE A 287 17.48 -7.07 16.84
C ILE A 287 16.41 -6.93 17.91
N ILE A 288 16.74 -6.16 18.94
CA ILE A 288 15.97 -6.10 20.18
C ILE A 288 15.57 -4.66 20.40
N ASN A 289 14.27 -4.43 20.67
CA ASN A 289 13.82 -3.15 21.20
C ASN A 289 14.12 -3.14 22.69
N MET A 290 14.90 -2.18 23.14
CA MET A 290 15.48 -2.26 24.46
C MET A 290 14.45 -1.90 25.51
N TRP A 291 14.53 -2.57 26.66
CA TRP A 291 13.68 -2.19 27.77
C TRP A 291 14.29 -1.07 28.59
N GLN A 292 15.61 -0.85 28.47
CA GLN A 292 16.27 0.15 29.30
C GLN A 292 15.95 1.58 28.88
N GLU A 293 15.73 1.81 27.59
CA GLU A 293 15.54 3.14 27.02
C GLU A 293 15.00 2.91 25.62
N VAL A 294 14.56 3.99 24.98
CA VAL A 294 14.14 3.88 23.59
C VAL A 294 15.38 3.66 22.73
N GLY A 295 15.45 2.51 22.08
CA GLY A 295 16.61 2.21 21.26
C GLY A 295 16.54 0.77 20.80
N ARG A 296 17.48 0.42 19.93
CA ARG A 296 17.65 -0.93 19.44
C ARG A 296 19.03 -1.49 19.76
N ALA A 297 19.07 -2.80 20.00
CA ALA A 297 20.31 -3.52 20.26
C ALA A 297 20.35 -4.73 19.33
N ILE A 298 21.50 -4.93 18.68
CA ILE A 298 21.74 -6.09 17.83
C ILE A 298 22.78 -7.00 18.48
N TYR A 299 22.48 -8.29 18.54
CA TYR A 299 23.31 -9.34 19.13
C TYR A 299 23.69 -10.34 18.05
N ALA A 300 24.65 -11.22 18.39
CA ALA A 300 25.11 -12.25 17.48
C ALA A 300 24.12 -13.41 17.42
N PRO A 301 24.21 -14.27 16.40
CA PRO A 301 23.26 -15.39 16.26
C PRO A 301 23.39 -16.37 17.42
N PRO A 302 22.45 -17.28 17.57
CA PRO A 302 22.38 -18.06 18.81
C PRO A 302 23.58 -18.97 18.97
N ILE A 303 23.92 -19.23 20.23
CA ILE A 303 24.87 -20.30 20.54
C ILE A 303 24.34 -21.59 19.94
N GLU A 304 25.18 -22.61 19.95
CA GLU A 304 24.86 -23.91 19.38
C GLU A 304 24.36 -24.89 20.44
N GLY A 305 23.67 -25.91 19.97
CA GLY A 305 23.07 -26.88 20.86
C GLY A 305 21.69 -26.48 21.33
N GLU A 306 21.30 -27.06 22.46
CA GLU A 306 19.91 -27.01 22.90
C GLU A 306 19.83 -25.90 23.94
N ILE A 307 19.02 -24.88 23.68
CA ILE A 307 18.84 -23.78 24.63
C ILE A 307 17.49 -23.99 25.32
N THR A 308 17.54 -24.25 26.62
CA THR A 308 16.34 -24.57 27.38
C THR A 308 16.31 -23.85 28.72
N CYS A 309 15.19 -23.19 29.01
CA CYS A 309 14.92 -22.64 30.33
C CYS A 309 13.65 -23.29 30.84
N ASN A 310 13.69 -23.74 32.10
CA ASN A 310 12.55 -24.33 32.77
C ASN A 310 12.17 -23.38 33.90
N SER A 311 11.09 -22.63 33.74
CA SER A 311 10.78 -21.52 34.62
C SER A 311 9.42 -21.74 35.27
N ASN A 312 9.18 -21.03 36.36
CA ASN A 312 7.84 -20.97 36.93
C ASN A 312 7.18 -19.65 36.57
N ILE A 313 5.99 -19.71 35.98
CA ILE A 313 5.15 -18.53 35.92
C ILE A 313 4.61 -18.26 37.31
N THR A 314 4.94 -17.10 37.88
CA THR A 314 4.43 -16.75 39.20
C THR A 314 3.54 -15.51 39.19
N GLY A 315 3.31 -14.89 38.03
CA GLY A 315 2.44 -13.75 37.97
C GLY A 315 2.15 -13.40 36.52
N LEU A 316 1.16 -12.53 36.34
CA LEU A 316 0.80 -12.03 35.01
C LEU A 316 0.82 -10.52 35.00
N LEU A 317 1.08 -9.95 33.82
CA LEU A 317 0.93 -8.51 33.55
C LEU A 317 -0.20 -8.35 32.55
N LEU A 318 -1.28 -7.68 32.95
CA LEU A 318 -2.47 -7.59 32.13
C LEU A 318 -2.86 -6.14 31.91
N LEU A 319 -3.58 -5.91 30.81
CA LEU A 319 -4.14 -4.61 30.49
C LEU A 319 -5.60 -4.81 30.10
N ARG A 320 -6.48 -4.03 30.71
CA ARG A 320 -7.91 -4.09 30.43
C ARG A 320 -8.28 -3.19 29.26
N ASP A 321 -9.08 -3.71 28.35
CA ASP A 321 -9.73 -2.95 27.29
C ASP A 321 -10.68 -1.88 27.79
N ASP A 330 -21.89 -6.04 30.82
CA ASP A 330 -21.21 -6.31 29.55
C ASP A 330 -20.13 -7.37 29.76
N THR A 331 -19.04 -7.09 29.05
CA THR A 331 -17.81 -7.84 29.08
C THR A 331 -16.63 -6.93 29.45
N GLU A 332 -15.70 -7.47 30.22
CA GLU A 332 -14.36 -6.92 30.38
C GLU A 332 -13.35 -7.87 29.74
N THR A 333 -12.37 -7.29 29.04
CA THR A 333 -11.41 -8.07 28.26
C THR A 333 -10.00 -7.72 28.71
N PHE A 334 -9.21 -8.74 29.02
CA PHE A 334 -7.85 -8.58 29.51
C PHE A 334 -6.86 -9.20 28.54
N ARG A 335 -5.81 -8.43 28.23
CA ARG A 335 -4.74 -8.88 27.35
C ARG A 335 -3.39 -8.79 28.07
N PRO A 336 -2.43 -9.63 27.70
CA PRO A 336 -1.12 -9.55 28.34
C PRO A 336 -0.46 -8.22 28.03
N GLY A 337 0.30 -7.72 29.00
CA GLY A 337 1.00 -6.45 28.86
C GLY A 337 2.47 -6.55 29.21
N GLY A 338 3.06 -5.45 29.64
CA GLY A 338 4.47 -5.40 29.96
C GLY A 338 5.19 -4.37 29.11
N GLY A 339 6.50 -4.29 29.31
CA GLY A 339 7.36 -3.37 28.59
C GLY A 339 8.11 -2.44 29.51
N ASP A 340 7.55 -2.17 30.68
CA ASP A 340 8.18 -1.32 31.69
C ASP A 340 8.68 -2.26 32.78
N MET A 341 9.98 -2.58 32.75
CA MET A 341 10.52 -3.58 33.69
C MET A 341 10.35 -3.15 35.14
N ARG A 342 10.04 -1.88 35.38
CA ARG A 342 9.77 -1.45 36.74
C ARG A 342 8.57 -2.16 37.33
N ASP A 343 7.60 -2.56 36.52
CA ASP A 343 6.49 -3.35 37.06
C ASP A 343 6.97 -4.71 37.53
N ASN A 344 7.91 -5.32 36.79
CA ASN A 344 8.50 -6.57 37.26
C ASN A 344 9.13 -6.38 38.63
N TRP A 345 9.89 -5.29 38.81
CA TRP A 345 10.46 -5.08 40.14
C TRP A 345 9.38 -4.82 41.18
N ARG A 346 8.35 -4.00 40.85
CA ARG A 346 7.29 -3.72 41.81
C ARG A 346 6.63 -5.00 42.29
N SER A 347 6.53 -6.00 41.41
CA SER A 347 5.80 -7.20 41.76
C SER A 347 6.45 -7.94 42.92
N GLU A 348 7.74 -7.68 43.14
CA GLU A 348 8.50 -8.26 44.23
C GLU A 348 8.71 -7.28 45.38
N LEU A 349 8.82 -5.98 45.08
CA LEU A 349 9.10 -4.97 46.08
C LEU A 349 7.85 -4.38 46.73
N TYR A 350 6.66 -4.86 46.33
CA TYR A 350 5.43 -4.17 46.70
C TYR A 350 5.26 -4.03 48.21
N LYS A 351 5.81 -4.96 48.98
CA LYS A 351 5.55 -4.97 50.41
C LYS A 351 6.64 -4.28 51.22
N TYR A 352 7.54 -3.54 50.57
CA TYR A 352 8.63 -2.89 51.27
C TYR A 352 8.55 -1.39 51.12
N LYS A 353 9.08 -0.69 52.11
CA LYS A 353 9.15 0.76 52.20
C LYS A 353 10.39 1.08 53.02
N VAL A 354 11.12 2.12 52.63
CA VAL A 354 12.34 2.53 53.33
C VAL A 354 11.99 3.66 54.28
N VAL A 355 12.50 3.66 55.53
CA VAL A 355 12.05 4.73 56.42
C VAL A 355 13.28 5.28 57.16
N GLU A 356 13.17 6.55 57.55
CA GLU A 356 13.83 7.15 58.73
C GLU A 356 15.16 7.81 58.41
N LYS B 6 -55.63 -1.62 14.32
CA LYS B 6 -56.69 -1.89 15.29
C LYS B 6 -58.06 -2.04 14.58
N THR B 7 -58.16 -1.50 13.36
CA THR B 7 -59.37 -1.48 12.55
C THR B 7 -59.06 -1.93 11.12
N THR B 8 -59.94 -1.72 10.14
CA THR B 8 -59.61 -2.06 8.75
C THR B 8 -59.38 -0.78 7.94
N LEU B 9 -58.24 -0.72 7.26
CA LEU B 9 -57.85 0.44 6.47
C LEU B 9 -58.48 0.40 5.09
N PHE B 10 -58.43 1.52 4.39
CA PHE B 10 -58.75 1.54 2.98
C PHE B 10 -57.57 2.16 2.23
N CYS B 11 -57.51 1.90 0.93
CA CYS B 11 -56.38 2.37 0.12
C CYS B 11 -56.80 3.54 -0.75
N ALA B 12 -55.81 4.34 -1.13
CA ALA B 12 -56.01 5.50 -2.00
C ALA B 12 -54.88 5.54 -3.02
N SER B 13 -55.17 6.06 -4.22
CA SER B 13 -54.21 6.01 -5.32
C SER B 13 -54.60 6.98 -6.44
N ASP B 14 -53.59 7.46 -7.18
CA ASP B 14 -53.74 7.92 -8.56
C ASP B 14 -53.89 6.83 -9.60
N ALA B 15 -54.58 5.73 -9.34
CA ALA B 15 -54.85 4.86 -10.46
C ALA B 15 -55.73 5.60 -11.46
N LYS B 16 -55.49 5.38 -12.74
CA LYS B 16 -56.27 6.04 -13.77
C LYS B 16 -57.14 5.03 -14.48
N ALA B 17 -58.42 5.38 -14.61
CA ALA B 17 -59.33 4.84 -15.60
C ALA B 17 -58.56 4.18 -16.70
N TYR B 18 -57.88 5.04 -17.47
CA TYR B 18 -57.44 4.74 -18.81
C TYR B 18 -56.43 3.60 -18.84
N GLU B 19 -55.55 3.49 -17.83
CA GLU B 19 -54.57 2.41 -17.87
C GLU B 19 -55.24 1.05 -17.99
N LYS B 20 -54.66 0.15 -18.81
CA LYS B 20 -54.84 -1.28 -18.56
C LYS B 20 -53.70 -1.87 -17.78
N GLU B 21 -52.72 -1.07 -17.39
CA GLU B 21 -51.74 -1.58 -16.46
C GLU B 21 -52.47 -2.12 -15.24
N VAL B 22 -52.07 -3.30 -14.79
CA VAL B 22 -52.95 -4.07 -13.92
C VAL B 22 -52.99 -3.49 -12.50
N HIS B 23 -51.91 -2.85 -12.02
CA HIS B 23 -52.03 -2.16 -10.73
C HIS B 23 -53.09 -1.08 -10.81
N ASN B 24 -53.11 -0.30 -11.90
CA ASN B 24 -54.13 0.71 -12.08
C ASN B 24 -55.53 0.12 -12.04
N VAL B 25 -55.76 -0.98 -12.77
CA VAL B 25 -57.09 -1.58 -12.81
C VAL B 25 -57.52 -2.01 -11.41
N TRP B 26 -56.64 -2.77 -10.75
CA TRP B 26 -56.97 -3.26 -9.42
C TRP B 26 -57.30 -2.09 -8.50
N ALA B 27 -56.45 -1.05 -8.53
CA ALA B 27 -56.66 0.08 -7.64
C ALA B 27 -57.92 0.86 -8.01
N THR B 28 -58.34 0.80 -9.29
CA THR B 28 -59.48 1.59 -9.72
C THR B 28 -60.72 1.06 -9.04
N HIS B 29 -60.86 -0.26 -8.97
CA HIS B 29 -61.97 -0.69 -8.14
C HIS B 29 -61.60 -1.23 -6.76
N ALA B 30 -60.39 -1.02 -6.26
CA ALA B 30 -60.17 -1.33 -4.84
C ALA B 30 -59.91 -0.12 -3.96
N CYS B 31 -59.50 1.02 -4.52
CA CYS B 31 -59.06 2.18 -3.74
C CYS B 31 -59.89 3.41 -4.08
N VAL B 32 -59.79 4.42 -3.22
CA VAL B 32 -60.45 5.71 -3.47
C VAL B 32 -59.38 6.66 -3.99
N PRO B 33 -59.75 7.79 -4.59
CA PRO B 33 -58.70 8.71 -5.07
C PRO B 33 -57.94 9.34 -3.92
N THR B 34 -56.62 9.47 -4.11
CA THR B 34 -55.81 10.31 -3.25
C THR B 34 -56.42 11.68 -3.05
N ASP B 35 -56.30 12.16 -1.82
CA ASP B 35 -56.77 13.48 -1.44
C ASP B 35 -55.69 14.50 -1.80
N PRO B 36 -55.98 15.45 -2.69
CA PRO B 36 -54.94 16.35 -3.19
C PRO B 36 -54.37 17.19 -2.09
N ASN B 37 -55.27 17.52 -1.14
CA ASN B 37 -55.01 18.30 0.08
C ASN B 37 -54.86 17.47 1.34
N PRO B 38 -53.70 16.89 1.59
CA PRO B 38 -53.66 16.00 2.76
C PRO B 38 -53.45 16.77 4.05
N GLN B 39 -54.13 16.40 5.14
CA GLN B 39 -53.87 17.08 6.40
C GLN B 39 -52.95 16.23 7.29
N GLU B 40 -52.09 16.94 8.00
CA GLU B 40 -51.06 16.37 8.82
C GLU B 40 -50.91 17.30 10.00
N MET B 41 -50.53 16.76 11.15
CA MET B 41 -50.61 17.49 12.41
C MET B 41 -49.31 17.23 13.13
N VAL B 42 -48.33 18.12 13.08
CA VAL B 42 -47.09 17.82 13.80
C VAL B 42 -47.32 17.97 15.31
N LEU B 43 -46.67 17.13 16.13
CA LEU B 43 -46.77 17.20 17.60
C LEU B 43 -45.40 16.85 18.22
N ALA B 44 -44.38 17.67 17.91
CA ALA B 44 -42.98 17.32 18.16
C ALA B 44 -42.62 17.15 19.63
N ASN B 45 -43.60 17.15 20.53
CA ASN B 45 -43.35 17.03 21.96
C ASN B 45 -43.73 15.67 22.55
N VAL B 46 -44.49 14.85 21.81
CA VAL B 46 -45.43 13.91 22.43
C VAL B 46 -44.72 12.66 22.94
N THR B 47 -44.07 11.91 22.03
CA THR B 47 -43.44 10.61 22.30
C THR B 47 -44.44 9.45 22.43
N GLU B 48 -44.39 8.48 21.51
CA GLU B 48 -45.21 7.27 21.64
C GLU B 48 -44.37 6.10 21.13
N ASN B 49 -44.84 4.86 21.31
CA ASN B 49 -44.03 3.75 20.86
C ASN B 49 -44.61 3.13 19.59
N PHE B 50 -43.72 2.46 18.85
CA PHE B 50 -44.03 1.79 17.61
C PHE B 50 -43.34 0.43 17.62
N ASN B 51 -43.86 -0.50 16.81
CA ASN B 51 -43.16 -1.78 16.61
C ASN B 51 -43.44 -2.25 15.19
N MET B 52 -42.49 -1.96 14.28
CA MET B 52 -42.67 -2.33 12.88
C MET B 52 -42.81 -3.84 12.68
N TRP B 53 -42.39 -4.65 13.64
CA TRP B 53 -42.44 -6.09 13.48
C TRP B 53 -43.78 -6.66 13.91
N LYS B 54 -44.59 -5.89 14.63
CA LYS B 54 -45.94 -6.27 15.07
C LYS B 54 -46.86 -5.15 14.60
N ASN B 55 -47.14 -5.07 13.31
CA ASN B 55 -47.91 -3.95 12.78
C ASN B 55 -48.95 -4.51 11.83
N ASP B 56 -50.23 -4.33 12.19
CA ASP B 56 -51.30 -4.95 11.41
C ASP B 56 -51.63 -4.16 10.13
N MET B 57 -51.05 -2.96 9.94
CA MET B 57 -51.04 -2.41 8.57
C MET B 57 -50.26 -3.31 7.62
N VAL B 58 -49.21 -3.97 8.11
CA VAL B 58 -48.43 -4.85 7.26
C VAL B 58 -49.28 -6.01 6.76
N GLU B 59 -50.04 -6.66 7.66
CA GLU B 59 -50.88 -7.77 7.24
C GLU B 59 -51.98 -7.32 6.29
N GLN B 60 -52.57 -6.16 6.58
CA GLN B 60 -53.62 -5.69 5.68
C GLN B 60 -53.09 -5.40 4.28
N MET B 61 -51.92 -4.73 4.19
CA MET B 61 -51.34 -4.54 2.86
C MET B 61 -50.95 -5.86 2.20
N HIS B 62 -50.42 -6.80 2.99
CA HIS B 62 -50.04 -8.09 2.42
C HIS B 62 -51.24 -8.74 1.74
N GLU B 63 -52.38 -8.70 2.43
CA GLU B 63 -53.57 -9.31 1.87
C GLU B 63 -54.00 -8.58 0.61
N ASP B 64 -53.91 -7.24 0.62
CA ASP B 64 -54.24 -6.47 -0.59
C ASP B 64 -53.37 -6.90 -1.76
N ILE B 65 -52.06 -7.00 -1.55
CA ILE B 65 -51.17 -7.28 -2.68
C ILE B 65 -51.38 -8.71 -3.17
N ILE B 66 -51.68 -9.64 -2.26
CA ILE B 66 -52.07 -10.98 -2.68
C ILE B 66 -53.26 -10.92 -3.62
N SER B 67 -54.26 -10.11 -3.24
CA SER B 67 -55.45 -9.97 -4.09
C SER B 67 -55.09 -9.37 -5.44
N LEU B 68 -54.27 -8.32 -5.42
CA LEU B 68 -53.85 -7.66 -6.66
C LEU B 68 -53.17 -8.65 -7.59
N TRP B 69 -52.27 -9.48 -7.04
CA TRP B 69 -51.58 -10.44 -7.88
C TRP B 69 -52.54 -11.53 -8.38
N ASP B 70 -53.49 -12.00 -7.55
CA ASP B 70 -54.55 -12.89 -8.05
C ASP B 70 -55.24 -12.35 -9.28
N GLU B 71 -55.72 -11.12 -9.19
CA GLU B 71 -56.46 -10.54 -10.29
C GLU B 71 -55.59 -10.15 -11.47
N SER B 72 -54.30 -9.93 -11.28
CA SER B 72 -53.49 -9.28 -12.29
C SER B 72 -52.50 -10.23 -12.96
N LEU B 73 -51.85 -11.11 -12.21
CA LEU B 73 -50.81 -11.99 -12.74
C LEU B 73 -51.26 -13.43 -12.56
N LYS B 74 -52.32 -13.76 -13.23
CA LYS B 74 -52.84 -15.10 -13.21
C LYS B 74 -51.87 -16.07 -13.87
N PRO B 75 -51.53 -17.16 -13.21
CA PRO B 75 -50.67 -18.19 -13.82
C PRO B 75 -51.47 -19.11 -14.71
N CYS B 76 -50.79 -19.66 -15.72
CA CYS B 76 -51.44 -20.68 -16.53
C CYS B 76 -51.80 -21.88 -15.68
N VAL B 77 -50.94 -22.26 -14.76
CA VAL B 77 -51.23 -23.37 -13.85
C VAL B 77 -50.84 -22.95 -12.44
N LYS B 78 -51.68 -23.28 -11.48
CA LYS B 78 -51.33 -23.09 -10.07
C LYS B 78 -51.38 -24.44 -9.38
N LEU B 79 -50.22 -24.88 -8.90
CA LEU B 79 -50.05 -26.05 -8.06
C LEU B 79 -49.91 -25.73 -6.58
N THR B 80 -50.88 -26.19 -5.80
CA THR B 80 -50.83 -26.20 -4.33
C THR B 80 -51.02 -27.65 -3.87
N GLY B 81 -49.91 -28.33 -3.59
CA GLY B 81 -49.96 -29.70 -3.10
C GLY B 81 -50.33 -30.69 -4.18
N GLY B 82 -51.57 -31.15 -4.18
CA GLY B 82 -51.92 -32.14 -5.17
C GLY B 82 -52.76 -31.58 -6.28
N SER B 83 -53.31 -30.42 -5.99
CA SER B 83 -54.34 -29.80 -6.80
C SER B 83 -53.77 -28.73 -7.70
N ALA B 84 -54.17 -28.78 -8.96
CA ALA B 84 -53.68 -27.89 -9.98
C ALA B 84 -54.86 -27.11 -10.53
N ILE B 85 -54.78 -25.78 -10.51
CA ILE B 85 -55.80 -24.92 -11.08
C ILE B 85 -55.22 -24.30 -12.35
N THR B 86 -55.95 -24.45 -13.46
CA THR B 86 -55.64 -23.79 -14.73
C THR B 86 -56.60 -22.67 -15.11
N GLN B 87 -56.03 -21.64 -15.74
CA GLN B 87 -56.80 -20.49 -16.19
C GLN B 87 -55.99 -19.70 -17.20
N ALA B 88 -56.68 -18.84 -17.92
CA ALA B 88 -56.03 -18.03 -18.94
C ALA B 88 -54.93 -17.18 -18.31
N CYS B 89 -53.78 -17.11 -18.97
CA CYS B 89 -52.61 -16.40 -18.44
C CYS B 89 -52.06 -15.43 -19.49
N PRO B 90 -52.85 -14.43 -19.88
CA PRO B 90 -52.37 -13.48 -20.89
C PRO B 90 -51.18 -12.71 -20.38
N LYS B 91 -50.37 -12.23 -21.30
CA LYS B 91 -49.36 -11.23 -20.98
C LYS B 91 -50.03 -9.88 -20.74
N VAL B 92 -49.56 -9.15 -19.73
CA VAL B 92 -50.22 -7.93 -19.30
C VAL B 92 -49.19 -6.83 -19.20
N SER B 93 -49.65 -5.59 -19.08
CA SER B 93 -48.70 -4.53 -18.78
C SER B 93 -48.69 -4.36 -17.27
N PHE B 94 -47.49 -4.38 -16.69
CA PHE B 94 -47.30 -4.55 -15.26
C PHE B 94 -46.25 -3.55 -14.81
N ASP B 95 -46.65 -2.56 -14.03
CA ASP B 95 -45.72 -1.56 -13.52
C ASP B 95 -46.27 -1.03 -12.21
N PRO B 96 -45.67 -1.37 -11.07
CA PRO B 96 -46.30 -1.03 -9.79
C PRO B 96 -46.54 0.47 -9.66
N ILE B 97 -47.67 0.81 -9.05
CA ILE B 97 -48.01 2.20 -8.77
C ILE B 97 -48.07 2.36 -7.25
N PRO B 98 -47.93 3.58 -6.74
CA PRO B 98 -47.96 3.78 -5.29
C PRO B 98 -49.37 3.67 -4.73
N LEU B 99 -49.46 3.11 -3.52
CA LEU B 99 -50.72 2.90 -2.82
C LEU B 99 -50.62 3.57 -1.47
N HIS B 100 -51.66 4.27 -1.07
CA HIS B 100 -51.72 4.90 0.25
C HIS B 100 -52.67 4.11 1.13
N TYR B 101 -52.29 3.90 2.38
CA TYR B 101 -53.16 3.24 3.34
C TYR B 101 -53.72 4.28 4.30
N CYS B 102 -55.05 4.27 4.45
CA CYS B 102 -55.78 5.34 5.11
C CYS B 102 -56.59 4.79 6.27
N ALA B 103 -56.62 5.56 7.36
CA ALA B 103 -57.45 5.19 8.49
C ALA B 103 -58.87 5.71 8.30
N PRO B 104 -59.88 4.91 8.59
CA PRO B 104 -61.26 5.31 8.35
C PRO B 104 -61.73 6.26 9.45
N ALA B 105 -62.95 6.75 9.28
CA ALA B 105 -63.54 7.70 10.23
C ALA B 105 -63.45 7.17 11.65
N GLY B 106 -62.96 8.02 12.55
CA GLY B 106 -62.80 7.66 13.94
C GLY B 106 -61.40 7.20 14.31
N PHE B 107 -60.57 6.89 13.33
CA PHE B 107 -59.20 6.47 13.56
C PHE B 107 -58.24 7.41 12.88
N ALA B 108 -56.99 7.34 13.31
CA ALA B 108 -55.94 8.10 12.65
C ALA B 108 -54.72 7.21 12.52
N ILE B 109 -53.74 7.72 11.79
CA ILE B 109 -52.47 7.05 11.60
C ILE B 109 -51.41 7.94 12.20
N LEU B 110 -50.67 7.41 13.17
CA LEU B 110 -49.55 8.15 13.74
C LEU B 110 -48.29 7.85 12.95
N LYS B 111 -47.63 8.91 12.49
CA LYS B 111 -46.35 8.79 11.80
C LYS B 111 -45.24 9.21 12.76
N CYS B 112 -44.21 8.38 12.87
CA CYS B 112 -43.04 8.75 13.65
C CYS B 112 -42.11 9.60 12.79
N ASN B 113 -41.79 10.79 13.27
CA ASN B 113 -41.02 11.77 12.51
C ASN B 113 -39.52 11.72 12.78
N ASN B 114 -39.06 10.89 13.72
CA ASN B 114 -37.64 10.80 14.02
C ASN B 114 -36.91 10.17 12.84
N LYS B 115 -36.04 10.97 12.20
CA LYS B 115 -35.32 10.57 10.99
C LYS B 115 -34.57 9.25 11.14
N THR B 116 -34.17 8.91 12.37
CA THR B 116 -33.29 7.77 12.61
C THR B 116 -33.94 6.66 13.44
N PHE B 117 -35.25 6.79 13.67
CA PHE B 117 -36.05 5.80 14.39
C PHE B 117 -35.78 4.42 13.79
N ASN B 118 -35.48 3.41 14.62
CA ASN B 118 -35.13 2.13 14.01
C ASN B 118 -36.33 1.22 13.77
N GLY B 119 -37.55 1.70 13.97
CA GLY B 119 -38.76 0.90 13.77
C GLY B 119 -39.36 0.38 15.05
N THR B 120 -38.65 0.55 16.16
CA THR B 120 -38.93 -0.09 17.43
C THR B 120 -38.72 0.88 18.58
N GLY B 121 -39.61 0.83 19.56
CA GLY B 121 -39.43 1.58 20.77
C GLY B 121 -40.09 2.94 20.73
N PRO B 122 -39.64 3.86 21.57
CA PRO B 122 -40.26 5.18 21.65
C PRO B 122 -39.73 6.14 20.60
N CYS B 123 -40.62 7.03 20.17
CA CYS B 123 -40.36 8.02 19.14
C CYS B 123 -40.96 9.34 19.60
N ARG B 124 -40.14 10.40 19.66
CA ARG B 124 -40.61 11.65 20.27
C ARG B 124 -41.41 12.50 19.29
N ASN B 125 -40.77 12.98 18.21
CA ASN B 125 -41.47 13.78 17.22
C ASN B 125 -42.50 12.90 16.51
N VAL B 126 -43.78 13.21 16.66
CA VAL B 126 -44.85 12.37 16.13
C VAL B 126 -45.90 13.25 15.46
N SER B 127 -46.35 12.84 14.28
CA SER B 127 -47.47 13.47 13.60
C SER B 127 -48.70 12.57 13.63
N THR B 128 -49.82 13.14 13.24
CA THR B 128 -51.00 12.35 12.92
C THR B 128 -51.49 12.73 11.53
N VAL B 129 -51.81 11.71 10.73
CA VAL B 129 -52.15 11.86 9.31
C VAL B 129 -53.33 10.95 9.00
N GLN B 130 -53.96 11.18 7.85
CA GLN B 130 -55.06 10.31 7.45
C GLN B 130 -54.58 9.08 6.66
N CYS B 131 -53.53 9.25 5.87
CA CYS B 131 -52.99 8.17 5.05
C CYS B 131 -51.47 8.19 5.09
N THR B 132 -50.88 7.04 4.78
CA THR B 132 -49.44 6.92 4.61
C THR B 132 -49.03 7.57 3.30
N HIS B 133 -47.73 7.74 3.12
CA HIS B 133 -47.23 8.09 1.80
C HIS B 133 -47.55 6.98 0.81
N GLY B 134 -47.26 7.24 -0.46
CA GLY B 134 -47.56 6.27 -1.49
C GLY B 134 -46.51 5.19 -1.49
N ILE B 135 -46.93 3.94 -1.31
CA ILE B 135 -45.99 2.82 -1.27
C ILE B 135 -46.21 1.98 -2.51
N LYS B 136 -45.16 1.81 -3.30
CA LYS B 136 -45.22 0.89 -4.43
C LYS B 136 -45.05 -0.53 -3.93
N PRO B 137 -45.99 -1.42 -4.20
CA PRO B 137 -45.90 -2.80 -3.67
C PRO B 137 -44.96 -3.68 -4.51
N VAL B 138 -43.66 -3.49 -4.34
CA VAL B 138 -42.68 -4.13 -5.20
C VAL B 138 -42.26 -5.47 -4.58
N VAL B 139 -42.59 -6.57 -5.27
CA VAL B 139 -42.24 -7.90 -4.80
C VAL B 139 -40.82 -8.24 -5.24
N SER B 140 -39.97 -8.60 -4.29
CA SER B 140 -38.61 -9.01 -4.63
C SER B 140 -37.96 -9.65 -3.42
N THR B 141 -36.81 -10.27 -3.65
CA THR B 141 -35.95 -10.77 -2.58
C THR B 141 -34.58 -10.11 -2.68
N GLN B 142 -33.82 -10.23 -1.58
CA GLN B 142 -32.43 -9.77 -1.44
C GLN B 142 -32.30 -8.25 -1.50
N LEU B 143 -32.83 -7.63 -2.55
CA LEU B 143 -32.75 -6.17 -2.72
C LEU B 143 -34.14 -5.60 -2.68
N LEU B 144 -34.34 -4.54 -1.89
CA LEU B 144 -35.58 -3.77 -1.90
C LEU B 144 -35.47 -2.68 -2.94
N LEU B 145 -36.45 -2.61 -3.85
CA LEU B 145 -36.38 -1.77 -5.03
C LEU B 145 -37.43 -0.69 -4.96
N ASN B 146 -37.08 0.51 -5.40
CA ASN B 146 -38.04 1.58 -5.64
C ASN B 146 -38.77 2.01 -4.37
N GLY B 147 -38.17 1.79 -3.20
CA GLY B 147 -38.74 2.31 -1.97
C GLY B 147 -38.34 3.75 -1.74
N SER B 148 -38.54 4.22 -0.52
CA SER B 148 -38.10 5.57 -0.16
C SER B 148 -36.90 5.49 0.77
N LEU B 149 -35.93 6.38 0.55
CA LEU B 149 -34.68 6.30 1.26
C LEU B 149 -34.75 6.94 2.64
N ALA B 150 -33.92 6.45 3.55
CA ALA B 150 -33.74 7.12 4.84
C ALA B 150 -33.19 8.52 4.61
N GLU B 151 -33.56 9.45 5.47
CA GLU B 151 -33.27 10.85 5.20
C GLU B 151 -31.90 11.27 5.69
N GLU B 152 -31.41 10.58 6.73
CA GLU B 152 -30.16 10.85 7.41
C GLU B 152 -29.20 9.69 7.21
N GLU B 153 -29.07 8.79 8.16
CA GLU B 153 -27.97 7.86 8.04
C GLU B 153 -28.60 6.52 7.71
N ILE B 154 -27.79 5.58 7.22
CA ILE B 154 -28.31 4.24 6.97
C ILE B 154 -28.87 3.68 8.27
N ILE B 155 -30.07 3.09 8.22
CA ILE B 155 -30.72 2.53 9.41
C ILE B 155 -30.70 1.01 9.32
N ILE B 156 -30.36 0.36 10.43
CA ILE B 156 -30.43 -1.09 10.55
C ILE B 156 -31.70 -1.43 11.32
N ARG B 157 -32.58 -2.22 10.73
CA ARG B 157 -33.80 -2.65 11.39
C ARG B 157 -33.82 -4.16 11.57
N SER B 158 -34.22 -4.59 12.75
CA SER B 158 -34.36 -6.01 13.02
C SER B 158 -35.28 -6.16 14.21
N GLU B 159 -36.06 -7.24 14.20
CA GLU B 159 -36.87 -7.54 15.38
C GLU B 159 -35.97 -7.85 16.56
N ASN B 160 -34.80 -8.43 16.30
CA ASN B 160 -33.88 -8.85 17.34
C ASN B 160 -32.51 -9.16 16.75
N LEU B 161 -31.59 -8.18 16.77
CA LEU B 161 -30.30 -8.38 16.13
C LEU B 161 -29.51 -9.54 16.71
N THR B 162 -29.75 -9.91 17.98
CA THR B 162 -29.01 -11.03 18.54
C THR B 162 -29.54 -12.36 18.02
N ASN B 163 -30.81 -12.42 17.64
CA ASN B 163 -31.35 -13.61 17.03
C ASN B 163 -31.12 -13.58 15.53
N ASN B 164 -30.20 -14.44 15.11
CA ASN B 164 -29.70 -14.46 13.76
C ASN B 164 -30.69 -15.06 12.77
N ALA B 165 -31.76 -15.67 13.26
CA ALA B 165 -32.88 -16.08 12.43
C ALA B 165 -33.78 -14.92 12.02
N LYS B 166 -33.63 -13.75 12.62
CA LYS B 166 -34.51 -12.63 12.30
C LYS B 166 -33.93 -11.81 11.14
N THR B 167 -34.74 -11.58 10.13
CA THR B 167 -34.32 -10.79 8.98
C THR B 167 -33.86 -9.41 9.40
N ILE B 168 -32.76 -8.94 8.80
CA ILE B 168 -32.29 -7.57 8.98
C ILE B 168 -32.70 -6.76 7.76
N ILE B 169 -33.31 -5.60 7.98
CA ILE B 169 -33.63 -4.69 6.88
C ILE B 169 -32.65 -3.52 6.98
N VAL B 170 -31.88 -3.32 5.93
CA VAL B 170 -30.99 -2.17 5.83
C VAL B 170 -31.71 -1.09 5.03
N HIS B 171 -31.94 0.06 5.64
CA HIS B 171 -32.59 1.18 4.97
C HIS B 171 -31.49 2.13 4.46
N LEU B 172 -31.32 2.17 3.15
CA LEU B 172 -30.26 2.97 2.55
C LEU B 172 -30.65 4.45 2.54
N ASN B 173 -29.64 5.32 2.66
CA ASN B 173 -29.91 6.76 2.50
C ASN B 173 -29.57 7.28 1.12
N GLU B 174 -28.97 6.47 0.26
CA GLU B 174 -28.69 6.85 -1.11
C GLU B 174 -29.02 5.66 -1.99
N SER B 175 -29.72 5.88 -3.08
CA SER B 175 -30.11 4.73 -3.88
C SER B 175 -28.95 4.30 -4.76
N VAL B 176 -29.01 3.03 -5.20
CA VAL B 176 -28.04 2.44 -6.10
C VAL B 176 -28.79 1.92 -7.31
N ASN B 177 -28.40 2.38 -8.49
CA ASN B 177 -29.11 2.00 -9.70
C ASN B 177 -28.84 0.54 -10.05
N ILE B 178 -29.90 -0.17 -10.44
CA ILE B 178 -29.71 -1.49 -11.02
C ILE B 178 -30.57 -1.55 -12.28
N VAL B 179 -29.93 -1.82 -13.42
CA VAL B 179 -30.60 -1.92 -14.71
C VAL B 179 -30.55 -3.36 -15.14
N CYS B 180 -31.72 -3.98 -15.30
CA CYS B 180 -31.81 -5.38 -15.69
C CYS B 180 -32.50 -5.46 -17.04
N THR B 181 -31.97 -6.29 -17.93
CA THR B 181 -32.45 -6.32 -19.30
C THR B 181 -32.36 -7.72 -19.89
N ARG B 182 -33.43 -8.12 -20.58
CA ARG B 182 -33.41 -9.23 -21.52
C ARG B 182 -33.36 -8.60 -22.90
N PRO B 183 -32.21 -8.59 -23.57
CA PRO B 183 -32.08 -7.83 -24.82
C PRO B 183 -32.94 -8.43 -25.91
N ASN B 184 -33.16 -7.64 -26.97
CA ASN B 184 -33.77 -8.19 -28.18
C ASN B 184 -33.21 -9.57 -28.52
N ASN B 193 -30.26 -17.42 -26.03
CA ASN B 193 -31.38 -17.75 -25.14
C ASN B 193 -32.37 -16.61 -25.02
N ILE B 194 -33.67 -16.91 -25.07
CA ILE B 194 -34.65 -15.85 -24.81
C ILE B 194 -34.89 -15.67 -23.32
N ARG B 195 -34.32 -16.53 -22.48
CA ARG B 195 -34.44 -16.37 -21.04
C ARG B 195 -33.18 -15.84 -20.40
N GLN B 196 -32.10 -15.67 -21.19
CA GLN B 196 -30.92 -14.95 -20.72
C GLN B 196 -31.17 -13.46 -20.55
N ALA B 197 -30.75 -12.93 -19.40
CA ALA B 197 -30.81 -11.51 -19.10
C ALA B 197 -29.63 -11.18 -18.19
N HIS B 198 -29.46 -9.90 -17.91
CA HIS B 198 -28.38 -9.49 -17.02
C HIS B 198 -28.73 -8.15 -16.40
N CYS B 199 -28.12 -7.87 -15.25
CA CYS B 199 -28.24 -6.58 -14.58
C CYS B 199 -26.88 -5.92 -14.45
N ASN B 200 -26.85 -4.60 -14.56
CA ASN B 200 -25.63 -3.83 -14.40
C ASN B 200 -25.72 -2.94 -13.18
N ILE B 201 -24.71 -3.00 -12.32
CA ILE B 201 -24.60 -2.12 -11.17
C ILE B 201 -23.22 -1.46 -11.20
N ASN B 202 -23.19 -0.14 -11.01
CA ASN B 202 -21.94 0.61 -11.00
C ASN B 202 -21.13 0.23 -9.76
N GLU B 203 -19.96 -0.37 -9.95
CA GLU B 203 -19.21 -0.88 -8.81
C GLU B 203 -18.78 0.23 -7.86
N SER B 204 -18.54 1.44 -8.37
CA SER B 204 -18.25 2.54 -7.46
C SER B 204 -19.34 2.69 -6.40
N LYS B 205 -20.61 2.89 -6.83
CA LYS B 205 -21.57 3.20 -5.78
C LYS B 205 -21.82 1.99 -4.90
N TRP B 206 -21.84 0.79 -5.48
CA TRP B 206 -22.02 -0.38 -4.64
C TRP B 206 -20.93 -0.44 -3.59
N ASN B 207 -19.69 -0.11 -3.99
CA ASN B 207 -18.54 -0.13 -3.10
C ASN B 207 -18.76 0.80 -1.92
N ASN B 208 -19.08 2.06 -2.22
CA ASN B 208 -19.50 3.02 -1.21
C ASN B 208 -20.60 2.51 -0.29
N THR B 209 -21.74 2.09 -0.85
CA THR B 209 -22.84 1.81 0.09
C THR B 209 -22.47 0.63 0.97
N LEU B 210 -21.74 -0.36 0.45
CA LEU B 210 -21.37 -1.45 1.35
C LEU B 210 -20.34 -1.00 2.37
N GLN B 211 -19.47 -0.06 2.02
CA GLN B 211 -18.59 0.53 3.03
C GLN B 211 -19.40 1.12 4.19
N LYS B 212 -20.47 1.84 3.87
CA LYS B 212 -21.32 2.48 4.87
C LYS B 212 -22.19 1.48 5.63
N VAL B 213 -22.76 0.50 4.93
CA VAL B 213 -23.51 -0.54 5.61
C VAL B 213 -22.60 -1.29 6.58
N GLY B 214 -21.37 -1.59 6.15
CA GLY B 214 -20.42 -2.21 7.03
C GLY B 214 -20.14 -1.37 8.26
N GLU B 215 -20.04 -0.05 8.07
CA GLU B 215 -19.86 0.83 9.23
C GLU B 215 -21.00 0.67 10.24
N GLU B 216 -22.25 0.75 9.77
CA GLU B 216 -23.38 0.68 10.70
C GLU B 216 -23.48 -0.70 11.37
N LEU B 217 -23.34 -1.76 10.58
CA LEU B 217 -23.32 -3.09 11.16
C LEU B 217 -22.19 -3.19 12.19
N ALA B 218 -21.07 -2.54 11.93
CA ALA B 218 -19.95 -2.57 12.87
C ALA B 218 -20.35 -1.96 14.19
N LYS B 219 -21.08 -0.84 14.13
CA LYS B 219 -21.59 -0.27 15.38
C LYS B 219 -22.39 -1.30 16.15
N HIS B 220 -23.14 -2.18 15.45
CA HIS B 220 -23.90 -3.15 16.24
C HIS B 220 -23.13 -4.42 16.60
N PHE B 221 -22.06 -4.75 15.89
CA PHE B 221 -21.20 -5.88 16.23
C PHE B 221 -19.76 -5.37 16.26
N PRO B 222 -19.30 -4.81 17.40
CA PRO B 222 -18.10 -3.96 17.41
C PRO B 222 -16.77 -4.70 17.38
N SER B 223 -16.68 -5.89 17.95
CA SER B 223 -15.39 -6.58 17.87
C SER B 223 -15.14 -7.20 16.51
N LYS B 224 -16.18 -7.44 15.74
CA LYS B 224 -16.00 -8.47 14.73
C LYS B 224 -15.68 -7.85 13.37
N THR B 225 -15.14 -8.68 12.49
CA THR B 225 -14.97 -8.31 11.09
C THR B 225 -16.28 -8.57 10.35
N ILE B 226 -16.67 -7.66 9.46
CA ILE B 226 -17.96 -7.74 8.77
C ILE B 226 -17.75 -8.27 7.37
N LYS B 227 -18.28 -9.46 7.08
CA LYS B 227 -18.20 -10.08 5.77
C LYS B 227 -19.57 -10.15 5.10
N PHE B 228 -19.60 -9.85 3.79
CA PHE B 228 -20.77 -10.08 2.96
C PHE B 228 -20.49 -11.27 2.05
N GLU B 229 -21.47 -12.14 1.90
CA GLU B 229 -21.30 -13.40 1.18
C GLU B 229 -22.62 -13.83 0.57
N PRO B 230 -22.60 -14.57 -0.54
CA PRO B 230 -23.82 -14.93 -1.24
C PRO B 230 -24.71 -15.82 -0.38
N SER B 231 -25.96 -15.92 -0.79
CA SER B 231 -26.92 -16.71 -0.04
C SER B 231 -26.51 -18.17 -0.03
N SER B 232 -26.48 -18.76 1.16
CA SER B 232 -26.13 -20.17 1.34
C SER B 232 -27.01 -21.08 0.49
N GLY B 233 -28.28 -21.25 0.84
CA GLY B 233 -29.09 -22.16 0.06
C GLY B 233 -30.57 -21.87 0.16
N GLY B 234 -31.33 -22.59 -0.64
CA GLY B 234 -32.78 -22.49 -0.61
C GLY B 234 -33.31 -22.53 -2.03
N ASP B 235 -34.59 -22.19 -2.15
CA ASP B 235 -35.22 -22.04 -3.46
C ASP B 235 -34.54 -20.91 -4.24
N LEU B 236 -34.53 -21.05 -5.56
CA LEU B 236 -33.93 -20.03 -6.40
C LEU B 236 -34.48 -18.64 -6.09
N GLU B 237 -35.76 -18.56 -5.71
CA GLU B 237 -36.36 -17.26 -5.45
C GLU B 237 -35.58 -16.45 -4.41
N ILE B 238 -34.95 -17.12 -3.44
CA ILE B 238 -34.27 -16.41 -2.36
C ILE B 238 -32.75 -16.51 -2.44
N THR B 239 -32.21 -17.47 -3.18
CA THR B 239 -30.76 -17.52 -3.38
C THR B 239 -30.32 -16.63 -4.52
N THR B 240 -31.25 -16.13 -5.31
CA THR B 240 -30.96 -15.07 -6.26
C THR B 240 -31.78 -13.85 -5.91
N HIS B 241 -31.49 -12.75 -6.59
CA HIS B 241 -32.32 -11.56 -6.48
C HIS B 241 -33.44 -11.74 -7.49
N SER B 242 -34.62 -12.13 -7.02
CA SER B 242 -35.74 -12.36 -7.91
C SER B 242 -36.75 -11.23 -7.78
N PHE B 243 -37.40 -10.91 -8.89
CA PHE B 243 -38.35 -9.81 -8.97
C PHE B 243 -39.12 -9.96 -10.26
N ASN B 244 -40.18 -9.18 -10.39
CA ASN B 244 -40.99 -9.18 -11.60
C ASN B 244 -40.74 -7.91 -12.39
N CYS B 245 -40.37 -8.06 -13.67
CA CYS B 245 -40.11 -6.93 -14.54
C CYS B 245 -41.05 -7.03 -15.73
N ARG B 246 -41.99 -6.09 -15.81
CA ARG B 246 -43.03 -6.02 -16.83
C ARG B 246 -43.64 -7.39 -17.08
N GLY B 247 -44.03 -8.06 -16.00
CA GLY B 247 -44.73 -9.31 -16.11
C GLY B 247 -43.86 -10.54 -16.08
N GLU B 248 -42.58 -10.41 -16.39
CA GLU B 248 -41.67 -11.53 -16.46
C GLU B 248 -40.90 -11.66 -15.15
N PHE B 249 -40.64 -12.91 -14.75
CA PHE B 249 -39.98 -13.18 -13.47
C PHE B 249 -38.48 -13.34 -13.69
N PHE B 250 -37.70 -12.37 -13.22
CA PHE B 250 -36.25 -12.42 -13.32
C PHE B 250 -35.65 -13.05 -12.08
N TYR B 251 -34.59 -13.84 -12.29
CA TYR B 251 -33.80 -14.45 -11.22
C TYR B 251 -32.34 -14.10 -11.48
N CYS B 252 -31.76 -13.23 -10.65
CA CYS B 252 -30.46 -12.63 -10.94
C CYS B 252 -29.42 -13.03 -9.91
N ASN B 253 -28.34 -13.67 -10.38
CA ASN B 253 -27.29 -14.18 -9.51
C ASN B 253 -26.56 -13.02 -8.84
N THR B 254 -26.41 -13.07 -7.52
CA THR B 254 -25.80 -11.96 -6.79
C THR B 254 -24.48 -12.33 -6.12
N SER B 255 -23.86 -13.44 -6.51
CA SER B 255 -22.62 -13.83 -5.86
C SER B 255 -21.48 -12.86 -6.13
N ASP B 256 -21.52 -12.11 -7.23
CA ASP B 256 -20.55 -11.04 -7.39
C ASP B 256 -20.94 -9.77 -6.64
N LEU B 257 -22.11 -9.75 -6.02
CA LEU B 257 -22.62 -8.55 -5.35
C LEU B 257 -22.44 -8.62 -3.85
N PHE B 258 -22.85 -9.72 -3.23
CA PHE B 258 -22.71 -9.92 -1.80
C PHE B 258 -21.45 -10.75 -1.61
N ASN B 259 -20.31 -10.06 -1.56
CA ASN B 259 -19.01 -10.68 -1.75
C ASN B 259 -17.94 -9.63 -1.45
N GLY B 260 -17.60 -9.47 -0.19
CA GLY B 260 -16.71 -8.39 0.21
C GLY B 260 -16.45 -8.46 1.70
N THR B 261 -15.39 -7.76 2.11
CA THR B 261 -14.98 -7.72 3.52
C THR B 261 -14.79 -6.27 3.96
N TYR B 262 -15.31 -5.97 5.16
CA TYR B 262 -15.11 -4.69 5.83
C TYR B 262 -14.32 -4.97 7.10
N ARG B 263 -13.05 -4.52 7.13
CA ARG B 263 -12.14 -4.88 8.21
C ARG B 263 -11.81 -3.71 9.12
N ASN B 264 -10.99 -2.81 8.60
CA ASN B 264 -10.29 -1.89 9.48
C ASN B 264 -10.89 -0.51 9.28
N GLY B 265 -12.21 -0.42 9.40
CA GLY B 265 -12.91 0.77 8.98
C GLY B 265 -12.91 0.90 7.47
N THR B 266 -12.46 -0.12 6.75
CA THR B 266 -12.40 -0.10 5.29
C THR B 266 -13.04 -1.34 4.68
N TYR B 267 -13.78 -1.10 3.58
CA TYR B 267 -14.46 -2.14 2.83
C TYR B 267 -13.64 -2.54 1.60
N ASN B 268 -13.53 -3.83 1.37
CA ASN B 268 -12.88 -4.33 0.16
C ASN B 268 -13.77 -5.34 -0.54
N HIS B 269 -14.07 -5.06 -1.82
CA HIS B 269 -14.98 -5.88 -2.61
C HIS B 269 -14.26 -7.08 -3.22
N THR B 270 -14.74 -8.26 -2.86
CA THR B 270 -14.24 -9.54 -3.36
C THR B 270 -14.94 -9.98 -4.63
N GLY B 271 -16.07 -9.39 -4.93
CA GLY B 271 -16.75 -9.72 -6.14
C GLY B 271 -16.03 -9.20 -7.36
N ARG B 272 -16.39 -9.83 -8.47
CA ARG B 272 -15.69 -9.66 -9.72
C ARG B 272 -16.43 -8.63 -10.55
N SER B 273 -15.70 -7.62 -11.03
CA SER B 273 -16.29 -6.64 -11.93
C SER B 273 -15.47 -6.53 -13.20
N SER B 274 -15.94 -5.66 -14.09
CA SER B 274 -15.41 -5.55 -15.44
C SER B 274 -15.66 -4.15 -15.89
N ASN B 275 -14.58 -3.38 -15.91
CA ASN B 275 -14.63 -2.08 -16.52
C ASN B 275 -15.59 -1.19 -15.75
N GLY B 276 -15.61 -1.38 -14.42
CA GLY B 276 -16.31 -0.53 -13.49
C GLY B 276 -17.73 -0.93 -13.14
N THR B 277 -18.20 -2.09 -13.58
CA THR B 277 -19.58 -2.50 -13.36
C THR B 277 -19.61 -3.95 -12.92
N ILE B 278 -20.45 -4.24 -11.93
CA ILE B 278 -20.81 -5.63 -11.64
C ILE B 278 -21.96 -5.99 -12.55
N THR B 279 -21.88 -7.15 -13.19
CA THR B 279 -22.95 -7.65 -14.05
C THR B 279 -23.48 -8.94 -13.45
N LEU B 280 -24.78 -8.94 -13.14
CA LEU B 280 -25.46 -10.13 -12.64
C LEU B 280 -26.05 -10.89 -13.80
N GLN B 281 -25.90 -12.20 -13.75
CA GLN B 281 -26.43 -13.07 -14.78
C GLN B 281 -27.83 -13.51 -14.35
N CYS B 282 -28.82 -13.29 -15.21
CA CYS B 282 -30.22 -13.54 -14.89
C CYS B 282 -30.82 -14.56 -15.83
N LYS B 283 -31.86 -15.22 -15.32
CA LYS B 283 -32.74 -16.07 -16.11
C LYS B 283 -34.18 -15.64 -15.88
N ILE B 284 -34.98 -15.66 -16.95
CA ILE B 284 -36.42 -15.46 -16.84
C ILE B 284 -37.06 -16.84 -16.76
N LYS B 285 -37.80 -17.08 -15.70
CA LYS B 285 -38.32 -18.40 -15.43
C LYS B 285 -39.84 -18.42 -15.52
N GLN B 286 -40.39 -19.63 -15.68
CA GLN B 286 -41.78 -19.94 -15.96
C GLN B 286 -42.44 -20.63 -14.79
N ILE B 287 -41.68 -21.46 -14.07
CA ILE B 287 -42.13 -22.14 -12.87
C ILE B 287 -41.64 -21.35 -11.67
N ILE B 288 -42.58 -20.89 -10.85
CA ILE B 288 -42.32 -19.91 -9.80
C ILE B 288 -42.76 -20.53 -8.48
N ASN B 289 -41.89 -20.47 -7.48
CA ASN B 289 -42.30 -20.73 -6.10
C ASN B 289 -42.96 -19.48 -5.57
N MET B 290 -44.21 -19.61 -5.14
CA MET B 290 -45.03 -18.44 -4.92
C MET B 290 -44.66 -17.80 -3.60
N TRP B 291 -44.73 -16.46 -3.56
CA TRP B 291 -44.55 -15.76 -2.32
C TRP B 291 -45.83 -15.68 -1.51
N GLN B 292 -46.99 -15.86 -2.16
CA GLN B 292 -48.26 -15.70 -1.46
C GLN B 292 -48.56 -16.84 -0.49
N GLU B 293 -48.12 -18.05 -0.83
CA GLU B 293 -48.44 -19.25 -0.07
C GLU B 293 -47.48 -20.32 -0.57
N VAL B 294 -47.46 -21.46 0.11
CA VAL B 294 -46.65 -22.57 -0.37
C VAL B 294 -47.32 -23.15 -1.62
N GLY B 295 -46.63 -23.05 -2.75
CA GLY B 295 -47.19 -23.54 -3.99
C GLY B 295 -46.32 -23.13 -5.15
N ARG B 296 -46.68 -23.65 -6.32
CA ARG B 296 -46.01 -23.31 -7.57
C ARG B 296 -46.97 -22.70 -8.57
N ALA B 297 -46.44 -21.77 -9.38
CA ALA B 297 -47.19 -21.13 -10.45
C ALA B 297 -46.38 -21.25 -11.73
N ILE B 298 -47.03 -21.65 -12.82
CA ILE B 298 -46.42 -21.72 -14.15
C ILE B 298 -47.03 -20.65 -15.04
N TYR B 299 -46.16 -19.90 -15.73
CA TYR B 299 -46.51 -18.81 -16.64
C TYR B 299 -46.03 -19.15 -18.04
N ALA B 300 -46.49 -18.36 -19.02
CA ALA B 300 -46.11 -18.55 -20.41
C ALA B 300 -44.71 -17.99 -20.67
N PRO B 301 -44.07 -18.37 -21.78
CA PRO B 301 -42.71 -17.90 -22.07
C PRO B 301 -42.67 -16.39 -22.26
N PRO B 302 -41.49 -15.80 -22.30
CA PRO B 302 -41.41 -14.33 -22.21
C PRO B 302 -42.02 -13.66 -23.43
N ILE B 303 -42.54 -12.45 -23.22
CA ILE B 303 -42.90 -11.59 -24.34
C ILE B 303 -41.66 -11.40 -25.19
N GLU B 304 -41.84 -10.81 -26.36
CA GLU B 304 -40.79 -10.59 -27.33
C GLU B 304 -40.22 -9.17 -27.23
N GLY B 305 -39.01 -9.02 -27.76
CA GLY B 305 -38.30 -7.77 -27.66
C GLY B 305 -37.49 -7.64 -26.38
N GLU B 306 -37.22 -6.38 -26.03
CA GLU B 306 -36.23 -6.08 -25.02
C GLU B 306 -37.00 -5.83 -23.72
N ILE B 307 -36.75 -6.62 -22.69
CA ILE B 307 -37.41 -6.43 -21.40
C ILE B 307 -36.40 -5.79 -20.47
N THR B 308 -36.69 -4.55 -20.06
CA THR B 308 -35.76 -3.77 -19.25
C THR B 308 -36.48 -3.04 -18.13
N CYS B 309 -35.95 -3.19 -16.91
CA CYS B 309 -36.38 -2.40 -15.76
C CYS B 309 -35.16 -1.65 -15.25
N ASN B 310 -35.34 -0.36 -15.01
CA ASN B 310 -34.32 0.50 -14.43
C ASN B 310 -34.80 0.92 -13.05
N SER B 311 -34.21 0.33 -12.01
CA SER B 311 -34.75 0.46 -10.66
C SER B 311 -33.71 1.07 -9.75
N ASN B 312 -34.17 1.60 -8.61
CA ASN B 312 -33.27 2.02 -7.56
C ASN B 312 -33.26 0.97 -6.45
N ILE B 313 -32.07 0.47 -6.10
CA ILE B 313 -31.93 -0.25 -4.85
C ILE B 313 -32.02 0.76 -3.71
N THR B 314 -33.02 0.60 -2.84
CA THR B 314 -33.16 1.49 -1.70
C THR B 314 -33.01 0.78 -0.36
N GLY B 315 -32.80 -0.52 -0.35
CA GLY B 315 -32.61 -1.23 0.90
C GLY B 315 -32.12 -2.63 0.63
N LEU B 316 -31.68 -3.31 1.70
CA LEU B 316 -31.23 -4.69 1.62
C LEU B 316 -31.98 -5.53 2.64
N LEU B 317 -32.13 -6.82 2.33
CA LEU B 317 -32.62 -7.83 3.26
C LEU B 317 -31.48 -8.79 3.55
N LEU B 318 -31.03 -8.85 4.80
CA LEU B 318 -29.85 -9.62 5.15
C LEU B 318 -30.18 -10.62 6.25
N LEU B 319 -29.37 -11.67 6.31
CA LEU B 319 -29.44 -12.67 7.36
C LEU B 319 -28.04 -12.94 7.87
N ARG B 320 -27.86 -12.87 9.18
CA ARG B 320 -26.58 -13.12 9.81
C ARG B 320 -26.37 -14.60 10.10
N ASP B 321 -25.18 -15.09 9.77
CA ASP B 321 -24.71 -16.41 10.16
C ASP B 321 -24.60 -16.60 11.66
N ASP B 330 -14.21 -12.12 16.56
CA ASP B 330 -14.26 -13.01 15.40
C ASP B 330 -14.70 -12.23 14.16
N THR B 331 -15.53 -12.94 13.41
CA THR B 331 -16.20 -12.47 12.21
C THR B 331 -17.72 -12.63 12.34
N GLU B 332 -18.45 -11.65 11.81
CA GLU B 332 -19.86 -11.79 11.50
C GLU B 332 -20.05 -11.78 9.99
N THR B 333 -20.94 -12.64 9.50
CA THR B 333 -21.13 -12.85 8.07
C THR B 333 -22.59 -12.62 7.72
N PHE B 334 -22.83 -11.78 6.72
CA PHE B 334 -24.18 -11.43 6.29
C PHE B 334 -24.41 -11.87 4.86
N ARG B 335 -25.56 -12.52 4.64
CA ARG B 335 -25.98 -12.98 3.33
C ARG B 335 -27.33 -12.38 2.96
N PRO B 336 -27.62 -12.21 1.67
CA PRO B 336 -28.92 -11.68 1.29
C PRO B 336 -30.02 -12.65 1.68
N GLY B 337 -31.18 -12.09 2.05
CA GLY B 337 -32.32 -12.88 2.44
C GLY B 337 -33.59 -12.50 1.71
N GLY B 338 -34.74 -12.72 2.33
CA GLY B 338 -36.01 -12.45 1.72
C GLY B 338 -36.86 -13.69 1.63
N GLY B 339 -38.04 -13.53 1.02
CA GLY B 339 -38.99 -14.61 0.83
C GLY B 339 -40.33 -14.34 1.47
N ASP B 340 -40.34 -13.52 2.52
CA ASP B 340 -41.56 -13.12 3.21
C ASP B 340 -41.83 -11.68 2.80
N MET B 341 -42.73 -11.48 1.83
CA MET B 341 -42.97 -10.15 1.29
C MET B 341 -43.46 -9.17 2.34
N ARG B 342 -43.89 -9.67 3.50
CA ARG B 342 -44.27 -8.78 4.57
C ARG B 342 -43.10 -7.92 5.05
N ASP B 343 -41.86 -8.42 4.94
CA ASP B 343 -40.73 -7.58 5.28
C ASP B 343 -40.61 -6.42 4.30
N ASN B 344 -40.87 -6.67 3.01
CA ASN B 344 -40.89 -5.58 2.05
C ASN B 344 -41.90 -4.52 2.46
N TRP B 345 -43.11 -4.95 2.85
CA TRP B 345 -44.06 -3.94 3.29
C TRP B 345 -43.60 -3.24 4.57
N ARG B 346 -43.06 -3.98 5.55
CA ARG B 346 -42.58 -3.36 6.79
C ARG B 346 -41.56 -2.28 6.52
N SER B 347 -40.73 -2.47 5.49
CA SER B 347 -39.65 -1.54 5.24
C SER B 347 -40.18 -0.16 4.90
N GLU B 348 -41.42 -0.07 4.45
CA GLU B 348 -42.09 1.19 4.14
C GLU B 348 -43.07 1.61 5.23
N LEU B 349 -43.70 0.65 5.91
CA LEU B 349 -44.71 0.94 6.91
C LEU B 349 -44.15 1.12 8.30
N TYR B 350 -42.83 1.02 8.47
CA TYR B 350 -42.25 0.92 9.81
C TYR B 350 -42.62 2.10 10.70
N LYS B 351 -42.84 3.27 10.11
CA LYS B 351 -43.04 4.46 10.92
C LYS B 351 -44.50 4.80 11.15
N TYR B 352 -45.42 3.88 10.85
CA TYR B 352 -46.84 4.13 10.99
C TYR B 352 -47.45 3.18 11.99
N LYS B 353 -48.52 3.65 12.63
CA LYS B 353 -49.30 2.92 13.62
C LYS B 353 -50.72 3.46 13.52
N VAL B 354 -51.72 2.60 13.64
CA VAL B 354 -53.12 3.00 13.56
C VAL B 354 -53.66 3.16 14.98
N VAL B 355 -54.44 4.22 15.26
CA VAL B 355 -54.85 4.36 16.66
C VAL B 355 -56.33 4.72 16.68
N GLU B 356 -56.98 4.34 17.79
CA GLU B 356 -58.16 5.02 18.38
C GLU B 356 -59.48 4.43 17.93
N LYS C 6 33.02 -19.11 -19.87
CA LYS C 6 34.18 -20.00 -20.01
C LYS C 6 35.49 -19.22 -19.72
N THR C 7 35.42 -17.88 -19.80
CA THR C 7 36.55 -16.97 -19.61
C THR C 7 36.15 -15.83 -18.68
N THR C 8 36.91 -14.74 -18.58
CA THR C 8 36.50 -13.59 -17.77
C THR C 8 36.07 -12.44 -18.68
N LEU C 9 34.87 -11.91 -18.44
CA LEU C 9 34.30 -10.84 -19.24
C LEU C 9 34.82 -9.49 -18.76
N PHE C 10 34.59 -8.45 -19.58
CA PHE C 10 34.78 -7.09 -19.12
C PHE C 10 33.49 -6.32 -19.38
N CYS C 11 33.32 -5.19 -18.69
CA CYS C 11 32.09 -4.43 -18.80
C CYS C 11 32.32 -3.17 -19.62
N ALA C 12 31.23 -2.66 -20.19
CA ALA C 12 31.25 -1.44 -20.98
C ALA C 12 30.02 -0.59 -20.61
N SER C 13 30.16 0.73 -20.70
CA SER C 13 29.11 1.64 -20.23
C SER C 13 29.30 3.06 -20.77
N ASP C 14 28.19 3.78 -20.91
CA ASP C 14 28.16 5.25 -20.88
C ASP C 14 28.33 5.86 -19.50
N ALA C 15 29.14 5.33 -18.60
CA ALA C 15 29.38 6.13 -17.41
C ALA C 15 30.09 7.41 -17.82
N LYS C 16 29.75 8.51 -17.16
CA LYS C 16 30.38 9.78 -17.47
C LYS C 16 31.25 10.21 -16.32
N ALA C 17 32.48 10.60 -16.67
CA ALA C 17 33.35 11.45 -15.88
C ALA C 17 32.53 12.17 -14.83
N TYR C 18 31.71 13.09 -15.34
CA TYR C 18 31.18 14.19 -14.57
C TYR C 18 30.28 13.73 -13.45
N GLU C 19 29.52 12.64 -13.64
CA GLU C 19 28.64 12.19 -12.57
C GLU C 19 29.41 11.93 -11.28
N LYS C 20 28.85 12.33 -10.12
CA LYS C 20 29.17 11.63 -8.88
C LYS C 20 28.18 10.57 -8.53
N GLU C 21 27.16 10.37 -9.36
CA GLU C 21 26.31 9.21 -9.15
C GLU C 21 27.21 7.98 -9.11
N VAL C 22 26.96 7.11 -8.13
CA VAL C 22 27.98 6.14 -7.76
C VAL C 22 28.10 5.01 -8.79
N HIS C 23 27.02 4.65 -9.49
CA HIS C 23 27.19 3.70 -10.59
C HIS C 23 28.14 4.25 -11.63
N ASN C 24 27.99 5.54 -11.98
CA ASN C 24 28.90 6.16 -12.93
C ASN C 24 30.34 6.10 -12.47
N VAL C 25 30.59 6.43 -11.20
CA VAL C 25 31.97 6.42 -10.69
C VAL C 25 32.56 5.03 -10.79
N TRP C 26 31.82 4.05 -10.26
CA TRP C 26 32.30 2.69 -10.27
C TRP C 26 32.60 2.25 -11.69
N ALA C 27 31.67 2.52 -12.62
CA ALA C 27 31.87 2.10 -14.00
C ALA C 27 33.01 2.85 -14.67
N THR C 28 33.31 4.07 -14.20
CA THR C 28 34.33 4.88 -14.86
C THR C 28 35.67 4.22 -14.66
N HIS C 29 35.94 3.73 -13.45
CA HIS C 29 37.16 2.93 -13.39
C HIS C 29 36.97 1.42 -13.34
N ALA C 30 35.79 0.87 -13.65
CA ALA C 30 35.73 -0.58 -13.83
C ALA C 30 35.44 -1.02 -15.25
N CYS C 31 34.88 -0.17 -16.11
CA CYS C 31 34.41 -0.56 -17.43
C CYS C 31 35.09 0.26 -18.51
N VAL C 32 34.98 -0.21 -19.75
CA VAL C 32 35.49 0.53 -20.91
C VAL C 32 34.30 1.21 -21.56
N PRO C 33 34.50 2.20 -22.44
CA PRO C 33 33.35 2.83 -23.08
C PRO C 33 32.63 1.88 -24.03
N THR C 34 31.29 1.95 -24.01
CA THR C 34 30.49 1.32 -25.05
C THR C 34 31.00 1.67 -26.44
N ASP C 35 30.95 0.66 -27.31
CA ASP C 35 31.32 0.81 -28.69
C ASP C 35 30.13 1.36 -29.47
N PRO C 36 30.25 2.54 -30.07
CA PRO C 36 29.09 3.19 -30.69
C PRO C 36 28.55 2.38 -31.83
N ASN C 37 29.50 1.70 -32.51
CA ASN C 37 29.28 0.80 -33.64
C ASN C 37 29.32 -0.68 -33.30
N PRO C 38 28.25 -1.25 -32.77
CA PRO C 38 28.39 -2.64 -32.33
C PRO C 38 28.24 -3.61 -33.49
N GLN C 39 29.05 -4.67 -33.56
CA GLN C 39 28.85 -5.65 -34.61
C GLN C 39 28.10 -6.87 -34.07
N GLU C 40 27.24 -7.40 -34.93
CA GLU C 40 26.35 -8.49 -34.61
C GLU C 40 26.23 -9.31 -35.89
N MET C 41 26.01 -10.58 -35.75
CA MET C 41 26.12 -11.51 -36.88
C MET C 41 24.93 -12.42 -36.81
N VAL C 42 23.88 -12.21 -37.58
CA VAL C 42 22.74 -13.13 -37.48
C VAL C 42 23.10 -14.45 -38.15
N LEU C 43 22.60 -15.58 -37.60
CA LEU C 43 22.83 -16.92 -38.17
C LEU C 43 21.57 -17.77 -37.99
N ALA C 44 20.44 -17.34 -38.59
CA ALA C 44 19.10 -17.85 -38.28
C ALA C 44 18.90 -19.32 -38.60
N ASN C 45 19.96 -20.05 -38.96
CA ASN C 45 19.85 -21.45 -39.33
C ASN C 45 20.40 -22.41 -38.27
N VAL C 46 21.17 -21.91 -37.30
CA VAL C 46 22.24 -22.70 -36.68
C VAL C 46 21.70 -23.67 -35.64
N THR C 47 21.05 -23.16 -34.59
CA THR C 47 20.56 -23.90 -33.43
C THR C 47 21.66 -24.30 -32.45
N GLU C 48 21.62 -23.77 -31.21
CA GLU C 48 22.54 -24.21 -30.17
C GLU C 48 21.78 -24.22 -28.85
N ASN C 49 22.38 -24.75 -27.78
CA ASN C 49 21.63 -24.80 -26.53
C ASN C 49 22.15 -23.75 -25.55
N PHE C 50 21.26 -23.39 -24.62
CA PHE C 50 21.51 -22.41 -23.57
C PHE C 50 20.95 -22.97 -22.27
N ASN C 51 21.47 -22.46 -21.14
CA ASN C 51 20.87 -22.77 -19.84
C ASN C 51 21.07 -21.58 -18.94
N MET C 52 20.02 -20.74 -18.84
CA MET C 52 20.10 -19.54 -18.02
C MET C 52 20.35 -19.84 -16.55
N TRP C 53 20.10 -21.06 -16.10
CA TRP C 53 20.27 -21.38 -14.69
C TRP C 53 21.68 -21.82 -14.38
N LYS C 54 22.48 -22.14 -15.39
CA LYS C 54 23.90 -22.53 -15.26
C LYS C 54 24.67 -21.59 -16.19
N ASN C 55 24.82 -20.33 -15.84
CA ASN C 55 25.43 -19.37 -16.76
C ASN C 55 26.43 -18.55 -15.96
N ASP C 56 27.71 -18.67 -16.31
CA ASP C 56 28.75 -18.03 -15.53
C ASP C 56 28.89 -16.53 -15.85
N MET C 57 28.19 -16.01 -16.88
CA MET C 57 28.01 -14.56 -16.92
C MET C 57 27.23 -14.06 -15.70
N VAL C 58 26.30 -14.86 -15.20
CA VAL C 58 25.51 -14.45 -14.04
C VAL C 58 26.42 -14.27 -12.83
N GLU C 59 27.31 -15.24 -12.57
CA GLU C 59 28.21 -15.12 -11.42
C GLU C 59 29.17 -13.96 -11.59
N GLN C 60 29.69 -13.75 -12.81
CA GLN C 60 30.60 -12.64 -13.00
C GLN C 60 29.91 -11.30 -12.76
N MET C 61 28.70 -11.13 -13.28
CA MET C 61 27.97 -9.88 -12.99
C MET C 61 27.65 -9.77 -11.50
N HIS C 62 27.28 -10.87 -10.85
CA HIS C 62 26.96 -10.82 -9.42
C HIS C 62 28.15 -10.27 -8.66
N GLU C 63 29.34 -10.76 -8.99
CA GLU C 63 30.53 -10.30 -8.28
C GLU C 63 30.77 -8.82 -8.57
N ASP C 64 30.55 -8.39 -9.82
CA ASP C 64 30.70 -6.97 -10.13
C ASP C 64 29.77 -6.12 -9.29
N ILE C 65 28.51 -6.50 -9.19
CA ILE C 65 27.55 -5.65 -8.50
C ILE C 65 27.84 -5.65 -7.01
N ILE C 66 28.30 -6.78 -6.46
CA ILE C 66 28.76 -6.78 -5.07
C ILE C 66 29.86 -5.74 -4.89
N SER C 67 30.81 -5.70 -5.82
CA SER C 67 31.90 -4.73 -5.72
C SER C 67 31.37 -3.30 -5.81
N LEU C 68 30.46 -3.06 -6.76
CA LEU C 68 29.87 -1.74 -6.93
C LEU C 68 29.19 -1.28 -5.64
N TRP C 69 28.43 -2.18 -5.01
CA TRP C 69 27.77 -1.80 -3.78
C TRP C 69 28.76 -1.59 -2.63
N ASP C 70 29.84 -2.40 -2.54
CA ASP C 70 30.91 -2.11 -1.58
C ASP C 70 31.43 -0.70 -1.71
N GLU C 71 31.81 -0.32 -2.91
CA GLU C 71 32.38 1.00 -3.12
C GLU C 71 31.38 2.13 -3.04
N SER C 72 30.10 1.86 -3.24
CA SER C 72 29.14 2.93 -3.45
C SER C 72 28.19 3.14 -2.28
N LEU C 73 27.69 2.06 -1.68
CA LEU C 73 26.70 2.13 -0.61
C LEU C 73 27.29 1.54 0.66
N LYS C 74 28.30 2.18 1.13
CA LYS C 74 28.95 1.77 2.36
C LYS C 74 28.01 1.95 3.55
N PRO C 75 27.83 0.92 4.36
CA PRO C 75 27.01 1.06 5.57
C PRO C 75 27.81 1.67 6.71
N CYS C 76 27.10 2.34 7.60
CA CYS C 76 27.75 2.84 8.80
C CYS C 76 28.30 1.68 9.61
N VAL C 77 27.56 0.59 9.71
CA VAL C 77 28.03 -0.59 10.41
C VAL C 77 27.74 -1.81 9.56
N LYS C 78 28.69 -2.73 9.49
CA LYS C 78 28.46 -4.01 8.85
C LYS C 78 28.69 -5.12 9.88
N LEU C 79 27.62 -5.85 10.19
CA LEU C 79 27.65 -7.05 11.01
C LEU C 79 27.61 -8.33 10.20
N THR C 80 28.69 -9.11 10.31
CA THR C 80 28.77 -10.49 9.83
C THR C 80 29.13 -11.38 11.02
N GLY C 81 28.12 -12.01 11.62
CA GLY C 81 28.35 -12.91 12.73
C GLY C 81 28.70 -12.20 14.01
N GLY C 82 29.97 -12.21 14.38
CA GLY C 82 30.31 -11.57 15.63
C GLY C 82 30.99 -10.24 15.44
N SER C 83 31.47 -10.07 14.21
CA SER C 83 32.35 -8.97 13.85
C SER C 83 31.60 -7.84 13.20
N ALA C 84 31.90 -6.64 13.66
CA ALA C 84 31.23 -5.44 13.19
C ALA C 84 32.28 -4.52 12.60
N ILE C 85 32.08 -4.11 11.35
CA ILE C 85 32.95 -3.17 10.67
C ILE C 85 32.22 -1.84 10.56
N THR C 86 32.85 -0.77 11.05
CA THR C 86 32.36 0.61 10.88
C THR C 86 33.18 1.45 9.91
N GLN C 87 32.46 2.32 9.19
CA GLN C 87 33.08 3.22 8.22
C GLN C 87 32.11 4.33 7.87
N ALA C 88 32.65 5.38 7.27
CA ALA C 88 31.84 6.52 6.90
C ALA C 88 30.73 6.09 5.94
N CYS C 89 29.52 6.59 6.17
CA CYS C 89 28.35 6.20 5.38
C CYS C 89 27.62 7.43 4.86
N PRO C 90 28.27 8.23 4.02
CA PRO C 90 27.61 9.44 3.50
C PRO C 90 26.42 9.06 2.65
N LYS C 91 25.48 10.00 2.57
CA LYS C 91 24.43 9.92 1.58
C LYS C 91 24.99 10.22 0.20
N VAL C 92 24.54 9.48 -0.81
CA VAL C 92 25.13 9.56 -2.14
C VAL C 92 24.01 9.72 -3.15
N SER C 93 24.37 10.07 -4.38
CA SER C 93 23.36 10.03 -5.43
C SER C 93 23.47 8.67 -6.11
N PHE C 94 22.34 7.99 -6.22
CA PHE C 94 22.31 6.57 -6.54
C PHE C 94 21.21 6.37 -7.57
N ASP C 95 21.58 6.02 -8.79
CA ASP C 95 20.63 5.76 -9.85
C ASP C 95 21.24 4.78 -10.82
N PRO C 96 20.78 3.53 -10.87
CA PRO C 96 21.49 2.52 -11.67
C PRO C 96 21.61 2.92 -13.13
N ILE C 97 22.75 2.60 -13.71
CA ILE C 97 22.99 2.85 -15.13
C ILE C 97 23.18 1.49 -15.80
N PRO C 98 22.97 1.41 -17.13
CA PRO C 98 23.12 0.12 -17.81
C PRO C 98 24.58 -0.27 -17.97
N LEU C 99 24.83 -1.58 -17.86
CA LEU C 99 26.16 -2.16 -17.98
C LEU C 99 26.11 -3.21 -19.06
N HIS C 100 27.13 -3.23 -19.92
CA HIS C 100 27.25 -4.23 -20.96
C HIS C 100 28.35 -5.22 -20.57
N TYR C 101 28.10 -6.50 -20.79
CA TYR C 101 29.12 -7.51 -20.54
C TYR C 101 29.67 -7.99 -21.87
N CYS C 102 31.00 -7.98 -21.98
CA CYS C 102 31.69 -8.15 -23.26
C CYS C 102 32.64 -9.33 -23.18
N ALA C 103 32.71 -10.09 -24.29
CA ALA C 103 33.67 -11.18 -24.36
C ALA C 103 35.02 -10.66 -24.87
N PRO C 104 36.12 -11.08 -24.27
CA PRO C 104 37.42 -10.55 -24.64
C PRO C 104 37.90 -11.21 -25.94
N ALA C 105 39.05 -10.74 -26.40
CA ALA C 105 39.64 -11.24 -27.64
C ALA C 105 39.73 -12.76 -27.63
N GLY C 106 39.25 -13.38 -28.71
CA GLY C 106 39.25 -14.82 -28.84
C GLY C 106 37.94 -15.48 -28.46
N PHE C 107 37.05 -14.75 -27.79
CA PHE C 107 35.76 -15.28 -27.40
C PHE C 107 34.66 -14.44 -28.00
N ALA C 108 33.46 -15.00 -28.01
CA ALA C 108 32.29 -14.28 -28.45
C ALA C 108 31.15 -14.57 -27.49
N ILE C 109 30.07 -13.84 -27.67
CA ILE C 109 28.85 -14.04 -26.91
C ILE C 109 27.77 -14.43 -27.89
N LEU C 110 27.17 -15.60 -27.68
CA LEU C 110 26.05 -16.02 -28.51
C LEU C 110 24.76 -15.53 -27.90
N LYS C 111 23.97 -14.81 -28.69
CA LYS C 111 22.64 -14.36 -28.29
C LYS C 111 21.59 -15.25 -28.94
N CYS C 112 20.66 -15.75 -28.14
CA CYS C 112 19.53 -16.50 -28.69
C CYS C 112 18.46 -15.52 -29.15
N ASN C 113 18.07 -15.61 -30.43
CA ASN C 113 17.16 -14.66 -31.04
C ASN C 113 15.70 -15.10 -30.99
N ASN C 114 15.40 -16.31 -30.51
CA ASN C 114 14.02 -16.79 -30.45
C ASN C 114 13.25 -15.98 -29.42
N LYS C 115 12.25 -15.22 -29.91
CA LYS C 115 11.47 -14.31 -29.07
C LYS C 115 10.85 -14.98 -27.85
N THR C 116 10.61 -16.29 -27.92
CA THR C 116 9.85 -17.00 -26.89
C THR C 116 10.68 -18.06 -26.17
N PHE C 117 11.99 -18.09 -26.45
CA PHE C 117 12.94 -19.00 -25.80
C PHE C 117 12.73 -18.94 -24.29
N ASN C 118 12.61 -20.08 -23.62
CA ASN C 118 12.32 -19.99 -22.20
C ASN C 118 13.57 -19.92 -21.31
N GLY C 119 14.77 -19.81 -21.90
CA GLY C 119 16.01 -19.75 -21.14
C GLY C 119 16.77 -21.05 -21.12
N THR C 120 16.16 -22.11 -21.64
CA THR C 120 16.61 -23.48 -21.48
C THR C 120 16.42 -24.25 -22.78
N GLY C 121 17.40 -25.08 -23.11
CA GLY C 121 17.26 -25.99 -24.22
C GLY C 121 17.80 -25.41 -25.52
N PRO C 122 17.33 -25.95 -26.65
CA PRO C 122 17.84 -25.50 -27.94
C PRO C 122 17.13 -24.26 -28.45
N CYS C 123 17.89 -23.45 -29.18
CA CYS C 123 17.45 -22.19 -29.75
C CYS C 123 17.96 -22.10 -31.18
N ARG C 124 17.06 -21.89 -32.15
CA ARG C 124 17.47 -22.00 -33.56
C ARG C 124 18.09 -20.70 -34.06
N ASN C 125 17.32 -19.61 -34.09
CA ASN C 125 17.85 -18.33 -34.56
C ASN C 125 18.88 -17.84 -33.54
N VAL C 126 20.14 -17.72 -33.95
CA VAL C 126 21.23 -17.39 -33.04
C VAL C 126 22.13 -16.34 -33.69
N SER C 127 22.50 -15.33 -32.93
CA SER C 127 23.49 -14.35 -33.35
C SER C 127 24.79 -14.54 -32.57
N THR C 128 25.82 -13.84 -33.04
CA THR C 128 27.03 -13.67 -32.25
C THR C 128 27.36 -12.18 -32.17
N VAL C 129 27.70 -11.74 -30.95
CA VAL C 129 27.88 -10.33 -30.61
C VAL C 129 29.11 -10.21 -29.72
N GLN C 130 29.61 -8.98 -29.58
CA GLN C 130 30.74 -8.76 -28.67
C GLN C 130 30.30 -8.50 -27.24
N CYS C 131 29.17 -7.82 -27.06
CA CYS C 131 28.66 -7.48 -25.74
C CYS C 131 27.15 -7.69 -25.69
N THR C 132 26.64 -7.85 -24.47
CA THR C 132 25.21 -7.90 -24.23
C THR C 132 24.62 -6.52 -24.37
N HIS C 133 23.30 -6.45 -24.40
CA HIS C 133 22.65 -5.15 -24.25
C HIS C 133 22.97 -4.56 -22.88
N GLY C 134 22.55 -3.32 -22.67
CA GLY C 134 22.85 -2.65 -21.43
C GLY C 134 21.90 -3.12 -20.35
N ILE C 135 22.44 -3.67 -19.27
CA ILE C 135 21.63 -4.19 -18.18
C ILE C 135 21.79 -3.29 -16.98
N LYS C 136 20.70 -2.73 -16.48
CA LYS C 136 20.74 -1.98 -15.25
C LYS C 136 20.76 -2.94 -14.07
N PRO C 137 21.74 -2.87 -13.19
CA PRO C 137 21.82 -3.84 -12.08
C PRO C 137 20.90 -3.46 -10.92
N VAL C 138 19.61 -3.71 -11.09
CA VAL C 138 18.60 -3.24 -10.13
C VAL C 138 18.37 -4.31 -9.07
N VAL C 139 18.73 -4.00 -7.82
CA VAL C 139 18.56 -4.93 -6.71
C VAL C 139 17.14 -4.79 -6.17
N SER C 140 16.41 -5.91 -6.10
CA SER C 140 15.07 -5.88 -5.54
C SER C 140 14.59 -7.31 -5.31
N THR C 141 13.48 -7.44 -4.59
CA THR C 141 12.77 -8.70 -4.44
C THR C 141 11.35 -8.55 -4.95
N GLN C 142 10.70 -9.70 -5.18
CA GLN C 142 9.30 -9.84 -5.58
C GLN C 142 9.03 -9.29 -6.98
N LEU C 143 9.41 -8.04 -7.23
CA LEU C 143 9.17 -7.42 -8.53
C LEU C 143 10.51 -7.09 -9.16
N LEU C 144 10.68 -7.45 -10.43
CA LEU C 144 11.83 -7.04 -11.22
C LEU C 144 11.53 -5.71 -11.88
N LEU C 145 12.41 -4.72 -11.68
CA LEU C 145 12.15 -3.34 -12.06
C LEU C 145 13.11 -2.93 -13.16
N ASN C 146 12.62 -2.15 -14.12
CA ASN C 146 13.44 -1.46 -15.09
C ASN C 146 14.25 -2.42 -15.96
N GLY C 147 13.78 -3.65 -16.13
CA GLY C 147 14.41 -4.56 -17.07
C GLY C 147 13.91 -4.34 -18.48
N SER C 148 14.17 -5.30 -19.35
CA SER C 148 13.66 -5.24 -20.71
C SER C 148 12.56 -6.27 -20.89
N LEU C 149 11.50 -5.88 -21.60
CA LEU C 149 10.31 -6.72 -21.70
C LEU C 149 10.47 -7.79 -22.78
N ALA C 150 9.77 -8.90 -22.59
CA ALA C 150 9.65 -9.89 -23.64
C ALA C 150 8.95 -9.28 -24.85
N GLU C 151 9.32 -9.73 -26.04
CA GLU C 151 8.87 -9.04 -27.24
C GLU C 151 7.52 -9.53 -27.73
N GLU C 152 7.20 -10.79 -27.41
CA GLU C 152 6.00 -11.48 -27.83
C GLU C 152 5.13 -11.79 -26.62
N GLU C 153 5.17 -12.99 -26.11
CA GLU C 153 4.16 -13.32 -25.12
C GLU C 153 4.87 -13.39 -23.79
N ILE C 154 4.10 -13.35 -22.70
CA ILE C 154 4.73 -13.49 -21.38
C ILE C 154 5.44 -14.83 -21.33
N ILE C 155 6.67 -14.85 -20.83
CA ILE C 155 7.48 -16.06 -20.74
C ILE C 155 7.59 -16.49 -19.28
N ILE C 156 7.43 -17.78 -19.04
CA ILE C 156 7.63 -18.38 -17.72
C ILE C 156 8.99 -19.07 -17.74
N ARG C 157 9.89 -18.67 -16.84
CA ARG C 157 11.20 -19.30 -16.74
C ARG C 157 11.36 -19.96 -15.38
N SER C 158 11.91 -21.17 -15.40
CA SER C 158 12.21 -21.87 -14.17
C SER C 158 13.25 -22.92 -14.48
N GLU C 159 14.11 -23.19 -13.51
CA GLU C 159 15.05 -24.30 -13.68
C GLU C 159 14.30 -25.61 -13.76
N ASN C 160 13.16 -25.69 -13.05
CA ASN C 160 12.38 -26.92 -12.96
C ASN C 160 11.00 -26.63 -12.40
N LEU C 161 10.01 -26.44 -13.27
CA LEU C 161 8.68 -26.06 -12.80
C LEU C 161 8.06 -27.08 -11.86
N THR C 162 8.45 -28.35 -11.97
CA THR C 162 7.87 -29.35 -11.08
C THR C 162 8.46 -29.25 -9.67
N ASN C 163 9.69 -28.77 -9.56
CA ASN C 163 10.29 -28.52 -8.25
C ASN C 163 9.91 -27.14 -7.76
N ASN C 164 9.04 -27.14 -6.76
CA ASN C 164 8.42 -25.95 -6.24
C ASN C 164 9.37 -25.11 -5.40
N ALA C 165 10.53 -25.64 -5.07
CA ALA C 165 11.60 -24.87 -4.44
C ALA C 165 12.35 -23.99 -5.44
N LYS C 166 12.15 -24.19 -6.74
CA LYS C 166 12.89 -23.40 -7.73
C LYS C 166 12.13 -22.12 -8.06
N THR C 167 12.83 -20.99 -7.98
CA THR C 167 12.23 -19.70 -8.30
C THR C 167 11.68 -19.69 -9.71
N ILE C 168 10.50 -19.11 -9.88
CA ILE C 168 9.92 -18.86 -11.20
C ILE C 168 10.13 -17.41 -11.57
N ILE C 169 10.66 -17.15 -12.76
CA ILE C 169 10.79 -15.79 -13.27
C ILE C 169 9.73 -15.60 -14.33
N VAL C 170 8.85 -14.64 -14.13
CA VAL C 170 7.85 -14.26 -15.13
C VAL C 170 8.40 -13.06 -15.90
N HIS C 171 8.58 -13.22 -17.20
CA HIS C 171 9.05 -12.15 -18.06
C HIS C 171 7.83 -11.48 -18.71
N LEU C 172 7.53 -10.26 -18.30
CA LEU C 172 6.36 -9.56 -18.78
C LEU C 172 6.60 -9.01 -20.18
N ASN C 173 5.54 -8.94 -20.99
CA ASN C 173 5.66 -8.29 -22.29
C ASN C 173 5.15 -6.86 -22.29
N GLU C 174 4.55 -6.39 -21.20
CA GLU C 174 4.11 -5.02 -21.07
C GLU C 174 4.47 -4.56 -19.67
N SER C 175 5.05 -3.38 -19.55
CA SER C 175 5.46 -2.98 -18.22
C SER C 175 4.27 -2.43 -17.44
N VAL C 176 4.41 -2.44 -16.11
CA VAL C 176 3.41 -1.91 -15.19
C VAL C 176 4.09 -0.87 -14.33
N ASN C 177 3.55 0.35 -14.33
CA ASN C 177 4.18 1.43 -13.60
C ASN C 177 4.02 1.24 -12.11
N ILE C 178 5.08 1.49 -11.36
CA ILE C 178 4.97 1.57 -9.90
C ILE C 178 5.71 2.82 -9.47
N VAL C 179 5.00 3.72 -8.80
CA VAL C 179 5.54 4.97 -8.30
C VAL C 179 5.59 4.88 -6.79
N CYS C 180 6.79 4.98 -6.22
CA CYS C 180 6.98 4.88 -4.78
C CYS C 180 7.54 6.20 -4.28
N THR C 181 7.00 6.68 -3.16
CA THR C 181 7.36 8.01 -2.69
C THR C 181 7.35 8.08 -1.17
N ARG C 182 8.39 8.72 -0.62
CA ARG C 182 8.38 9.23 0.75
C ARG C 182 8.13 10.72 0.64
N PRO C 183 6.93 11.21 0.92
CA PRO C 183 6.62 12.61 0.64
C PRO C 183 7.44 13.54 1.53
N ASN C 184 7.48 14.82 1.14
CA ASN C 184 8.02 15.84 2.05
C ASN C 184 7.57 15.62 3.48
N ASN C 193 5.58 10.31 10.15
CA ASN C 193 6.80 9.51 10.09
C ASN C 193 7.69 9.90 8.92
N ILE C 194 9.00 10.00 9.15
CA ILE C 194 9.91 10.22 8.02
C ILE C 194 10.26 8.92 7.32
N ARG C 195 9.85 7.78 7.88
CA ARG C 195 10.09 6.50 7.22
C ARG C 195 8.84 5.93 6.58
N GLN C 196 7.70 6.59 6.74
CA GLN C 196 6.50 6.26 5.97
C GLN C 196 6.63 6.63 4.50
N ALA C 197 6.27 5.69 3.64
CA ALA C 197 6.23 5.88 2.20
C ALA C 197 5.11 5.01 1.64
N HIS C 198 4.85 5.16 0.34
CA HIS C 198 3.82 4.34 -0.28
C HIS C 198 4.10 4.25 -1.76
N CYS C 199 3.58 3.19 -2.39
CA CYS C 199 3.65 3.01 -3.84
C CYS C 199 2.25 2.96 -4.42
N ASN C 200 2.09 3.50 -5.63
CA ASN C 200 0.82 3.47 -6.34
C ASN C 200 0.95 2.63 -7.60
N ILE C 201 0.03 1.68 -7.78
CA ILE C 201 -0.06 0.89 -9.00
C ILE C 201 -1.49 0.98 -9.53
N ASN C 202 -1.62 1.24 -10.83
CA ASN C 202 -2.92 1.34 -11.47
C ASN C 202 -3.58 -0.05 -11.50
N GLU C 203 -4.70 -0.20 -10.79
CA GLU C 203 -5.30 -1.53 -10.69
C GLU C 203 -5.74 -2.09 -12.02
N SER C 204 -6.13 -1.25 -12.96
CA SER C 204 -6.44 -1.76 -14.28
C SER C 204 -5.27 -2.56 -14.86
N LYS C 205 -4.07 -1.96 -14.96
CA LYS C 205 -3.04 -2.72 -15.67
C LYS C 205 -2.61 -3.92 -14.85
N TRP C 206 -2.53 -3.77 -13.53
CA TRP C 206 -2.17 -4.94 -12.74
C TRP C 206 -3.16 -6.06 -12.98
N ASN C 207 -4.44 -5.72 -13.08
CA ASN C 207 -5.50 -6.69 -13.31
C ASN C 207 -5.26 -7.46 -14.59
N ASN C 208 -5.09 -6.72 -15.68
CA ASN C 208 -4.66 -7.30 -16.95
C ASN C 208 -3.43 -8.19 -16.85
N THR C 209 -2.31 -7.68 -16.33
CA THR C 209 -1.12 -8.52 -16.44
C THR C 209 -1.30 -9.79 -15.63
N LEU C 210 -1.98 -9.71 -14.48
CA LEU C 210 -2.16 -10.96 -13.75
C LEU C 210 -3.13 -11.90 -14.46
N GLN C 211 -4.11 -11.35 -15.18
CA GLN C 211 -4.95 -12.20 -16.02
C GLN C 211 -4.08 -13.00 -17.02
N LYS C 212 -3.12 -12.32 -17.65
CA LYS C 212 -2.25 -12.95 -18.64
C LYS C 212 -1.22 -13.89 -18.00
N VAL C 213 -0.64 -13.50 -16.87
CA VAL C 213 0.27 -14.41 -16.17
C VAL C 213 -0.47 -15.66 -15.75
N GLY C 214 -1.70 -15.49 -15.26
CA GLY C 214 -2.52 -16.65 -14.92
C GLY C 214 -2.75 -17.54 -16.12
N GLU C 215 -2.99 -16.93 -17.29
CA GLU C 215 -3.14 -17.74 -18.51
C GLU C 215 -1.91 -18.61 -18.77
N GLU C 216 -0.72 -17.99 -18.73
CA GLU C 216 0.50 -18.76 -19.05
C GLU C 216 0.78 -19.84 -18.00
N LEU C 217 0.67 -19.46 -16.72
CA LEU C 217 0.82 -20.46 -15.68
C LEU C 217 -0.19 -21.58 -15.86
N ALA C 218 -1.39 -21.24 -16.34
CA ALA C 218 -2.40 -22.26 -16.56
C ALA C 218 -1.95 -23.26 -17.61
N LYS C 219 -1.33 -22.74 -18.68
CA LYS C 219 -0.75 -23.65 -19.67
C LYS C 219 0.20 -24.63 -19.02
N HIS C 220 0.96 -24.18 -18.00
CA HIS C 220 1.88 -25.16 -17.39
C HIS C 220 1.25 -26.01 -16.29
N PHE C 221 0.16 -25.58 -15.67
CA PHE C 221 -0.55 -26.38 -14.68
C PHE C 221 -2.04 -26.41 -15.09
N PRO C 222 -2.43 -27.34 -16.00
CA PRO C 222 -3.70 -27.20 -16.72
C PRO C 222 -4.95 -27.58 -15.95
N SER C 223 -4.88 -28.52 -15.02
CA SER C 223 -6.10 -28.83 -14.28
C SER C 223 -6.42 -27.80 -13.22
N LYS C 224 -5.45 -27.03 -12.78
CA LYS C 224 -5.62 -26.46 -11.46
C LYS C 224 -6.11 -25.01 -11.56
N THR C 225 -6.66 -24.54 -10.45
CA THR C 225 -6.99 -23.12 -10.31
C THR C 225 -5.73 -22.36 -9.88
N ILE C 226 -5.51 -21.18 -10.45
CA ILE C 226 -4.29 -20.41 -10.21
C ILE C 226 -4.59 -19.30 -9.21
N LYS C 227 -3.97 -19.37 -8.04
CA LYS C 227 -4.12 -18.35 -7.00
C LYS C 227 -2.82 -17.59 -6.76
N PHE C 228 -2.93 -16.28 -6.61
CA PHE C 228 -1.83 -15.43 -6.17
C PHE C 228 -2.09 -15.01 -4.73
N GLU C 229 -1.04 -15.04 -3.91
CA GLU C 229 -1.17 -14.82 -2.48
C GLU C 229 0.12 -14.24 -1.94
N PRO C 230 0.07 -13.46 -0.86
CA PRO C 230 1.26 -12.78 -0.35
C PRO C 230 2.29 -13.78 0.15
N SER C 231 3.50 -13.27 0.32
CA SER C 231 4.59 -14.13 0.75
C SER C 231 4.32 -14.68 2.14
N SER C 232 4.46 -15.99 2.28
CA SER C 232 4.26 -16.67 3.55
C SER C 232 5.13 -16.08 4.66
N GLY C 233 6.44 -16.32 4.62
CA GLY C 233 7.26 -15.79 5.70
C GLY C 233 8.71 -15.61 5.31
N GLY C 234 9.46 -15.02 6.23
CA GLY C 234 10.88 -14.84 6.05
C GLY C 234 11.28 -13.47 6.53
N ASP C 235 12.52 -13.08 6.19
CA ASP C 235 12.99 -11.75 6.47
C ASP C 235 12.15 -10.72 5.71
N LEU C 236 12.03 -9.53 6.31
CA LEU C 236 11.27 -8.47 5.67
C LEU C 236 11.71 -8.24 4.22
N GLU C 237 13.00 -8.41 3.95
CA GLU C 237 13.51 -8.14 2.60
C GLU C 237 12.75 -8.94 1.54
N ILE C 238 12.28 -10.14 1.85
CA ILE C 238 11.64 -10.99 0.85
C ILE C 238 10.13 -11.13 1.07
N THR C 239 9.62 -10.83 2.25
CA THR C 239 8.17 -10.83 2.44
C THR C 239 7.54 -9.52 2.03
N THR C 240 8.35 -8.50 1.77
CA THR C 240 7.88 -7.28 1.12
C THR C 240 8.62 -7.11 -0.18
N HIS C 241 8.17 -6.14 -0.96
CA HIS C 241 8.89 -5.75 -2.17
C HIS C 241 9.92 -4.73 -1.71
N SER C 242 11.17 -5.16 -1.57
CA SER C 242 12.23 -4.27 -1.11
C SER C 242 13.13 -3.90 -2.28
N PHE C 243 13.64 -2.68 -2.21
CA PHE C 243 14.48 -2.14 -3.28
C PHE C 243 15.13 -0.88 -2.74
N ASN C 244 16.11 -0.37 -3.48
CA ASN C 244 16.80 0.85 -3.11
C ASN C 244 16.36 1.99 -4.01
N CYS C 245 15.90 3.08 -3.42
CA CYS C 245 15.45 4.25 -4.17
C CYS C 245 16.29 5.44 -3.71
N ARG C 246 17.12 5.95 -4.62
CA ARG C 246 18.05 7.05 -4.40
C ARG C 246 18.76 6.89 -3.05
N GLY C 247 19.30 5.70 -2.81
CA GLY C 247 20.12 5.46 -1.64
C GLY C 247 19.36 4.92 -0.45
N GLU C 248 18.04 5.12 -0.41
CA GLU C 248 17.23 4.69 0.72
C GLU C 248 16.61 3.33 0.44
N PHE C 249 16.50 2.50 1.48
CA PHE C 249 15.99 1.14 1.32
C PHE C 249 14.50 1.13 1.64
N PHE C 250 13.68 0.91 0.61
CA PHE C 250 12.23 0.82 0.76
C PHE C 250 11.81 -0.63 0.97
N TYR C 251 10.80 -0.82 1.83
CA TYR C 251 10.19 -2.11 2.09
C TYR C 251 8.69 -1.92 1.93
N CYS C 252 8.10 -2.47 0.86
CA CYS C 252 6.74 -2.15 0.46
C CYS C 252 5.83 -3.37 0.54
N ASN C 253 4.78 -3.27 1.36
CA ASN C 253 3.87 -4.39 1.60
C ASN C 253 3.09 -4.70 0.33
N THR C 254 3.07 -5.98 -0.07
CA THR C 254 2.43 -6.36 -1.33
C THR C 254 1.21 -7.26 -1.15
N SER C 255 0.67 -7.34 0.06
CA SER C 255 -0.47 -8.24 0.28
C SER C 255 -1.71 -7.78 -0.48
N ASP C 256 -1.84 -6.50 -0.81
CA ASP C 256 -2.92 -6.10 -1.70
C ASP C 256 -2.57 -6.33 -3.17
N LEU C 257 -1.36 -6.77 -3.47
CA LEU C 257 -0.90 -6.93 -4.84
C LEU C 257 -0.94 -8.38 -5.29
N PHE C 258 -0.37 -9.28 -4.49
CA PHE C 258 -0.35 -10.71 -4.79
C PHE C 258 -1.50 -11.31 -4.01
N ASN C 259 -2.69 -11.25 -4.61
CA ASN C 259 -3.95 -11.45 -3.90
C ASN C 259 -5.08 -11.49 -4.93
N GLY C 260 -5.32 -12.66 -5.50
CA GLY C 260 -6.26 -12.77 -6.59
C GLY C 260 -6.37 -14.22 -7.02
N THR C 261 -7.45 -14.49 -7.77
CA THR C 261 -7.73 -15.83 -8.26
C THR C 261 -8.01 -15.80 -9.77
N TYR C 262 -7.41 -16.75 -10.48
CA TYR C 262 -7.66 -16.97 -11.90
C TYR C 262 -8.31 -18.35 -12.03
N ARG C 263 -9.60 -18.37 -12.39
CA ARG C 263 -10.38 -19.61 -12.38
C ARG C 263 -10.72 -20.11 -13.78
N ASN C 264 -11.67 -19.41 -14.40
CA ASN C 264 -12.36 -20.01 -15.52
C ASN C 264 -11.91 -19.30 -16.77
N GLY C 265 -10.59 -19.23 -16.98
CA GLY C 265 -10.05 -18.34 -17.99
C GLY C 265 -10.20 -16.89 -17.60
N THR C 266 -10.62 -16.61 -16.36
CA THR C 266 -10.82 -15.25 -15.88
C THR C 266 -10.12 -15.01 -14.54
N TYR C 267 -9.51 -13.83 -14.42
CA TYR C 267 -8.81 -13.40 -13.22
C TYR C 267 -9.71 -12.48 -12.40
N ASN C 268 -9.73 -12.70 -11.10
CA ASN C 268 -10.44 -11.82 -10.18
C ASN C 268 -9.53 -11.40 -9.03
N HIS C 269 -9.37 -10.07 -8.87
CA HIS C 269 -8.46 -9.50 -7.89
C HIS C 269 -9.11 -9.41 -6.52
N THR C 270 -8.51 -10.09 -5.55
CA THR C 270 -8.94 -10.11 -4.16
C THR C 270 -8.32 -9.00 -3.35
N GLY C 271 -7.28 -8.38 -3.86
CA GLY C 271 -6.68 -7.27 -3.16
C GLY C 271 -7.57 -6.06 -3.20
N ARG C 272 -7.25 -5.18 -2.26
CA ARG C 272 -8.06 -4.03 -1.94
C ARG C 272 -7.51 -2.83 -2.67
N SER C 273 -8.36 -2.12 -3.40
CA SER C 273 -7.95 -0.89 -4.04
C SER C 273 -8.90 0.24 -3.67
N SER C 274 -8.58 1.41 -4.21
CA SER C 274 -9.24 2.66 -3.81
C SER C 274 -9.18 3.58 -5.00
N ASN C 275 -10.31 3.73 -5.64
CA ASN C 275 -10.44 4.74 -6.66
C ASN C 275 -9.50 4.42 -7.81
N GLY C 276 -9.34 3.12 -8.08
CA GLY C 276 -8.64 2.62 -9.25
C GLY C 276 -7.16 2.32 -9.07
N THR C 277 -6.63 2.41 -7.85
CA THR C 277 -5.20 2.23 -7.62
C THR C 277 -4.99 1.34 -6.41
N ILE C 278 -4.05 0.40 -6.53
CA ILE C 278 -3.54 -0.28 -5.34
C ILE C 278 -2.44 0.58 -4.75
N THR C 279 -2.48 0.77 -3.44
CA THR C 279 -1.46 1.53 -2.74
C THR C 279 -0.75 0.61 -1.76
N LEU C 280 0.57 0.47 -1.93
CA LEU C 280 1.39 -0.32 -1.03
C LEU C 280 1.95 0.58 0.05
N GLN C 281 1.92 0.08 1.27
CA GLN C 281 2.43 0.81 2.42
C GLN C 281 3.89 0.42 2.61
N CYS C 282 4.77 1.42 2.63
CA CYS C 282 6.21 1.20 2.68
C CYS C 282 6.82 1.81 3.93
N LYS C 283 7.96 1.23 4.32
CA LYS C 283 8.83 1.78 5.35
C LYS C 283 10.23 1.89 4.78
N ILE C 284 10.93 2.97 5.12
CA ILE C 284 12.36 3.12 4.83
C ILE C 284 13.12 2.65 6.05
N LYS C 285 13.98 1.66 5.88
CA LYS C 285 14.64 1.03 7.00
C LYS C 285 16.14 1.29 6.96
N GLN C 286 16.77 1.10 8.12
CA GLN C 286 18.16 1.42 8.44
C GLN C 286 18.98 0.17 8.63
N ILE C 287 18.36 -0.87 9.21
CA ILE C 287 18.99 -2.17 9.41
C ILE C 287 18.54 -3.08 8.29
N ILE C 288 19.51 -3.58 7.53
CA ILE C 288 19.26 -4.27 6.26
C ILE C 288 19.88 -5.65 6.37
N ASN C 289 19.10 -6.67 6.01
CA ASN C 289 19.64 -8.01 5.77
C ASN C 289 20.25 -8.01 4.37
N MET C 290 21.54 -8.31 4.29
CA MET C 290 22.27 -8.03 3.06
C MET C 290 21.97 -9.08 2.02
N TRP C 291 21.91 -8.66 0.76
CA TRP C 291 21.77 -9.62 -0.31
C TRP C 291 23.12 -10.18 -0.74
N GLN C 292 24.22 -9.51 -0.41
CA GLN C 292 25.53 -9.95 -0.88
C GLN C 292 26.02 -11.20 -0.15
N GLU C 293 25.67 -11.35 1.12
CA GLU C 293 26.15 -12.42 1.98
C GLU C 293 25.26 -12.42 3.20
N VAL C 294 25.41 -13.45 4.04
CA VAL C 294 24.66 -13.46 5.29
C VAL C 294 25.26 -12.41 6.22
N GLY C 295 24.47 -11.41 6.56
CA GLY C 295 24.96 -10.34 7.41
C GLY C 295 23.95 -9.23 7.48
N ARG C 296 24.24 -8.26 8.35
CA ARG C 296 23.43 -7.06 8.48
C ARG C 296 24.23 -5.80 8.21
N ALA C 297 23.55 -4.80 7.65
CA ALA C 297 24.13 -3.49 7.37
C ALA C 297 23.22 -2.44 7.96
N ILE C 298 23.81 -1.47 8.68
CA ILE C 298 23.09 -0.33 9.23
C ILE C 298 23.51 0.94 8.50
N TYR C 299 22.52 1.73 8.07
CA TYR C 299 22.69 2.98 7.36
C TYR C 299 22.11 4.13 8.18
N ALA C 300 22.40 5.36 7.75
CA ALA C 300 21.91 6.56 8.42
C ALA C 300 20.44 6.82 8.06
N PRO C 301 19.76 7.65 8.84
CA PRO C 301 18.34 7.93 8.57
C PRO C 301 18.14 8.61 7.22
N PRO C 302 16.91 8.70 6.74
CA PRO C 302 16.71 9.10 5.34
C PRO C 302 17.14 10.53 5.09
N ILE C 303 17.56 10.80 3.86
CA ILE C 303 17.73 12.18 3.42
C ILE C 303 16.41 12.90 3.60
N GLU C 304 16.44 14.21 3.44
CA GLU C 304 15.27 15.07 3.62
C GLU C 304 14.60 15.38 2.29
N GLY C 305 13.33 15.77 2.39
CA GLY C 305 12.53 16.02 1.22
C GLY C 305 11.83 14.77 0.70
N GLU C 306 11.47 14.84 -0.58
CA GLU C 306 10.56 13.88 -1.16
C GLU C 306 11.43 12.85 -1.89
N ILE C 307 11.35 11.58 -1.47
CA ILE C 307 12.10 10.53 -2.13
C ILE C 307 11.13 9.74 -3.00
N THR C 308 11.33 9.81 -4.32
CA THR C 308 10.41 9.21 -5.27
C THR C 308 11.16 8.48 -6.38
N CYS C 309 10.78 7.23 -6.63
CA CYS C 309 11.23 6.48 -7.79
C CYS C 309 10.01 6.11 -8.60
N ASN C 310 10.08 6.33 -9.91
CA ASN C 310 9.04 5.97 -10.86
C ASN C 310 9.61 4.88 -11.74
N SER C 311 9.18 3.63 -11.53
CA SER C 311 9.82 2.48 -12.14
C SER C 311 8.82 1.71 -12.97
N ASN C 312 9.33 0.87 -13.87
CA ASN C 312 8.50 -0.08 -14.58
C ASN C 312 8.68 -1.46 -13.98
N ILE C 313 7.58 -2.09 -13.57
CA ILE C 313 7.62 -3.53 -13.31
C ILE C 313 7.73 -4.25 -14.65
N THR C 314 8.81 -5.00 -14.85
CA THR C 314 8.98 -5.74 -16.10
C THR C 314 9.03 -7.25 -15.88
N GLY C 315 8.92 -7.73 -14.65
CA GLY C 315 8.92 -9.15 -14.39
C GLY C 315 8.54 -9.43 -12.96
N LEU C 316 8.25 -10.70 -12.68
CA LEU C 316 7.94 -11.14 -11.33
C LEU C 316 8.85 -12.28 -10.93
N LEU C 317 9.08 -12.41 -9.62
CA LEU C 317 9.75 -13.57 -9.03
C LEU C 317 8.72 -14.29 -8.16
N LEU C 318 8.41 -15.54 -8.51
CA LEU C 318 7.35 -16.26 -7.84
C LEU C 318 7.86 -17.59 -7.31
N LEU C 319 7.16 -18.08 -6.29
CA LEU C 319 7.42 -19.40 -5.71
C LEU C 319 6.09 -20.12 -5.57
N ARG C 320 6.03 -21.35 -6.07
CA ARG C 320 4.83 -22.17 -5.99
C ARG C 320 4.79 -22.95 -4.68
N ASP C 321 3.63 -22.96 -4.05
CA ASP C 321 3.32 -23.82 -2.91
C ASP C 321 3.36 -25.30 -3.24
N ASP C 330 -6.90 -29.60 -8.57
CA ASP C 330 -6.87 -28.80 -7.34
C ASP C 330 -6.61 -27.34 -7.68
N THR C 331 -5.80 -26.77 -6.79
CA THR C 331 -5.29 -25.42 -6.86
C THR C 331 -3.76 -25.42 -6.83
N GLU C 332 -3.16 -24.51 -7.60
CA GLU C 332 -1.78 -24.10 -7.45
C GLU C 332 -1.73 -22.66 -6.95
N THR C 333 -0.82 -22.39 -6.02
CA THR C 333 -0.74 -21.10 -5.35
C THR C 333 0.64 -20.52 -5.51
N PHE C 334 0.72 -19.28 -5.97
CA PHE C 334 1.98 -18.59 -6.24
C PHE C 334 2.13 -17.39 -5.34
N ARG C 335 3.30 -17.26 -4.71
CA ARG C 335 3.63 -16.13 -3.86
C ARG C 335 4.90 -15.44 -4.36
N PRO C 336 5.04 -14.15 -4.10
CA PRO C 336 6.25 -13.44 -4.54
C PRO C 336 7.46 -14.01 -3.83
N GLY C 337 8.59 -14.03 -4.54
CA GLY C 337 9.84 -14.53 -3.98
C GLY C 337 10.99 -13.57 -4.16
N GLY C 338 12.20 -14.08 -4.24
CA GLY C 338 13.39 -13.27 -4.35
C GLY C 338 14.34 -13.51 -3.19
N GLY C 339 15.44 -12.75 -3.20
CA GLY C 339 16.46 -12.83 -2.17
C GLY C 339 17.82 -13.17 -2.72
N ASP C 340 17.85 -13.88 -3.85
CA ASP C 340 19.09 -14.24 -4.52
C ASP C 340 19.19 -13.35 -5.75
N MET C 341 19.98 -12.26 -5.65
CA MET C 341 20.04 -11.28 -6.73
C MET C 341 20.54 -11.88 -8.04
N ARG C 342 21.11 -13.08 -7.98
CA ARG C 342 21.51 -13.74 -9.22
C ARG C 342 20.31 -14.03 -10.12
N ASP C 343 19.13 -14.25 -9.54
CA ASP C 343 17.95 -14.42 -10.39
C ASP C 343 17.63 -13.12 -11.14
N ASN C 344 17.80 -11.98 -10.47
CA ASN C 344 17.63 -10.70 -11.16
C ASN C 344 18.58 -10.62 -12.35
N TRP C 345 19.84 -10.99 -12.16
CA TRP C 345 20.74 -10.95 -13.31
C TRP C 345 20.34 -11.96 -14.37
N ARG C 346 19.96 -13.19 -13.97
CA ARG C 346 19.55 -14.19 -14.96
C ARG C 346 18.41 -13.70 -15.82
N SER C 347 17.52 -12.90 -15.25
CA SER C 347 16.33 -12.48 -15.98
C SER C 347 16.69 -11.64 -17.19
N GLU C 348 17.88 -11.04 -17.19
CA GLU C 348 18.40 -10.25 -18.29
C GLU C 348 19.43 -11.01 -19.10
N LEU C 349 20.21 -11.90 -18.48
CA LEU C 349 21.28 -12.61 -19.15
C LEU C 349 20.83 -13.92 -19.77
N TYR C 350 19.55 -14.27 -19.66
CA TYR C 350 19.10 -15.62 -19.98
C TYR C 350 19.44 -16.01 -21.42
N LYS C 351 19.51 -15.05 -22.33
CA LYS C 351 19.67 -15.38 -23.75
C LYS C 351 21.11 -15.31 -24.21
N TYR C 352 22.07 -15.23 -23.30
CA TYR C 352 23.48 -15.11 -23.66
C TYR C 352 24.27 -16.29 -23.14
N LYS C 353 25.34 -16.62 -23.86
CA LYS C 353 26.26 -17.69 -23.56
C LYS C 353 27.62 -17.25 -24.11
N VAL C 354 28.70 -17.53 -23.40
CA VAL C 354 30.04 -17.15 -23.81
C VAL C 354 30.69 -18.36 -24.49
N VAL C 355 31.40 -18.19 -25.61
CA VAL C 355 31.91 -19.39 -26.26
C VAL C 355 33.36 -19.13 -26.67
N GLU C 356 34.14 -20.21 -26.74
CA GLU C 356 35.30 -20.39 -27.63
C GLU C 356 36.63 -20.01 -27.00
N LYS D 6 20.76 40.51 -11.01
CA LYS D 6 21.10 41.87 -10.58
C LYS D 6 22.63 42.09 -10.63
N THR D 7 23.39 40.98 -10.63
CA THR D 7 24.86 40.96 -10.62
C THR D 7 25.36 39.98 -11.67
N THR D 8 26.64 39.59 -11.65
CA THR D 8 27.15 38.58 -12.59
C THR D 8 27.40 37.26 -11.85
N LEU D 9 26.81 36.18 -12.38
CA LEU D 9 26.92 34.86 -11.78
C LEU D 9 28.21 34.18 -12.20
N PHE D 10 28.56 33.10 -11.51
CA PHE D 10 29.61 32.20 -11.97
C PHE D 10 29.03 30.79 -12.04
N CYS D 11 29.69 29.92 -12.81
CA CYS D 11 29.19 28.58 -13.00
C CYS D 11 30.03 27.58 -12.23
N ALA D 12 29.42 26.43 -11.93
CA ALA D 12 30.06 25.34 -11.21
C ALA D 12 29.68 24.03 -11.87
N SER D 13 30.59 23.04 -11.83
CA SER D 13 30.39 21.79 -12.56
C SER D 13 31.33 20.69 -12.06
N ASP D 14 30.89 19.44 -12.19
CA ASP D 14 31.78 18.27 -12.31
C ASP D 14 32.47 18.12 -13.65
N ALA D 15 32.91 19.16 -14.32
CA ALA D 15 33.75 18.89 -15.47
C ALA D 15 35.02 18.22 -14.99
N LYS D 16 35.52 17.27 -15.76
CA LYS D 16 36.75 16.59 -15.39
C LYS D 16 37.86 16.96 -16.35
N ALA D 17 39.00 17.32 -15.75
CA ALA D 17 40.30 17.30 -16.39
C ALA D 17 40.27 16.43 -17.61
N TYR D 18 40.12 15.13 -17.34
CA TYR D 18 40.49 14.07 -18.27
C TYR D 18 39.65 14.10 -19.53
N GLU D 19 38.37 14.47 -19.46
CA GLU D 19 37.55 14.49 -20.67
C GLU D 19 38.18 15.38 -21.75
N LYS D 20 38.14 14.92 -23.01
CA LYS D 20 38.15 15.87 -24.12
C LYS D 20 36.76 16.18 -24.62
N GLU D 21 35.73 15.61 -24.02
CA GLU D 21 34.40 16.06 -24.34
C GLU D 21 34.34 17.57 -24.13
N VAL D 22 33.75 18.27 -25.11
CA VAL D 22 34.01 19.70 -25.18
C VAL D 22 33.26 20.49 -24.11
N HIS D 23 32.11 20.01 -23.63
CA HIS D 23 31.50 20.67 -22.48
C HIS D 23 32.43 20.62 -21.28
N ASN D 24 33.05 19.46 -21.04
CA ASN D 24 34.01 19.34 -19.95
C ASN D 24 35.16 20.32 -20.10
N VAL D 25 35.74 20.42 -21.29
CA VAL D 25 36.87 21.33 -21.49
C VAL D 25 36.46 22.77 -21.19
N TRP D 26 35.36 23.19 -21.82
CA TRP D 26 34.90 24.55 -21.63
C TRP D 26 34.67 24.82 -20.17
N ALA D 27 33.98 23.90 -19.47
CA ALA D 27 33.68 24.11 -18.06
C ALA D 27 34.95 24.08 -17.20
N THR D 28 35.99 23.37 -17.66
CA THR D 28 37.17 23.24 -16.84
C THR D 28 37.85 24.58 -16.71
N HIS D 29 37.93 25.32 -17.81
CA HIS D 29 38.39 26.69 -17.57
C HIS D 29 37.32 27.77 -17.58
N ALA D 30 36.03 27.47 -17.50
CA ALA D 30 35.07 28.54 -17.27
C ALA D 30 34.37 28.48 -15.92
N CYS D 31 34.35 27.32 -15.24
CA CYS D 31 33.55 27.13 -14.04
C CYS D 31 34.43 26.70 -12.88
N VAL D 32 33.89 26.79 -11.66
CA VAL D 32 34.59 26.32 -10.46
C VAL D 32 33.99 24.97 -10.11
N PRO D 33 34.62 24.15 -9.28
CA PRO D 33 34.02 22.86 -8.93
C PRO D 33 32.75 23.03 -8.10
N THR D 34 31.76 22.19 -8.41
CA THR D 34 30.60 22.03 -7.54
C THR D 34 31.01 21.82 -6.09
N ASP D 35 30.23 22.43 -5.22
CA ASP D 35 30.42 22.30 -3.78
C ASP D 35 29.73 21.03 -3.30
N PRO D 36 30.47 20.07 -2.75
CA PRO D 36 29.87 18.76 -2.43
C PRO D 36 28.80 18.89 -1.39
N ASN D 37 29.02 19.86 -0.49
CA ASN D 37 28.14 20.26 0.61
C ASN D 37 27.33 21.50 0.36
N PRO D 38 26.21 21.41 -0.36
CA PRO D 38 25.53 22.67 -0.69
C PRO D 38 24.66 23.15 0.45
N GLN D 39 24.62 24.45 0.75
CA GLN D 39 23.71 24.92 1.79
C GLN D 39 22.46 25.54 1.16
N GLU D 40 21.36 25.30 1.84
CA GLU D 40 20.03 25.68 1.39
C GLU D 40 19.26 26.03 2.66
N MET D 41 18.32 26.94 2.55
CA MET D 41 17.70 27.54 3.72
C MET D 41 16.22 27.57 3.44
N VAL D 42 15.42 26.65 3.94
CA VAL D 42 13.99 26.71 3.66
C VAL D 42 13.36 27.86 4.45
N LEU D 43 12.35 28.54 3.87
CA LEU D 43 11.63 29.64 4.55
C LEU D 43 10.15 29.60 4.14
N ALA D 44 9.47 28.49 4.46
CA ALA D 44 8.15 28.15 3.90
C ALA D 44 7.04 29.14 4.24
N ASN D 45 7.38 30.28 4.85
CA ASN D 45 6.38 31.25 5.27
C ASN D 45 6.37 32.52 4.41
N VAL D 46 7.40 32.74 3.59
CA VAL D 46 7.85 34.10 3.25
C VAL D 46 6.96 34.72 2.18
N THR D 47 6.92 34.11 0.99
CA THR D 47 6.23 34.61 -0.21
C THR D 47 6.99 35.75 -0.92
N GLU D 48 7.46 35.52 -2.16
CA GLU D 48 8.06 36.59 -2.95
C GLU D 48 7.65 36.37 -4.41
N ASN D 49 7.93 37.32 -5.29
CA ASN D 49 7.49 37.14 -6.67
C ASN D 49 8.67 36.78 -7.57
N PHE D 50 8.33 36.13 -8.68
CA PHE D 50 9.27 35.68 -9.70
C PHE D 50 8.68 36.01 -11.06
N ASN D 51 9.55 36.12 -12.08
CA ASN D 51 9.07 36.23 -13.45
C ASN D 51 10.09 35.55 -14.37
N MET D 52 9.80 34.30 -14.73
CA MET D 52 10.71 33.53 -15.56
C MET D 52 10.93 34.17 -16.93
N TRP D 53 10.04 35.06 -17.37
CA TRP D 53 10.17 35.65 -18.68
C TRP D 53 11.05 36.88 -18.67
N LYS D 54 11.33 37.44 -17.49
CA LYS D 54 12.21 38.60 -17.30
C LYS D 54 13.26 38.18 -16.26
N ASN D 55 14.19 37.32 -16.64
CA ASN D 55 15.13 36.77 -15.66
C ASN D 55 16.53 36.84 -16.26
N ASP D 56 17.39 37.63 -15.65
CA ASP D 56 18.71 37.88 -16.22
C ASP D 56 19.69 36.72 -15.95
N MET D 57 19.33 35.73 -15.12
CA MET D 57 20.07 34.47 -15.19
C MET D 57 19.94 33.82 -16.58
N VAL D 58 18.79 33.99 -17.22
CA VAL D 58 18.59 33.40 -18.55
C VAL D 58 19.58 34.01 -19.54
N GLU D 59 19.72 35.33 -19.55
CA GLU D 59 20.63 35.97 -20.48
C GLU D 59 22.08 35.60 -20.18
N GLN D 60 22.43 35.52 -18.89
CA GLN D 60 23.80 35.17 -18.56
C GLN D 60 24.12 33.73 -19.01
N MET D 61 23.21 32.79 -18.77
CA MET D 61 23.44 31.43 -19.28
C MET D 61 23.47 31.41 -20.81
N HIS D 62 22.60 32.17 -21.46
CA HIS D 62 22.58 32.19 -22.91
C HIS D 62 23.95 32.58 -23.44
N GLU D 63 24.53 33.62 -22.84
CA GLU D 63 25.83 34.08 -23.30
C GLU D 63 26.88 33.00 -23.05
N ASP D 64 26.81 32.33 -21.89
CA ASP D 64 27.75 31.24 -21.62
C ASP D 64 27.67 30.17 -22.69
N ILE D 65 26.46 29.73 -23.03
CA ILE D 65 26.34 28.61 -23.97
C ILE D 65 26.78 29.03 -25.35
N ILE D 66 26.52 30.29 -25.73
CA ILE D 66 27.07 30.81 -26.98
C ILE D 66 28.58 30.67 -26.99
N SER D 67 29.22 31.05 -25.87
CA SER D 67 30.67 30.94 -25.78
C SER D 67 31.12 29.48 -25.88
N LEU D 68 30.43 28.59 -25.17
CA LEU D 68 30.76 27.17 -25.19
C LEU D 68 30.70 26.64 -26.62
N TRP D 69 29.64 27.00 -27.35
CA TRP D 69 29.53 26.51 -28.72
C TRP D 69 30.60 27.13 -29.63
N ASP D 70 30.93 28.42 -29.46
CA ASP D 70 32.08 28.99 -30.17
C ASP D 70 33.34 28.17 -30.01
N GLU D 71 33.69 27.88 -28.77
CA GLU D 71 34.92 27.15 -28.51
C GLU D 71 34.84 25.68 -28.86
N SER D 72 33.66 25.10 -28.93
CA SER D 72 33.54 23.65 -28.98
C SER D 72 33.08 23.13 -30.33
N LEU D 73 32.12 23.79 -30.97
CA LEU D 73 31.54 23.31 -32.23
C LEU D 73 31.82 24.35 -33.31
N LYS D 74 33.06 24.53 -33.59
CA LYS D 74 33.48 25.45 -34.63
C LYS D 74 33.03 24.95 -36.00
N PRO D 75 32.37 25.80 -36.78
CA PRO D 75 31.99 25.41 -38.15
C PRO D 75 33.14 25.60 -39.10
N CYS D 76 33.12 24.79 -40.16
CA CYS D 76 34.10 24.99 -41.22
C CYS D 76 33.93 26.37 -41.83
N VAL D 77 32.70 26.80 -42.03
CA VAL D 77 32.45 28.15 -42.56
C VAL D 77 31.35 28.78 -41.73
N LYS D 78 31.52 30.06 -41.42
CA LYS D 78 30.46 30.82 -40.77
C LYS D 78 30.11 32.01 -41.66
N LEU D 79 28.87 32.00 -42.16
CA LEU D 79 28.27 33.10 -42.90
C LEU D 79 27.34 33.96 -42.06
N THR D 80 27.72 35.23 -41.90
CA THR D 80 26.88 36.29 -41.33
C THR D 80 26.77 37.39 -42.37
N GLY D 81 25.68 37.40 -43.14
CA GLY D 81 25.46 38.43 -44.13
C GLY D 81 26.35 38.30 -45.35
N GLY D 82 27.38 39.11 -45.43
CA GLY D 82 28.21 39.03 -46.61
C GLY D 82 29.53 38.36 -46.33
N SER D 83 29.84 38.28 -45.05
CA SER D 83 31.15 37.89 -44.57
C SER D 83 31.17 36.44 -44.15
N ALA D 84 32.19 35.74 -44.59
CA ALA D 84 32.35 34.33 -44.35
C ALA D 84 33.65 34.13 -43.58
N ILE D 85 33.56 33.47 -42.43
CA ILE D 85 34.73 33.12 -41.63
C ILE D 85 34.96 31.62 -41.74
N THR D 86 36.17 31.23 -42.14
CA THR D 86 36.62 29.84 -42.15
C THR D 86 37.63 29.49 -41.07
N GLN D 87 37.51 28.26 -40.56
CA GLN D 87 38.40 27.75 -39.53
C GLN D 87 38.27 26.24 -39.46
N ALA D 88 39.26 25.63 -38.80
CA ALA D 88 39.27 24.18 -38.67
C ALA D 88 38.02 23.71 -37.96
N CYS D 89 37.41 22.63 -38.46
CA CYS D 89 36.15 22.11 -37.93
C CYS D 89 36.26 20.62 -37.64
N PRO D 90 37.15 20.23 -36.71
CA PRO D 90 37.31 18.81 -36.41
C PRO D 90 36.03 18.24 -35.84
N LYS D 91 35.87 16.94 -36.00
CA LYS D 91 34.86 16.20 -35.25
C LYS D 91 35.29 16.07 -33.80
N VAL D 92 34.34 16.22 -32.87
CA VAL D 92 34.67 16.28 -31.45
C VAL D 92 33.75 15.33 -30.72
N SER D 93 34.07 15.04 -29.45
CA SER D 93 33.13 14.30 -28.65
C SER D 93 32.28 15.31 -27.89
N PHE D 94 30.97 15.17 -28.00
CA PHE D 94 30.02 16.21 -27.61
C PHE D 94 28.90 15.55 -26.84
N ASP D 95 28.81 15.84 -25.56
CA ASP D 95 27.77 15.29 -24.70
C ASP D 95 27.51 16.26 -23.57
N PRO D 96 26.37 16.97 -23.56
CA PRO D 96 26.20 18.06 -22.59
C PRO D 96 26.33 17.55 -21.16
N ILE D 97 26.94 18.38 -20.31
CA ILE D 97 27.09 18.08 -18.90
C ILE D 97 26.30 19.15 -18.13
N PRO D 98 25.91 18.87 -16.89
CA PRO D 98 25.14 19.85 -16.12
C PRO D 98 26.01 21.00 -15.63
N LEU D 99 25.42 22.20 -15.62
CA LEU D 99 26.08 23.42 -15.19
C LEU D 99 25.25 24.04 -14.09
N HIS D 100 25.91 24.50 -13.03
CA HIS D 100 25.25 25.20 -11.94
C HIS D 100 25.54 26.68 -12.04
N TYR D 101 24.54 27.51 -11.81
CA TYR D 101 24.75 28.95 -11.79
C TYR D 101 24.69 29.43 -10.35
N CYS D 102 25.72 30.18 -9.94
CA CYS D 102 25.97 30.51 -8.55
C CYS D 102 26.00 32.01 -8.36
N ALA D 103 25.44 32.47 -7.23
CA ALA D 103 25.50 33.88 -6.89
C ALA D 103 26.80 34.18 -6.14
N PRO D 104 27.48 35.26 -6.47
CA PRO D 104 28.77 35.56 -5.85
C PRO D 104 28.55 36.13 -4.45
N ALA D 105 29.67 36.36 -3.77
CA ALA D 105 29.65 36.89 -2.41
C ALA D 105 28.79 38.15 -2.32
N GLY D 106 27.89 38.17 -1.35
CA GLY D 106 26.99 39.28 -1.14
C GLY D 106 25.63 39.09 -1.77
N PHE D 107 25.47 38.10 -2.64
CA PHE D 107 24.19 37.83 -3.27
C PHE D 107 23.77 36.41 -2.96
N ALA D 108 22.49 36.15 -3.19
CA ALA D 108 21.97 34.80 -3.05
C ALA D 108 21.03 34.53 -4.21
N ILE D 109 20.61 33.29 -4.30
CA ILE D 109 19.65 32.85 -5.30
C ILE D 109 18.43 32.36 -4.54
N LEU D 110 17.27 32.96 -4.83
CA LEU D 110 16.03 32.49 -4.24
C LEU D 110 15.42 31.44 -5.13
N LYS D 111 15.12 30.27 -4.56
CA LYS D 111 14.43 29.21 -5.27
C LYS D 111 12.98 29.17 -4.82
N CYS D 112 12.05 29.15 -5.76
CA CYS D 112 10.65 28.97 -5.43
C CYS D 112 10.35 27.49 -5.26
N ASN D 113 9.82 27.12 -4.10
CA ASN D 113 9.60 25.72 -3.75
C ASN D 113 8.20 25.22 -4.07
N ASN D 114 7.29 26.08 -4.55
CA ASN D 114 5.93 25.66 -4.88
C ASN D 114 5.98 24.74 -6.09
N LYS D 115 5.60 23.46 -5.88
CA LYS D 115 5.67 22.42 -6.90
C LYS D 115 4.95 22.80 -8.19
N THR D 116 3.95 23.68 -8.11
CA THR D 116 3.07 23.96 -9.23
C THR D 116 3.15 25.41 -9.71
N PHE D 117 4.12 26.16 -9.16
CA PHE D 117 4.38 27.54 -9.54
C PHE D 117 4.48 27.63 -11.06
N ASN D 118 3.78 28.58 -11.68
CA ASN D 118 3.80 28.58 -13.13
C ASN D 118 4.95 29.41 -13.73
N GLY D 119 5.85 29.93 -12.91
CA GLY D 119 6.96 30.75 -13.38
C GLY D 119 6.76 32.23 -13.18
N THR D 120 5.57 32.61 -12.75
CA THR D 120 5.10 33.98 -12.74
C THR D 120 4.29 34.26 -11.47
N GLY D 121 4.50 35.44 -10.90
CA GLY D 121 3.69 35.88 -9.79
C GLY D 121 4.27 35.52 -8.45
N PRO D 122 3.43 35.48 -7.42
CA PRO D 122 3.92 35.20 -6.07
C PRO D 122 4.05 33.72 -5.78
N CYS D 123 5.05 33.41 -4.95
CA CYS D 123 5.39 32.05 -4.56
C CYS D 123 5.65 32.04 -3.06
N ARG D 124 4.93 31.19 -2.31
CA ARG D 124 5.00 31.26 -0.85
C ARG D 124 6.21 30.52 -0.29
N ASN D 125 6.26 29.20 -0.48
CA ASN D 125 7.40 28.43 0.03
C ASN D 125 8.65 28.82 -0.77
N VAL D 126 9.64 29.40 -0.11
CA VAL D 126 10.81 29.94 -0.78
C VAL D 126 12.06 29.53 -0.01
N SER D 127 13.08 29.08 -0.72
CA SER D 127 14.40 28.83 -0.15
C SER D 127 15.40 29.87 -0.61
N THR D 128 16.56 29.86 0.03
CA THR D 128 17.71 30.57 -0.49
C THR D 128 18.89 29.61 -0.59
N VAL D 129 19.59 29.66 -1.73
CA VAL D 129 20.65 28.73 -2.07
C VAL D 129 21.81 29.50 -2.70
N GLN D 130 22.97 28.85 -2.79
CA GLN D 130 24.11 29.50 -3.43
C GLN D 130 24.12 29.28 -4.95
N CYS D 131 23.69 28.11 -5.40
CA CYS D 131 23.68 27.77 -6.82
C CYS D 131 22.39 27.05 -7.18
N THR D 132 22.06 27.09 -8.46
CA THR D 132 20.95 26.33 -9.01
C THR D 132 21.33 24.86 -9.07
N HIS D 133 20.33 24.01 -9.33
CA HIS D 133 20.65 22.64 -9.68
C HIS D 133 21.45 22.59 -10.98
N GLY D 134 21.91 21.40 -11.33
CA GLY D 134 22.72 21.25 -12.51
C GLY D 134 21.85 21.26 -13.74
N ILE D 135 22.08 22.19 -14.65
CA ILE D 135 21.27 22.32 -15.86
C ILE D 135 22.13 21.91 -17.05
N LYS D 136 21.69 20.89 -17.78
CA LYS D 136 22.36 20.54 -19.03
C LYS D 136 21.94 21.52 -20.12
N PRO D 137 22.87 22.18 -20.77
CA PRO D 137 22.49 23.18 -21.78
C PRO D 137 22.17 22.55 -23.14
N VAL D 138 20.99 21.94 -23.24
CA VAL D 138 20.63 21.15 -24.41
C VAL D 138 19.94 22.04 -25.44
N VAL D 139 20.58 22.21 -26.60
CA VAL D 139 20.03 23.03 -27.67
C VAL D 139 19.10 22.19 -28.51
N SER D 140 17.85 22.64 -28.68
CA SER D 140 16.90 21.92 -29.51
C SER D 140 15.68 22.80 -29.76
N THR D 141 14.84 22.37 -30.70
CA THR D 141 13.54 22.98 -30.93
C THR D 141 12.46 21.93 -30.74
N GLN D 142 11.22 22.42 -30.61
CA GLN D 142 9.99 21.63 -30.50
C GLN D 142 9.92 20.80 -29.23
N LEU D 143 10.94 19.99 -28.95
CA LEU D 143 10.96 19.14 -27.78
C LEU D 143 12.12 19.56 -26.89
N LEU D 144 11.84 19.73 -25.60
CA LEU D 144 12.89 19.96 -24.61
C LEU D 144 13.38 18.61 -24.09
N LEU D 145 14.69 18.40 -24.14
CA LEU D 145 15.28 17.09 -23.90
C LEU D 145 16.13 17.14 -22.64
N ASN D 146 16.09 16.06 -21.86
CA ASN D 146 17.02 15.85 -20.77
C ASN D 146 16.94 16.93 -19.70
N GLY D 147 15.79 17.59 -19.57
CA GLY D 147 15.59 18.53 -18.47
C GLY D 147 15.15 17.81 -17.22
N SER D 148 14.65 18.57 -16.26
CA SER D 148 14.09 17.99 -15.05
C SER D 148 12.58 18.12 -15.05
N LEU D 149 11.89 17.07 -14.60
CA LEU D 149 10.45 17.01 -14.73
C LEU D 149 9.76 17.77 -13.59
N ALA D 150 8.55 18.25 -13.86
CA ALA D 150 7.71 18.79 -12.81
C ALA D 150 7.38 17.69 -11.82
N GLU D 151 7.22 18.06 -10.56
CA GLU D 151 7.13 17.04 -9.51
C GLU D 151 5.71 16.55 -9.30
N GLU D 152 4.73 17.41 -9.61
CA GLU D 152 3.32 17.17 -9.42
C GLU D 152 2.62 17.11 -10.77
N GLU D 153 1.98 18.17 -11.21
CA GLU D 153 1.13 18.00 -12.38
C GLU D 153 1.83 18.71 -13.52
N ILE D 154 1.42 18.40 -14.75
CA ILE D 154 1.99 19.11 -15.89
C ILE D 154 1.73 20.60 -15.71
N ILE D 155 2.75 21.42 -15.94
CA ILE D 155 2.65 22.87 -15.79
C ILE D 155 2.67 23.52 -17.17
N ILE D 156 1.79 24.49 -17.38
CA ILE D 156 1.77 25.31 -18.58
C ILE D 156 2.40 26.64 -18.25
N ARG D 157 3.46 27.02 -18.94
CA ARG D 157 4.11 28.30 -18.74
C ARG D 157 4.02 29.16 -19.99
N SER D 158 3.71 30.42 -19.79
CA SER D 158 3.67 31.37 -20.90
C SER D 158 3.79 32.76 -20.31
N GLU D 159 4.44 33.65 -21.07
CA GLU D 159 4.46 35.04 -20.64
C GLU D 159 3.06 35.62 -20.66
N ASN D 160 2.23 35.13 -21.58
CA ASN D 160 0.88 35.66 -21.78
C ASN D 160 0.06 34.70 -22.64
N LEU D 161 -0.71 33.82 -22.01
CA LEU D 161 -1.44 32.82 -22.77
C LEU D 161 -2.42 33.42 -23.77
N THR D 162 -2.91 34.63 -23.52
CA THR D 162 -3.85 35.23 -24.47
C THR D 162 -3.14 35.73 -25.71
N ASN D 163 -1.87 36.10 -25.59
CA ASN D 163 -1.07 36.49 -26.74
C ASN D 163 -0.45 35.26 -27.38
N ASN D 164 -0.99 34.92 -28.54
CA ASN D 164 -0.67 33.69 -29.23
C ASN D 164 0.70 33.74 -29.90
N ALA D 165 1.32 34.90 -29.95
CA ALA D 165 2.71 35.03 -30.36
C ALA D 165 3.70 34.61 -29.28
N LYS D 166 3.25 34.43 -28.03
CA LYS D 166 4.16 34.08 -26.95
C LYS D 166 4.31 32.56 -26.86
N THR D 167 5.56 32.10 -26.85
CA THR D 167 5.83 30.68 -26.73
C THR D 167 5.22 30.10 -25.47
N ILE D 168 4.64 28.90 -25.58
CA ILE D 168 4.15 28.15 -24.42
C ILE D 168 5.16 27.06 -24.10
N ILE D 169 5.55 26.96 -22.83
CA ILE D 169 6.43 25.89 -22.39
C ILE D 169 5.58 24.93 -21.58
N VAL D 170 5.50 23.68 -22.02
CA VAL D 170 4.82 22.63 -21.27
C VAL D 170 5.87 21.88 -20.47
N HIS D 171 5.73 21.89 -19.16
CA HIS D 171 6.64 21.17 -18.27
C HIS D 171 6.01 19.81 -17.93
N LEU D 172 6.59 18.75 -18.46
CA LEU D 172 6.03 17.42 -18.27
C LEU D 172 6.37 16.89 -16.89
N ASN D 173 5.47 16.07 -16.33
CA ASN D 173 5.78 15.41 -15.06
C ASN D 173 6.26 13.97 -15.25
N GLU D 174 6.23 13.44 -16.47
CA GLU D 174 6.74 12.11 -16.75
C GLU D 174 7.51 12.20 -18.05
N SER D 175 8.69 11.64 -18.12
CA SER D 175 9.44 11.79 -19.35
C SER D 175 8.96 10.79 -20.39
N VAL D 176 9.25 11.10 -21.66
CA VAL D 176 8.93 10.26 -22.79
C VAL D 176 10.21 9.98 -23.54
N ASN D 177 10.54 8.71 -23.71
CA ASN D 177 11.80 8.35 -24.35
C ASN D 177 11.76 8.66 -25.84
N ILE D 178 12.85 9.22 -26.35
CA ILE D 178 13.01 9.35 -27.79
C ILE D 178 14.42 8.87 -28.12
N VAL D 179 14.50 7.85 -28.98
CA VAL D 179 15.77 7.26 -29.40
C VAL D 179 15.95 7.62 -30.87
N CYS D 180 17.02 8.36 -31.17
CA CYS D 180 17.31 8.79 -32.53
C CYS D 180 18.63 8.17 -32.97
N THR D 181 18.66 7.66 -34.20
CA THR D 181 19.81 6.90 -34.64
C THR D 181 20.06 7.10 -36.13
N ARG D 182 21.35 7.30 -36.49
CA ARG D 182 21.83 7.14 -37.85
C ARG D 182 22.54 5.80 -37.86
N PRO D 183 21.95 4.74 -38.42
CA PRO D 183 22.53 3.41 -38.28
C PRO D 183 23.85 3.31 -39.03
N ASN D 184 24.61 2.26 -38.71
CA ASN D 184 25.80 1.93 -39.52
C ASN D 184 25.51 2.08 -41.00
N ASN D 193 21.63 6.22 -47.67
CA ASN D 193 22.09 7.57 -47.30
C ASN D 193 22.85 7.59 -45.99
N ILE D 194 23.96 8.33 -45.95
CA ILE D 194 24.65 8.50 -44.66
C ILE D 194 24.02 9.61 -43.83
N ARG D 195 23.09 10.37 -44.41
CA ARG D 195 22.40 11.40 -43.66
C ARG D 195 20.99 11.00 -43.26
N GLN D 196 20.52 9.83 -43.70
CA GLN D 196 19.28 9.25 -43.19
C GLN D 196 19.41 8.79 -41.75
N ALA D 197 18.42 9.18 -40.93
CA ALA D 197 18.32 8.75 -39.55
C ALA D 197 16.84 8.68 -39.20
N HIS D 198 16.53 8.19 -38.01
CA HIS D 198 15.15 8.12 -37.57
C HIS D 198 15.11 8.10 -36.05
N CYS D 199 13.96 8.52 -35.51
CA CYS D 199 13.72 8.45 -34.08
C CYS D 199 12.51 7.58 -33.79
N ASN D 200 12.55 6.84 -32.68
CA ASN D 200 11.43 6.00 -32.26
C ASN D 200 10.85 6.52 -30.96
N ILE D 201 9.53 6.69 -30.93
CA ILE D 201 8.81 7.04 -29.72
C ILE D 201 7.68 6.05 -29.52
N ASN D 202 7.55 5.55 -28.29
CA ASN D 202 6.51 4.59 -27.95
C ASN D 202 5.15 5.28 -28.00
N GLU D 203 4.27 4.86 -28.91
CA GLU D 203 3.01 5.58 -29.08
C GLU D 203 2.15 5.54 -27.83
N SER D 204 2.24 4.47 -27.05
CA SER D 204 1.49 4.47 -25.80
C SER D 204 1.83 5.70 -24.95
N LYS D 205 3.12 5.92 -24.62
CA LYS D 205 3.35 7.00 -23.68
C LYS D 205 3.07 8.34 -24.31
N TRP D 206 3.39 8.50 -25.59
CA TRP D 206 3.07 9.77 -26.24
C TRP D 206 1.58 10.03 -26.15
N ASN D 207 0.78 8.98 -26.34
CA ASN D 207 -0.67 9.09 -26.30
C ASN D 207 -1.13 9.61 -24.95
N ASN D 208 -0.70 8.94 -23.89
CA ASN D 208 -0.89 9.43 -22.53
C ASN D 208 -0.47 10.88 -22.32
N THR D 209 0.79 11.23 -22.62
CA THR D 209 1.18 12.57 -22.21
C THR D 209 0.38 13.61 -22.98
N LEU D 210 0.05 13.34 -24.25
CA LEU D 210 -0.76 14.34 -24.94
C LEU D 210 -2.18 14.38 -24.41
N GLN D 211 -2.70 13.25 -23.94
CA GLN D 211 -4.00 13.29 -23.26
C GLN D 211 -3.95 14.25 -22.06
N LYS D 212 -2.87 14.18 -21.27
CA LYS D 212 -2.71 15.02 -20.08
C LYS D 212 -2.40 16.48 -20.44
N VAL D 213 -1.56 16.71 -21.43
CA VAL D 213 -1.31 18.08 -21.88
C VAL D 213 -2.60 18.70 -22.38
N GLY D 214 -3.38 17.93 -23.14
CA GLY D 214 -4.67 18.41 -23.58
C GLY D 214 -5.57 18.77 -22.42
N GLU D 215 -5.55 17.96 -21.36
CA GLU D 215 -6.33 18.30 -20.17
C GLU D 215 -5.94 19.67 -19.61
N GLU D 216 -4.63 19.89 -19.42
CA GLU D 216 -4.20 21.15 -18.80
C GLU D 216 -4.49 22.36 -19.71
N LEU D 217 -4.18 22.21 -20.99
CA LEU D 217 -4.52 23.27 -21.94
C LEU D 217 -6.02 23.52 -21.90
N ALA D 218 -6.82 22.47 -21.72
CA ALA D 218 -8.27 22.63 -21.66
C ALA D 218 -8.65 23.50 -20.50
N LYS D 219 -8.02 23.28 -19.35
CA LYS D 219 -8.26 24.17 -18.22
C LYS D 219 -8.02 25.62 -18.60
N HIS D 220 -7.02 25.88 -19.45
CA HIS D 220 -6.82 27.30 -19.80
C HIS D 220 -7.68 27.80 -20.96
N PHE D 221 -8.18 26.91 -21.82
CA PHE D 221 -9.09 27.30 -22.90
C PHE D 221 -10.31 26.36 -22.81
N PRO D 222 -11.31 26.72 -21.97
CA PRO D 222 -12.31 25.74 -21.54
C PRO D 222 -13.42 25.42 -22.55
N SER D 223 -13.81 26.36 -23.39
CA SER D 223 -14.85 26.01 -24.36
C SER D 223 -14.31 25.20 -25.51
N LYS D 224 -13.03 25.24 -25.77
CA LYS D 224 -12.62 24.91 -27.12
C LYS D 224 -12.14 23.47 -27.22
N THR D 225 -12.11 22.95 -28.43
CA THR D 225 -11.48 21.66 -28.72
C THR D 225 -9.99 21.88 -28.90
N ILE D 226 -9.16 20.98 -28.36
CA ILE D 226 -7.71 21.15 -28.37
C ILE D 226 -7.12 20.27 -29.46
N LYS D 227 -6.53 20.89 -30.48
CA LYS D 227 -5.87 20.17 -31.56
C LYS D 227 -4.36 20.38 -31.55
N PHE D 228 -3.62 19.30 -31.80
CA PHE D 228 -2.18 19.36 -32.04
C PHE D 228 -1.92 19.12 -33.51
N GLU D 229 -1.02 19.90 -34.09
CA GLU D 229 -0.77 19.90 -35.53
C GLU D 229 0.67 20.30 -35.81
N PRO D 230 1.24 19.83 -36.91
CA PRO D 230 2.66 20.09 -37.19
C PRO D 230 2.91 21.57 -37.40
N SER D 231 4.19 21.92 -37.33
CA SER D 231 4.58 23.31 -37.47
C SER D 231 4.22 23.82 -38.85
N SER D 232 3.53 24.96 -38.89
CA SER D 232 3.14 25.60 -40.14
C SER D 232 4.34 25.83 -41.07
N GLY D 233 5.21 26.79 -40.75
CA GLY D 233 6.32 27.04 -41.65
C GLY D 233 7.49 27.69 -40.97
N GLY D 234 8.56 27.82 -41.73
CA GLY D 234 9.77 28.49 -41.26
C GLY D 234 10.98 27.74 -41.72
N ASP D 235 12.12 28.09 -41.14
CA ASP D 235 13.36 27.38 -41.37
C ASP D 235 13.23 25.93 -40.87
N LEU D 236 13.94 25.03 -41.53
CA LEU D 236 13.91 23.63 -41.12
C LEU D 236 14.21 23.46 -39.64
N GLU D 237 15.07 24.31 -39.08
CA GLU D 237 15.43 24.17 -37.67
C GLU D 237 14.21 24.17 -36.75
N ILE D 238 13.14 24.90 -37.10
CA ILE D 238 12.00 25.01 -36.22
C ILE D 238 10.77 24.28 -36.75
N THR D 239 10.72 23.93 -38.03
CA THR D 239 9.62 23.11 -38.52
C THR D 239 9.87 21.64 -38.32
N THR D 240 11.09 21.27 -37.95
CA THR D 240 11.38 19.92 -37.48
C THR D 240 11.87 20.00 -36.05
N HIS D 241 12.02 18.83 -35.43
CA HIS D 241 12.65 18.75 -34.12
C HIS D 241 14.13 18.63 -34.40
N SER D 242 14.86 19.74 -34.26
CA SER D 242 16.29 19.73 -34.53
C SER D 242 17.06 19.78 -33.21
N PHE D 243 18.22 19.12 -33.22
CA PHE D 243 19.05 19.00 -32.03
C PHE D 243 20.42 18.50 -32.48
N ASN D 244 21.38 18.54 -31.58
CA ASN D 244 22.72 18.05 -31.85
C ASN D 244 22.95 16.75 -31.12
N CYS D 245 23.34 15.71 -31.86
CA CYS D 245 23.60 14.39 -31.28
C CYS D 245 25.04 14.03 -31.60
N ARG D 246 25.88 13.97 -30.57
CA ARG D 246 27.31 13.69 -30.64
C ARG D 246 27.95 14.46 -31.79
N GLY D 247 27.68 15.76 -31.85
CA GLY D 247 28.32 16.63 -32.81
C GLY D 247 27.57 16.82 -34.10
N GLU D 248 26.67 15.90 -34.44
CA GLU D 248 25.94 15.94 -35.69
C GLU D 248 24.58 16.59 -35.48
N PHE D 249 24.14 17.36 -36.48
CA PHE D 249 22.88 18.11 -36.37
C PHE D 249 21.76 17.30 -36.99
N PHE D 250 20.84 16.80 -36.15
CA PHE D 250 19.68 16.05 -36.61
C PHE D 250 18.49 16.97 -36.84
N TYR D 251 17.72 16.67 -37.87
CA TYR D 251 16.47 17.37 -38.19
C TYR D 251 15.41 16.31 -38.36
N CYS D 252 14.47 16.22 -37.42
CA CYS D 252 13.54 15.08 -37.34
C CYS D 252 12.10 15.53 -37.55
N ASN D 253 11.46 14.97 -38.58
CA ASN D 253 10.10 15.34 -38.95
C ASN D 253 9.12 14.91 -37.86
N THR D 254 8.27 15.84 -37.40
CA THR D 254 7.37 15.55 -36.29
C THR D 254 5.89 15.58 -36.69
N SER D 255 5.59 15.53 -37.99
CA SER D 255 4.19 15.59 -38.39
C SER D 255 3.39 14.37 -37.95
N ASP D 256 4.03 13.23 -37.72
CA ASP D 256 3.32 12.13 -37.09
C ASP D 256 3.24 12.26 -35.58
N LEU D 257 3.88 13.27 -35.00
CA LEU D 257 3.94 13.43 -33.56
C LEU D 257 2.96 14.48 -33.05
N PHE D 258 2.96 15.66 -33.67
CA PHE D 258 2.05 16.74 -33.30
C PHE D 258 0.90 16.66 -34.28
N ASN D 259 -0.08 15.82 -33.95
CA ASN D 259 -1.07 15.34 -34.90
C ASN D 259 -2.12 14.54 -34.14
N GLY D 260 -3.10 15.23 -33.59
CA GLY D 260 -4.05 14.58 -32.71
C GLY D 260 -5.09 15.57 -32.23
N THR D 261 -6.20 15.03 -31.73
CA THR D 261 -7.32 15.83 -31.23
C THR D 261 -7.71 15.38 -29.83
N TYR D 262 -7.93 16.36 -28.96
CA TYR D 262 -8.46 16.16 -27.61
C TYR D 262 -9.83 16.83 -27.55
N ARG D 263 -10.89 16.03 -27.48
CA ARG D 263 -12.26 16.54 -27.60
C ARG D 263 -13.02 16.48 -26.29
N ASN D 264 -13.42 15.28 -25.91
CA ASN D 264 -14.48 15.15 -24.94
C ASN D 264 -13.86 14.64 -23.65
N GLY D 265 -12.82 15.32 -23.18
CA GLY D 265 -12.00 14.78 -22.12
C GLY D 265 -11.18 13.61 -22.60
N THR D 266 -11.16 13.36 -23.91
CA THR D 266 -10.41 12.25 -24.50
C THR D 266 -9.54 12.70 -25.67
N TYR D 267 -8.32 12.14 -25.71
CA TYR D 267 -7.34 12.42 -26.75
C TYR D 267 -7.37 11.31 -27.79
N ASN D 268 -7.34 11.70 -29.06
CA ASN D 268 -7.21 10.74 -30.15
C ASN D 268 -6.09 11.14 -31.10
N HIS D 269 -5.14 10.21 -31.29
CA HIS D 269 -3.94 10.48 -32.08
C HIS D 269 -4.20 10.25 -33.56
N THR D 270 -4.02 11.31 -34.34
CA THR D 270 -4.17 11.31 -35.79
C THR D 270 -2.89 10.93 -36.50
N GLY D 271 -1.77 10.98 -35.82
CA GLY D 271 -0.54 10.58 -36.42
C GLY D 271 -0.48 9.09 -36.64
N ARG D 272 0.43 8.75 -37.53
CA ARG D 272 0.54 7.42 -38.07
C ARG D 272 1.62 6.66 -37.31
N SER D 273 1.28 5.48 -36.82
CA SER D 273 2.27 4.64 -36.16
C SER D 273 2.28 3.25 -36.78
N SER D 274 3.16 2.42 -36.25
CA SER D 274 3.47 1.12 -36.83
C SER D 274 3.92 0.24 -35.71
N ASN D 275 3.04 -0.67 -35.33
CA ASN D 275 3.42 -1.71 -34.43
C ASN D 275 3.80 -1.10 -33.08
N GLY D 276 3.09 -0.03 -32.72
CA GLY D 276 3.17 0.58 -31.40
C GLY D 276 4.16 1.73 -31.25
N THR D 277 4.79 2.17 -32.33
CA THR D 277 5.82 3.20 -32.23
C THR D 277 5.60 4.23 -33.32
N ILE D 278 5.75 5.51 -32.97
CA ILE D 278 5.89 6.55 -33.97
C ILE D 278 7.35 6.62 -34.36
N THR D 279 7.63 6.67 -35.66
CA THR D 279 8.99 6.79 -36.16
C THR D 279 9.11 8.10 -36.92
N LEU D 280 10.02 8.96 -36.46
CA LEU D 280 10.30 10.22 -37.12
C LEU D 280 11.43 10.03 -38.10
N GLN D 281 11.27 10.62 -39.27
CA GLN D 281 12.28 10.54 -40.32
C GLN D 281 13.21 11.74 -40.17
N CYS D 282 14.51 11.48 -40.06
CA CYS D 282 15.50 12.51 -39.79
C CYS D 282 16.51 12.61 -40.91
N LYS D 283 17.10 13.79 -41.02
CA LYS D 283 18.26 14.05 -41.85
C LYS D 283 19.34 14.70 -41.01
N ILE D 284 20.60 14.32 -41.24
CA ILE D 284 21.74 15.00 -40.66
C ILE D 284 22.22 16.02 -41.67
N LYS D 285 22.27 17.29 -41.27
CA LYS D 285 22.55 18.37 -42.18
C LYS D 285 23.87 19.04 -41.83
N GLN D 286 24.40 19.77 -42.82
CA GLN D 286 25.72 20.39 -42.84
C GLN D 286 25.63 21.89 -42.81
N ILE D 287 24.59 22.44 -43.44
CA ILE D 287 24.31 23.87 -43.44
C ILE D 287 23.25 24.13 -42.39
N ILE D 288 23.57 24.97 -41.42
CA ILE D 288 22.80 25.15 -40.21
C ILE D 288 22.44 26.62 -40.11
N ASN D 289 21.15 26.90 -39.88
CA ASN D 289 20.74 28.23 -39.45
C ASN D 289 21.00 28.35 -37.96
N MET D 290 21.81 29.33 -37.58
CA MET D 290 22.38 29.34 -36.25
C MET D 290 21.35 29.82 -35.25
N TRP D 291 21.39 29.23 -34.05
CA TRP D 291 20.55 29.73 -32.98
C TRP D 291 21.19 30.90 -32.26
N GLN D 292 22.51 31.08 -32.37
CA GLN D 292 23.19 32.12 -31.61
C GLN D 292 22.91 33.51 -32.15
N GLU D 293 22.72 33.64 -33.46
CA GLU D 293 22.55 34.93 -34.14
C GLU D 293 22.04 34.61 -35.53
N VAL D 294 21.64 35.64 -36.25
CA VAL D 294 21.22 35.42 -37.64
C VAL D 294 22.46 35.10 -38.46
N GLY D 295 22.51 33.90 -39.01
CA GLY D 295 23.66 33.50 -39.80
C GLY D 295 23.56 32.04 -40.14
N ARG D 296 24.50 31.60 -40.97
CA ARG D 296 24.63 30.20 -41.33
C ARG D 296 25.98 29.63 -40.96
N ALA D 297 25.99 28.34 -40.61
CA ALA D 297 27.21 27.61 -40.28
C ALA D 297 27.23 26.33 -41.11
N ILE D 298 28.38 26.04 -41.73
CA ILE D 298 28.60 24.81 -42.47
C ILE D 298 29.60 23.94 -41.74
N TYR D 299 29.26 22.65 -41.58
CA TYR D 299 30.06 21.65 -40.91
C TYR D 299 30.42 20.54 -41.88
N ALA D 300 31.35 19.66 -41.47
CA ALA D 300 31.78 18.55 -42.29
C ALA D 300 30.76 17.41 -42.27
N PRO D 301 30.85 16.48 -43.22
CA PRO D 301 29.86 15.38 -43.27
C PRO D 301 29.95 14.50 -42.04
N PRO D 302 28.98 13.62 -41.83
CA PRO D 302 28.88 12.95 -40.53
C PRO D 302 30.05 12.02 -40.27
N ILE D 303 30.38 11.85 -38.99
CA ILE D 303 31.29 10.80 -38.60
C ILE D 303 30.73 9.47 -39.09
N GLU D 304 31.54 8.43 -38.99
CA GLU D 304 31.18 7.10 -39.46
C GLU D 304 30.65 6.22 -38.33
N GLY D 305 29.93 5.18 -38.72
CA GLY D 305 29.30 4.31 -37.76
C GLY D 305 27.93 4.79 -37.34
N GLU D 306 27.50 4.32 -36.18
CA GLU D 306 26.12 4.43 -35.75
C GLU D 306 26.06 5.63 -34.81
N ILE D 307 25.28 6.65 -35.16
CA ILE D 307 25.12 7.81 -34.30
C ILE D 307 23.77 7.71 -33.62
N THR D 308 23.79 7.55 -32.30
CA THR D 308 22.56 7.32 -31.53
C THR D 308 22.55 8.15 -30.25
N CYS D 309 21.45 8.86 -30.04
CA CYS D 309 21.18 9.53 -28.77
C CYS D 309 19.89 8.96 -28.22
N ASN D 310 19.90 8.61 -26.93
CA ASN D 310 18.74 8.11 -26.22
C ASN D 310 18.39 9.16 -25.18
N SER D 311 17.32 9.91 -25.42
CA SER D 311 17.03 11.10 -24.63
C SER D 311 15.66 10.99 -23.98
N ASN D 312 15.43 11.79 -22.96
CA ASN D 312 14.09 11.93 -22.40
C ASN D 312 13.47 13.23 -22.87
N ILE D 313 12.29 13.15 -23.47
CA ILE D 313 11.47 14.35 -23.65
C ILE D 313 10.93 14.75 -22.28
N THR D 314 11.28 15.94 -21.81
CA THR D 314 10.79 16.41 -20.53
C THR D 314 9.92 17.67 -20.65
N GLY D 315 9.72 18.19 -21.85
CA GLY D 315 8.88 19.36 -22.02
C GLY D 315 8.63 19.59 -23.49
N LEU D 316 7.65 20.47 -23.76
CA LEU D 316 7.32 20.87 -25.12
C LEU D 316 7.38 22.38 -25.25
N LEU D 317 7.67 22.84 -26.48
CA LEU D 317 7.57 24.24 -26.86
C LEU D 317 6.45 24.36 -27.88
N LEU D 318 5.39 25.09 -27.56
CA LEU D 318 4.21 25.14 -28.40
C LEU D 318 3.87 26.59 -28.74
N LEU D 319 3.16 26.74 -29.85
CA LEU D 319 2.64 28.02 -30.30
C LEU D 319 1.19 27.84 -30.69
N ARG D 320 0.31 28.69 -30.15
CA ARG D 320 -1.10 28.65 -30.44
C ARG D 320 -1.44 29.47 -31.68
N ASP D 321 -2.25 28.88 -32.55
CA ASP D 321 -2.86 29.58 -33.68
C ASP D 321 -3.79 30.71 -33.27
N ASP D 330 -15.14 27.12 -30.07
CA ASP D 330 -14.46 26.73 -31.30
C ASP D 330 -13.41 25.66 -30.99
N THR D 331 -12.32 25.85 -31.71
CA THR D 331 -11.09 25.08 -31.60
C THR D 331 -9.90 25.98 -31.30
N GLU D 332 -8.98 25.48 -30.46
CA GLU D 332 -7.64 26.00 -30.34
C GLU D 332 -6.65 24.98 -30.88
N THR D 333 -5.65 25.46 -31.61
CA THR D 333 -4.70 24.61 -32.32
C THR D 333 -3.29 24.95 -31.89
N PHE D 334 -2.52 23.93 -31.48
CA PHE D 334 -1.17 24.09 -30.99
C PHE D 334 -0.19 23.38 -31.90
N ARG D 335 0.89 24.09 -32.26
CA ARG D 335 1.95 23.54 -33.09
C ARG D 335 3.30 23.65 -32.36
N PRO D 336 4.23 22.76 -32.64
CA PRO D 336 5.54 22.85 -31.99
C PRO D 336 6.24 24.13 -32.40
N GLY D 337 7.01 24.70 -31.46
CA GLY D 337 7.75 25.92 -31.71
C GLY D 337 9.21 25.81 -31.33
N GLY D 338 9.83 26.93 -30.98
CA GLY D 338 11.24 26.96 -30.66
C GLY D 338 11.98 27.91 -31.57
N GLY D 339 13.30 27.95 -31.36
CA GLY D 339 14.19 28.79 -32.14
C GLY D 339 14.96 29.78 -31.30
N ASP D 340 14.40 30.15 -30.16
CA ASP D 340 15.04 31.06 -29.21
C ASP D 340 15.51 30.21 -28.04
N MET D 341 16.79 29.84 -28.03
CA MET D 341 17.29 28.91 -27.01
C MET D 341 17.13 29.46 -25.59
N ARG D 342 16.84 30.75 -25.47
CA ARG D 342 16.58 31.31 -24.15
C ARG D 342 15.35 30.68 -23.51
N ASP D 343 14.37 30.24 -24.31
CA ASP D 343 13.23 29.53 -23.72
C ASP D 343 13.67 28.19 -23.14
N ASN D 344 14.60 27.51 -23.81
CA ASN D 344 15.15 26.28 -23.23
C ASN D 344 15.78 26.57 -21.88
N TRP D 345 16.57 27.64 -21.77
CA TRP D 345 17.13 27.94 -20.46
C TRP D 345 16.04 28.32 -19.46
N ARG D 346 15.05 29.13 -19.87
CA ARG D 346 13.98 29.52 -18.94
C ARG D 346 13.28 28.30 -18.37
N SER D 347 13.16 27.24 -19.16
CA SER D 347 12.40 26.08 -18.72
C SER D 347 13.02 25.43 -17.51
N GLU D 348 14.31 25.66 -17.29
CA GLU D 348 15.04 25.17 -16.14
C GLU D 348 15.26 26.23 -15.08
N LEU D 349 15.41 27.49 -15.48
CA LEU D 349 15.72 28.57 -14.56
C LEU D 349 14.48 29.25 -13.99
N TYR D 350 13.28 28.77 -14.35
CA TYR D 350 12.06 29.52 -14.06
C TYR D 350 11.88 29.79 -12.57
N LYS D 351 12.40 28.91 -11.71
CA LYS D 351 12.13 29.02 -10.29
C LYS D 351 13.22 29.74 -9.52
N TYR D 352 14.15 30.40 -10.21
CA TYR D 352 15.26 31.07 -9.57
C TYR D 352 15.22 32.56 -9.85
N LYS D 353 15.76 33.32 -8.90
CA LYS D 353 15.87 34.77 -8.94
C LYS D 353 17.11 35.13 -8.12
N VAL D 354 17.88 36.12 -8.58
CA VAL D 354 19.10 36.53 -7.90
C VAL D 354 18.77 37.76 -7.06
N VAL D 355 19.27 37.85 -5.81
CA VAL D 355 18.84 39.00 -5.01
C VAL D 355 20.07 39.57 -4.31
N GLU D 356 20.00 40.87 -4.02
CA GLU D 356 20.67 41.54 -2.89
C GLU D 356 22.02 42.14 -3.24
#